data_4NIF
#
_entry.id   4NIF
#
_cell.length_a   93.490
_cell.length_b   87.850
_cell.length_c   116.540
_cell.angle_alpha   90.00
_cell.angle_beta   108.22
_cell.angle_gamma   90.00
#
_symmetry.space_group_name_H-M   'P 1 21 1'
#
loop_
_entity.id
_entity.type
_entity.pdbx_description
1 polymer 'Ribosomal protein S6 kinase alpha-1'
2 polymer 'Mitogen-activated protein kinase 1'
3 non-polymer 'PHOSPHOAMINOPHOSPHONIC ACID-ADENYLATE ESTER'
4 non-polymer 'SULFATE ION'
5 non-polymer 'SODIUM ION'
6 water water
#
loop_
_entity_poly.entity_id
_entity_poly.type
_entity_poly.pdbx_seq_one_letter_code
_entity_poly.pdbx_strand_id
1 'polypeptide(L)'
;GSNLVFSDGYVVKETIGVGSYSECKRCVHKATNMEYAVKVIDKSKRDPSEEIEILLRYGQHPNIITLKDVYDDGKHVYLV
TELMRGGELLDKILRQKFFSEREASFVLHTIGKTVEYLHSQGVVHRDLKPSNILYVDESGNPECLRICDFGFAKQLRAEN
GLLMTPCYTANFVAPEVLKRQGYDEGCDIWSLGILLYTMLAGYTPFANGPSDTPEEILTRIGSGKFTLSGGNWNTVSETA
KDLVSKMLHVDPHQRLTAKQVLQHPWVTQKDKLPQSQLSHQDLQLVKGAMAATYSALNSSKPTPQLKPIESSILAQRRVR
KLPSTTLHHHHHH
;
A,D
2 'polypeptide(L)'
;GSMAAAAAAGAGPEMVRGQVFDVGPRYTNLSYIGEGAYGMVCSAYDNVNKVRVAIKKISPFEHQTYCQRTLREIKILLRF
RHENIIGINDIIRAPTIEQMKDVYIVQDLMETDLYKLLKTQHLSNDHICYFLYQILRGLKYIHSANVLHRDLKPSNLLLN
TTCDLKICDFGLARVADPDHDHTGFLTEYVATRWYRAPEIMLNSKGYTKSIDIWSVGCILAEMLSNRPIFPGKHYLDQLN
HILGILGSPSQEDLNCIINLKARNYLLSLPHKNKVPWNRLFPNADSKALDLLDKMLTFNPHKRIEVEQALAHPYLEQYYD
PSDEPIAEAPFKFDMELDDLPKEKLKELIFEETARFQPGYRS
;
B,E
#
loop_
_chem_comp.id
_chem_comp.type
_chem_comp.name
_chem_comp.formula
ANP non-polymer 'PHOSPHOAMINOPHOSPHONIC ACID-ADENYLATE ESTER' 'C10 H17 N6 O12 P3'
NA non-polymer 'SODIUM ION' 'Na 1'
SO4 non-polymer 'SULFATE ION' 'O4 S -2'
#
# COMPACT_ATOMS: atom_id res chain seq x y z
N VAL A 5 -18.75 5.16 12.92
CA VAL A 5 -17.71 4.40 13.60
C VAL A 5 -16.36 4.52 12.84
N PHE A 6 -16.41 4.88 11.56
CA PHE A 6 -15.17 5.11 10.81
C PHE A 6 -15.20 6.38 9.94
N SER A 7 -16.39 6.82 9.53
CA SER A 7 -16.51 8.03 8.69
C SER A 7 -17.94 8.57 8.67
N ASP A 8 -18.08 9.87 8.89
CA ASP A 8 -19.40 10.51 8.80
C ASP A 8 -19.79 10.79 7.34
N GLY A 9 -18.95 10.36 6.40
CA GLY A 9 -19.27 10.47 4.99
C GLY A 9 -20.03 9.29 4.42
N TYR A 10 -20.25 8.27 5.26
CA TYR A 10 -21.04 7.12 4.83
C TYR A 10 -22.23 6.88 5.76
N VAL A 11 -23.31 6.35 5.20
CA VAL A 11 -24.39 5.80 6.02
C VAL A 11 -24.21 4.30 6.09
N VAL A 12 -24.01 3.77 7.30
CA VAL A 12 -23.82 2.35 7.46
C VAL A 12 -25.18 1.65 7.55
N LYS A 13 -25.34 0.55 6.82
CA LYS A 13 -26.63 -0.13 6.78
C LYS A 13 -26.54 -1.54 7.37
N GLU A 14 -27.18 -2.51 6.72
CA GLU A 14 -27.31 -3.83 7.30
C GLU A 14 -26.06 -4.68 7.09
N THR A 15 -25.83 -5.60 8.02
CA THR A 15 -24.77 -6.58 7.88
C THR A 15 -25.09 -7.50 6.70
N ILE A 16 -24.11 -7.73 5.85
CA ILE A 16 -24.29 -8.52 4.64
C ILE A 16 -23.33 -9.70 4.63
N GLY A 17 -22.55 -9.82 5.70
CA GLY A 17 -21.59 -10.91 5.81
C GLY A 17 -20.81 -10.86 7.11
N VAL A 18 -20.40 -12.03 7.56
CA VAL A 18 -19.59 -12.18 8.77
C VAL A 18 -18.44 -13.14 8.50
N GLY A 19 -17.23 -12.77 8.92
CA GLY A 19 -16.09 -13.64 8.77
C GLY A 19 -15.26 -13.80 10.04
N SER A 20 -14.03 -14.29 9.88
CA SER A 20 -13.16 -14.52 11.02
C SER A 20 -12.58 -13.20 11.52
N TYR A 21 -13.04 -12.79 12.70
CA TYR A 21 -12.73 -11.48 13.27
C TYR A 21 -13.09 -10.35 12.30
N SER A 22 -14.17 -10.53 11.55
CA SER A 22 -14.59 -9.51 10.59
C SER A 22 -16.09 -9.48 10.41
N GLU A 23 -16.60 -8.38 9.89
CA GLU A 23 -17.98 -8.34 9.44
C GLU A 23 -18.11 -7.30 8.35
N CYS A 24 -19.03 -7.56 7.41
N CYS A 24 -18.99 -7.58 7.39
CA CYS A 24 -19.22 -6.68 6.27
CA CYS A 24 -19.22 -6.68 6.26
C CYS A 24 -20.60 -6.04 6.32
C CYS A 24 -20.58 -6.03 6.38
N LYS A 25 -20.64 -4.73 6.09
CA LYS A 25 -21.90 -4.00 6.08
C LYS A 25 -22.03 -3.25 4.77
N ARG A 26 -23.26 -3.19 4.25
CA ARG A 26 -23.52 -2.32 3.12
C ARG A 26 -23.52 -0.88 3.62
N CYS A 27 -22.95 0.03 2.83
N CYS A 27 -22.98 0.02 2.83
CA CYS A 27 -22.83 1.43 3.21
CA CYS A 27 -22.90 1.42 3.19
C CYS A 27 -23.04 2.33 2.00
C CYS A 27 -23.14 2.30 1.98
N VAL A 28 -23.59 3.52 2.22
CA VAL A 28 -23.81 4.48 1.16
C VAL A 28 -22.88 5.69 1.31
N HIS A 29 -22.11 5.95 0.27
CA HIS A 29 -21.22 7.12 0.24
C HIS A 29 -22.07 8.34 -0.02
N LYS A 30 -22.23 9.18 1.01
CA LYS A 30 -23.17 10.29 0.98
C LYS A 30 -23.01 11.23 -0.21
N ALA A 31 -21.78 11.70 -0.43
CA ALA A 31 -21.50 12.71 -1.45
C ALA A 31 -21.92 12.27 -2.86
N THR A 32 -21.79 10.98 -3.15
CA THR A 32 -22.09 10.46 -4.48
C THR A 32 -23.36 9.61 -4.50
N ASN A 33 -23.87 9.31 -3.30
CA ASN A 33 -24.98 8.37 -3.11
C ASN A 33 -24.71 6.97 -3.70
N MET A 34 -23.43 6.64 -3.90
CA MET A 34 -23.03 5.32 -4.38
C MET A 34 -22.93 4.32 -3.23
N GLU A 35 -23.33 3.08 -3.50
CA GLU A 35 -23.29 2.01 -2.50
C GLU A 35 -21.98 1.23 -2.53
N TYR A 36 -21.52 0.82 -1.35
CA TYR A 36 -20.27 0.10 -1.21
C TYR A 36 -20.41 -0.95 -0.12
N ALA A 37 -19.46 -1.88 -0.07
CA ALA A 37 -19.35 -2.79 1.07
C ALA A 37 -18.19 -2.33 1.92
N VAL A 38 -18.36 -2.36 3.23
CA VAL A 38 -17.24 -2.06 4.12
C VAL A 38 -16.99 -3.25 5.02
N LYS A 39 -15.78 -3.78 4.94
CA LYS A 39 -15.39 -4.93 5.73
C LYS A 39 -14.56 -4.42 6.91
N VAL A 40 -15.09 -4.62 8.10
CA VAL A 40 -14.42 -4.25 9.35
C VAL A 40 -13.62 -5.44 9.85
N ILE A 41 -12.33 -5.24 10.09
CA ILE A 41 -11.47 -6.31 10.57
C ILE A 41 -10.82 -5.92 11.90
N ASP A 42 -10.92 -6.79 12.90
CA ASP A 42 -10.24 -6.54 14.18
C ASP A 42 -8.76 -6.87 14.06
N LYS A 43 -7.96 -5.80 14.01
CA LYS A 43 -6.52 -5.86 13.77
C LYS A 43 -5.76 -6.46 14.97
N SER A 44 -6.42 -6.49 16.12
CA SER A 44 -5.82 -7.04 17.33
C SER A 44 -5.91 -8.57 17.33
N LYS A 45 -6.69 -9.11 16.40
CA LYS A 45 -6.88 -10.55 16.35
C LYS A 45 -6.49 -11.12 14.98
N ARG A 46 -6.41 -10.25 13.98
CA ARG A 46 -6.21 -10.65 12.59
C ARG A 46 -5.51 -9.54 11.81
N ASP A 47 -4.25 -9.76 11.48
CA ASP A 47 -3.46 -8.82 10.68
C ASP A 47 -3.94 -8.84 9.21
N PRO A 48 -4.52 -7.72 8.76
CA PRO A 48 -5.09 -7.64 7.41
C PRO A 48 -4.09 -7.17 6.34
N SER A 49 -2.82 -7.02 6.71
CA SER A 49 -1.80 -6.46 5.80
C SER A 49 -1.70 -7.17 4.46
N GLU A 50 -1.64 -8.49 4.52
CA GLU A 50 -1.50 -9.30 3.31
C GLU A 50 -2.72 -9.17 2.43
N GLU A 51 -3.90 -9.21 3.04
CA GLU A 51 -5.12 -9.11 2.25
C GLU A 51 -5.20 -7.74 1.59
N ILE A 52 -4.84 -6.70 2.34
CA ILE A 52 -4.87 -5.34 1.81
C ILE A 52 -3.92 -5.20 0.63
N GLU A 53 -2.68 -5.66 0.77
CA GLU A 53 -1.73 -5.51 -0.31
C GLU A 53 -2.19 -6.28 -1.56
N ILE A 54 -2.73 -7.48 -1.36
CA ILE A 54 -3.19 -8.27 -2.49
C ILE A 54 -4.35 -7.58 -3.22
N LEU A 55 -5.30 -7.05 -2.47
CA LEU A 55 -6.38 -6.28 -3.08
C LEU A 55 -5.87 -5.00 -3.74
N LEU A 56 -4.94 -4.30 -3.09
CA LEU A 56 -4.35 -3.11 -3.70
C LEU A 56 -3.74 -3.41 -5.05
N ARG A 57 -2.91 -4.45 -5.11
CA ARG A 57 -2.15 -4.72 -6.33
C ARG A 57 -3.00 -5.36 -7.43
N TYR A 58 -3.95 -6.21 -7.04
CA TYR A 58 -4.60 -7.10 -8.02
C TYR A 58 -6.09 -6.83 -8.16
N GLY A 59 -6.65 -6.07 -7.22
CA GLY A 59 -8.07 -5.73 -7.27
C GLY A 59 -8.49 -4.94 -8.49
N GLN A 60 -7.54 -4.41 -9.27
CA GLN A 60 -7.91 -3.66 -10.47
C GLN A 60 -8.39 -4.60 -11.56
N HIS A 61 -8.11 -5.89 -11.41
CA HIS A 61 -8.62 -6.91 -12.31
C HIS A 61 -10.15 -6.86 -12.28
N PRO A 62 -10.81 -6.96 -13.45
CA PRO A 62 -12.28 -6.83 -13.48
C PRO A 62 -12.99 -7.87 -12.66
N ASN A 63 -12.45 -9.08 -12.57
CA ASN A 63 -13.13 -10.16 -11.84
C ASN A 63 -12.54 -10.43 -10.46
N ILE A 64 -11.87 -9.42 -9.92
CA ILE A 64 -11.48 -9.43 -8.51
C ILE A 64 -12.08 -8.20 -7.83
N ILE A 65 -12.56 -8.39 -6.60
CA ILE A 65 -13.24 -7.33 -5.87
C ILE A 65 -12.26 -6.16 -5.71
N THR A 66 -12.75 -4.97 -6.00
CA THR A 66 -11.89 -3.80 -6.10
C THR A 66 -11.82 -3.10 -4.73
N LEU A 67 -10.63 -2.67 -4.34
CA LEU A 67 -10.45 -2.01 -3.06
C LEU A 67 -10.44 -0.50 -3.30
N LYS A 68 -11.44 0.21 -2.78
CA LYS A 68 -11.58 1.62 -3.09
C LYS A 68 -11.03 2.54 -2.00
N ASP A 69 -10.96 2.08 -0.77
CA ASP A 69 -10.41 2.91 0.32
C ASP A 69 -10.12 2.05 1.52
N VAL A 70 -9.27 2.56 2.40
CA VAL A 70 -8.96 1.86 3.65
C VAL A 70 -8.98 2.85 4.82
N TYR A 71 -9.70 2.52 5.88
CA TYR A 71 -9.69 3.31 7.11
C TYR A 71 -9.05 2.47 8.21
N ASP A 72 -8.37 3.11 9.15
CA ASP A 72 -7.79 2.40 10.29
C ASP A 72 -7.94 3.26 11.56
N ASP A 73 -8.74 2.81 12.53
CA ASP A 73 -8.92 3.63 13.73
C ASP A 73 -7.96 3.21 14.85
N GLY A 74 -7.02 2.34 14.52
CA GLY A 74 -6.08 1.83 15.52
C GLY A 74 -6.39 0.38 15.84
N LYS A 75 -7.61 0.12 16.29
CA LYS A 75 -8.04 -1.23 16.61
C LYS A 75 -8.63 -1.93 15.38
N HIS A 76 -9.51 -1.25 14.66
CA HIS A 76 -10.15 -1.84 13.50
C HIS A 76 -9.63 -1.24 12.20
N VAL A 77 -9.57 -2.07 11.17
CA VAL A 77 -9.33 -1.61 9.82
C VAL A 77 -10.65 -1.77 9.07
N TYR A 78 -10.93 -0.85 8.15
CA TYR A 78 -12.18 -0.86 7.40
C TYR A 78 -11.89 -0.83 5.90
N LEU A 79 -12.24 -1.88 5.18
CA LEU A 79 -11.98 -1.94 3.74
C LEU A 79 -13.23 -1.53 2.96
N VAL A 80 -13.15 -0.44 2.22
CA VAL A 80 -14.28 -0.01 1.40
C VAL A 80 -14.11 -0.67 0.02
N THR A 81 -15.04 -1.55 -0.35
CA THR A 81 -14.93 -2.31 -1.59
C THR A 81 -16.17 -2.17 -2.43
N GLU A 82 -16.13 -2.68 -3.66
CA GLU A 82 -17.34 -2.64 -4.49
C GLU A 82 -18.36 -3.61 -3.88
N LEU A 83 -19.62 -3.23 -3.99
CA LEU A 83 -20.72 -4.02 -3.44
C LEU A 83 -21.19 -5.09 -4.42
N MET A 84 -21.19 -6.34 -3.98
CA MET A 84 -21.74 -7.42 -4.80
C MET A 84 -23.25 -7.49 -4.66
N ARG A 85 -23.96 -6.84 -5.60
CA ARG A 85 -25.43 -6.78 -5.58
C ARG A 85 -26.08 -8.05 -6.11
N GLY A 86 -25.33 -8.85 -6.85
CA GLY A 86 -25.90 -10.00 -7.53
C GLY A 86 -25.92 -11.31 -6.78
N GLY A 87 -25.44 -11.31 -5.54
CA GLY A 87 -25.44 -12.52 -4.74
C GLY A 87 -24.36 -13.52 -5.15
N GLU A 88 -24.34 -14.66 -4.47
CA GLU A 88 -23.39 -15.72 -4.76
C GLU A 88 -23.70 -16.43 -6.08
N LEU A 89 -22.64 -16.95 -6.70
CA LEU A 89 -22.73 -17.59 -8.01
C LEU A 89 -23.78 -18.67 -8.08
N LEU A 90 -23.71 -19.65 -7.18
CA LEU A 90 -24.63 -20.78 -7.23
C LEU A 90 -26.06 -20.35 -6.94
N ASP A 91 -26.24 -19.31 -6.12
CA ASP A 91 -27.58 -18.85 -5.79
C ASP A 91 -28.24 -18.31 -7.06
N LYS A 92 -27.41 -17.81 -7.98
CA LYS A 92 -27.93 -17.31 -9.25
C LYS A 92 -28.23 -18.44 -10.22
N ILE A 93 -27.21 -19.21 -10.58
CA ILE A 93 -27.32 -20.15 -11.70
C ILE A 93 -28.19 -21.38 -11.40
N LEU A 94 -28.27 -21.78 -10.14
CA LEU A 94 -29.15 -22.88 -9.78
C LEU A 94 -30.61 -22.46 -9.64
N ARG A 95 -30.87 -21.15 -9.65
CA ARG A 95 -32.23 -20.63 -9.57
C ARG A 95 -32.74 -20.12 -10.91
N GLN A 96 -31.82 -19.67 -11.77
CA GLN A 96 -32.20 -19.00 -13.00
C GLN A 96 -32.90 -19.97 -13.96
N LYS A 97 -33.60 -19.40 -14.94
CA LYS A 97 -34.52 -20.15 -15.78
C LYS A 97 -33.82 -21.06 -16.79
N PHE A 98 -32.74 -20.57 -17.38
CA PHE A 98 -31.98 -21.36 -18.35
C PHE A 98 -30.54 -21.52 -17.89
N PHE A 99 -30.06 -22.75 -17.85
CA PHE A 99 -28.66 -23.04 -17.52
C PHE A 99 -28.23 -24.34 -18.17
N SER A 100 -27.11 -24.29 -18.88
CA SER A 100 -26.59 -25.46 -19.58
C SER A 100 -25.07 -25.49 -19.48
N GLU A 101 -24.46 -26.46 -20.15
CA GLU A 101 -23.00 -26.57 -20.18
C GLU A 101 -22.37 -25.30 -20.77
N ARG A 102 -23.05 -24.67 -21.72
CA ARG A 102 -22.53 -23.46 -22.34
C ARG A 102 -22.31 -22.35 -21.32
N GLU A 103 -23.34 -22.04 -20.52
CA GLU A 103 -23.19 -21.03 -19.49
C GLU A 103 -22.18 -21.43 -18.42
N ALA A 104 -22.16 -22.72 -18.09
CA ALA A 104 -21.24 -23.21 -17.06
C ALA A 104 -19.81 -23.04 -17.54
N SER A 105 -19.60 -23.25 -18.84
CA SER A 105 -18.28 -23.08 -19.43
C SER A 105 -17.85 -21.62 -19.38
N PHE A 106 -18.76 -20.72 -19.73
CA PHE A 106 -18.46 -19.29 -19.65
C PHE A 106 -18.10 -18.92 -18.24
N VAL A 107 -18.82 -19.47 -17.27
CA VAL A 107 -18.49 -19.23 -15.88
C VAL A 107 -17.10 -19.74 -15.52
N LEU A 108 -16.77 -20.98 -15.87
CA LEU A 108 -15.47 -21.52 -15.49
C LEU A 108 -14.36 -20.76 -16.21
N HIS A 109 -14.65 -20.35 -17.44
CA HIS A 109 -13.69 -19.56 -18.21
C HIS A 109 -13.34 -18.22 -17.55
N THR A 110 -14.34 -17.48 -17.08
CA THR A 110 -14.06 -16.19 -16.45
C THR A 110 -13.30 -16.35 -15.13
N ILE A 111 -13.72 -17.31 -14.32
CA ILE A 111 -13.11 -17.52 -13.02
C ILE A 111 -11.74 -18.13 -13.20
N GLY A 112 -11.65 -19.07 -14.15
CA GLY A 112 -10.40 -19.70 -14.49
C GLY A 112 -9.33 -18.71 -14.89
N LYS A 113 -9.65 -17.80 -15.82
CA LYS A 113 -8.69 -16.79 -16.27
C LYS A 113 -8.20 -15.95 -15.11
N THR A 114 -9.10 -15.66 -14.18
CA THR A 114 -8.76 -14.84 -13.02
C THR A 114 -7.83 -15.59 -12.07
N VAL A 115 -8.09 -16.87 -11.86
CA VAL A 115 -7.23 -17.68 -11.00
C VAL A 115 -5.85 -17.84 -11.66
N GLU A 116 -5.83 -18.05 -12.97
CA GLU A 116 -4.56 -18.14 -13.69
C GLU A 116 -3.80 -16.84 -13.53
N TYR A 117 -4.51 -15.73 -13.61
CA TYR A 117 -3.88 -14.44 -13.40
C TYR A 117 -3.24 -14.36 -12.01
N LEU A 118 -3.99 -14.69 -10.96
CA LEU A 118 -3.43 -14.66 -9.61
C LEU A 118 -2.21 -15.56 -9.46
N HIS A 119 -2.33 -16.83 -9.85
CA HIS A 119 -1.22 -17.78 -9.72
C HIS A 119 0.02 -17.29 -10.46
N SER A 120 -0.17 -16.70 -11.63
CA SER A 120 0.95 -16.20 -12.42
C SER A 120 1.62 -15.03 -11.71
N GLN A 121 0.90 -14.43 -10.76
CA GLN A 121 1.45 -13.29 -10.02
C GLN A 121 2.01 -13.73 -8.67
N GLY A 122 2.04 -15.04 -8.44
CA GLY A 122 2.50 -15.58 -7.18
C GLY A 122 1.46 -15.51 -6.07
N VAL A 123 0.20 -15.34 -6.43
CA VAL A 123 -0.87 -15.31 -5.43
C VAL A 123 -1.70 -16.59 -5.48
N VAL A 124 -1.84 -17.25 -4.32
CA VAL A 124 -2.83 -18.31 -4.17
C VAL A 124 -3.95 -17.81 -3.26
N HIS A 125 -5.18 -18.21 -3.58
CA HIS A 125 -6.36 -17.68 -2.89
C HIS A 125 -6.59 -18.41 -1.58
N ARG A 126 -6.58 -19.74 -1.66
CA ARG A 126 -6.67 -20.69 -0.55
C ARG A 126 -8.05 -20.82 0.14
N ASP A 127 -9.03 -20.03 -0.28
CA ASP A 127 -10.37 -20.16 0.29
C ASP A 127 -11.39 -19.94 -0.81
N LEU A 128 -11.15 -20.61 -1.93
CA LEU A 128 -11.91 -20.36 -3.14
C LEU A 128 -13.24 -21.13 -3.17
N LYS A 129 -13.98 -21.08 -2.07
CA LYS A 129 -15.34 -21.66 -2.03
C LYS A 129 -16.24 -20.96 -3.04
N PRO A 130 -17.21 -21.69 -3.59
CA PRO A 130 -18.18 -21.05 -4.49
C PRO A 130 -18.85 -19.84 -3.83
N SER A 131 -19.06 -19.88 -2.52
CA SER A 131 -19.73 -18.78 -1.84
C SER A 131 -18.88 -17.51 -1.79
N ASN A 132 -17.60 -17.61 -2.18
CA ASN A 132 -16.75 -16.43 -2.29
C ASN A 132 -16.61 -15.93 -3.71
N ILE A 133 -17.49 -16.41 -4.58
CA ILE A 133 -17.58 -15.90 -5.95
C ILE A 133 -18.98 -15.31 -6.15
N LEU A 134 -19.01 -14.01 -6.43
CA LEU A 134 -20.26 -13.26 -6.42
C LEU A 134 -20.50 -12.58 -7.77
N TYR A 135 -21.74 -12.18 -8.03
CA TYR A 135 -22.04 -11.31 -9.16
C TYR A 135 -22.13 -9.85 -8.68
N VAL A 136 -21.59 -8.92 -9.46
CA VAL A 136 -21.63 -7.52 -9.08
C VAL A 136 -23.04 -6.93 -9.30
N ASP A 137 -23.80 -7.51 -10.22
CA ASP A 137 -25.19 -7.10 -10.48
C ASP A 137 -26.08 -8.31 -10.82
N GLU A 138 -27.26 -8.06 -11.37
CA GLU A 138 -28.20 -9.16 -11.63
C GLU A 138 -28.24 -9.61 -13.08
N SER A 139 -27.31 -9.12 -13.89
CA SER A 139 -27.35 -9.40 -15.33
C SER A 139 -27.10 -10.88 -15.66
N GLY A 140 -26.35 -11.57 -14.82
CA GLY A 140 -25.98 -12.94 -15.11
C GLY A 140 -24.82 -13.04 -16.08
N ASN A 141 -24.29 -11.90 -16.50
CA ASN A 141 -23.10 -11.86 -17.35
C ASN A 141 -21.89 -12.43 -16.60
N PRO A 142 -21.24 -13.44 -17.20
CA PRO A 142 -20.03 -14.01 -16.57
C PRO A 142 -18.98 -12.93 -16.28
N GLU A 143 -18.94 -11.90 -17.11
CA GLU A 143 -18.03 -10.79 -16.90
C GLU A 143 -18.32 -10.02 -15.60
N CYS A 144 -19.52 -10.19 -15.05
CA CYS A 144 -19.87 -9.47 -13.82
C CYS A 144 -19.47 -10.23 -12.56
N LEU A 145 -18.80 -11.36 -12.76
CA LEU A 145 -18.35 -12.17 -11.64
C LEU A 145 -17.13 -11.54 -10.99
N ARG A 146 -17.05 -11.68 -9.67
CA ARG A 146 -15.89 -11.23 -8.89
C ARG A 146 -15.49 -12.30 -7.87
N ILE A 147 -14.20 -12.63 -7.86
CA ILE A 147 -13.66 -13.41 -6.75
C ILE A 147 -13.49 -12.50 -5.53
N CYS A 148 -14.00 -12.93 -4.39
CA CYS A 148 -13.94 -12.11 -3.17
C CYS A 148 -13.24 -12.86 -2.03
N ASP A 149 -13.21 -12.21 -0.87
CA ASP A 149 -12.64 -12.74 0.38
C ASP A 149 -11.22 -13.33 0.25
N PHE A 150 -10.25 -12.43 0.14
CA PHE A 150 -8.84 -12.78 0.07
C PHE A 150 -8.22 -12.82 1.48
N GLY A 151 -9.05 -13.07 2.49
CA GLY A 151 -8.61 -13.18 3.88
C GLY A 151 -7.55 -14.25 4.12
N PHE A 152 -7.46 -15.24 3.24
CA PHE A 152 -6.50 -16.31 3.43
C PHE A 152 -5.45 -16.32 2.33
N ALA A 153 -5.58 -15.43 1.36
CA ALA A 153 -4.70 -15.47 0.19
C ALA A 153 -3.27 -15.14 0.59
N LYS A 154 -2.32 -15.66 -0.19
CA LYS A 154 -0.90 -15.47 0.13
C LYS A 154 -0.08 -15.09 -1.10
N GLN A 155 0.79 -14.10 -0.92
CA GLN A 155 1.71 -13.67 -1.96
C GLN A 155 3.08 -14.30 -1.76
N LEU A 156 3.60 -14.96 -2.78
CA LEU A 156 4.96 -15.48 -2.74
C LEU A 156 5.99 -14.35 -2.71
N ARG A 157 6.96 -14.46 -1.80
CA ARG A 157 8.02 -13.47 -1.72
C ARG A 157 9.40 -14.11 -1.53
N ALA A 158 10.44 -13.33 -1.83
CA ALA A 158 11.81 -13.77 -1.60
C ALA A 158 12.20 -13.63 -0.13
N GLU A 159 13.43 -14.01 0.17
CA GLU A 159 13.92 -14.06 1.54
C GLU A 159 13.87 -12.69 2.23
N ASN A 160 13.96 -11.62 1.44
CA ASN A 160 13.95 -10.29 2.03
C ASN A 160 12.71 -9.47 1.66
N GLY A 161 11.64 -10.17 1.25
CA GLY A 161 10.36 -9.53 1.00
C GLY A 161 10.05 -9.22 -0.46
N LEU A 162 11.07 -9.28 -1.31
CA LEU A 162 10.91 -8.99 -2.74
C LEU A 162 9.76 -9.77 -3.34
N LEU A 163 8.86 -9.06 -4.02
CA LEU A 163 7.73 -9.68 -4.69
C LEU A 163 8.23 -10.72 -5.70
N MET A 164 7.65 -11.91 -5.63
CA MET A 164 8.11 -13.04 -6.44
C MET A 164 6.96 -13.72 -7.18
N THR A 165 7.21 -14.13 -8.41
CA THR A 165 6.29 -14.97 -9.16
C THR A 165 6.94 -16.32 -9.40
N PRO A 166 6.14 -17.40 -9.53
CA PRO A 166 6.71 -18.73 -9.72
C PRO A 166 7.44 -18.90 -11.06
N CYS A 167 7.31 -17.93 -11.96
CA CYS A 167 7.95 -17.98 -13.27
C CYS A 167 9.44 -17.67 -13.21
N TYR A 168 9.76 -16.39 -13.19
CA TYR A 168 11.16 -15.95 -13.12
C TYR A 168 11.48 -15.37 -11.74
N PHE A 172 14.68 -17.11 -6.46
CA PHE A 172 14.52 -18.41 -5.82
C PHE A 172 13.97 -18.28 -4.40
N VAL A 173 13.32 -19.34 -3.96
CA VAL A 173 12.69 -19.42 -2.65
C VAL A 173 13.02 -20.80 -2.09
N ALA A 174 12.91 -21.00 -0.78
CA ALA A 174 13.22 -22.29 -0.18
C ALA A 174 12.32 -23.40 -0.73
N PRO A 175 12.78 -24.65 -0.69
CA PRO A 175 12.11 -25.71 -1.46
C PRO A 175 10.75 -26.11 -0.93
N GLU A 176 10.56 -26.15 0.39
CA GLU A 176 9.24 -26.50 0.89
C GLU A 176 8.27 -25.35 0.62
N VAL A 177 8.76 -24.12 0.66
CA VAL A 177 7.94 -22.96 0.34
C VAL A 177 7.36 -23.09 -1.08
N LEU A 178 8.21 -23.55 -2.01
CA LEU A 178 7.76 -23.77 -3.38
C LEU A 178 6.77 -24.92 -3.50
N LYS A 179 7.02 -26.02 -2.80
CA LYS A 179 6.07 -27.12 -2.84
C LYS A 179 4.72 -26.67 -2.28
N ARG A 180 4.76 -25.85 -1.23
CA ARG A 180 3.54 -25.35 -0.62
C ARG A 180 2.74 -24.47 -1.57
N GLN A 181 3.44 -23.61 -2.32
CA GLN A 181 2.79 -22.79 -3.33
C GLN A 181 2.09 -23.67 -4.37
N GLY A 182 2.78 -24.72 -4.82
CA GLY A 182 2.20 -25.68 -5.74
C GLY A 182 0.98 -26.39 -5.15
N TYR A 183 1.08 -26.79 -3.89
CA TYR A 183 -0.04 -27.44 -3.23
C TYR A 183 -1.22 -26.48 -3.14
N ASP A 184 -0.97 -25.27 -2.66
CA ASP A 184 -2.00 -24.25 -2.60
C ASP A 184 -2.63 -23.97 -3.99
N GLU A 185 -1.83 -23.93 -5.05
CA GLU A 185 -2.40 -23.72 -6.39
C GLU A 185 -3.33 -24.86 -6.73
N GLY A 186 -2.92 -26.08 -6.38
CA GLY A 186 -3.74 -27.25 -6.59
C GLY A 186 -5.05 -27.19 -5.82
N CYS A 187 -5.03 -26.64 -4.60
CA CYS A 187 -6.25 -26.54 -3.82
C CYS A 187 -7.20 -25.54 -4.49
N ASP A 188 -6.67 -24.42 -4.99
CA ASP A 188 -7.50 -23.48 -5.74
C ASP A 188 -8.21 -24.18 -6.90
N ILE A 189 -7.45 -24.95 -7.67
CA ILE A 189 -7.99 -25.65 -8.83
C ILE A 189 -9.03 -26.68 -8.42
N TRP A 190 -8.72 -27.42 -7.36
CA TRP A 190 -9.66 -28.39 -6.80
C TRP A 190 -10.97 -27.71 -6.40
N SER A 191 -10.91 -26.50 -5.85
CA SER A 191 -12.15 -25.75 -5.55
C SER A 191 -12.90 -25.34 -6.81
N LEU A 192 -12.18 -24.98 -7.87
CA LEU A 192 -12.85 -24.75 -9.16
C LEU A 192 -13.48 -26.05 -9.70
N GLY A 193 -12.84 -27.19 -9.43
CA GLY A 193 -13.41 -28.49 -9.77
C GLY A 193 -14.72 -28.81 -9.04
N ILE A 194 -14.78 -28.54 -7.74
CA ILE A 194 -16.00 -28.65 -6.96
C ILE A 194 -17.12 -27.80 -7.55
N LEU A 195 -16.77 -26.58 -7.94
CA LEU A 195 -17.72 -25.65 -8.54
C LEU A 195 -18.22 -26.21 -9.88
N LEU A 196 -17.29 -26.73 -10.68
CA LEU A 196 -17.63 -27.30 -11.97
C LEU A 196 -18.55 -28.51 -11.80
N TYR A 197 -18.18 -29.42 -10.90
CA TYR A 197 -18.98 -30.60 -10.65
C TYR A 197 -20.40 -30.18 -10.28
N THR A 198 -20.49 -29.19 -9.41
CA THR A 198 -21.79 -28.80 -8.90
C THR A 198 -22.63 -28.16 -10.01
N MET A 199 -22.00 -27.38 -10.88
CA MET A 199 -22.70 -26.74 -11.98
C MET A 199 -23.24 -27.81 -12.94
N LEU A 200 -22.47 -28.87 -13.13
CA LEU A 200 -22.86 -29.93 -14.06
C LEU A 200 -23.90 -30.86 -13.47
N ALA A 201 -23.65 -31.30 -12.24
CA ALA A 201 -24.47 -32.32 -11.60
C ALA A 201 -25.71 -31.74 -10.94
N GLY A 202 -25.63 -30.51 -10.44
CA GLY A 202 -26.73 -29.93 -9.70
C GLY A 202 -26.67 -30.28 -8.23
N TYR A 203 -25.58 -30.93 -7.84
CA TYR A 203 -25.31 -31.24 -6.44
C TYR A 203 -23.79 -31.32 -6.25
N THR A 204 -23.33 -31.40 -5.01
CA THR A 204 -21.89 -31.40 -4.73
C THR A 204 -21.31 -32.83 -4.79
N PRO A 205 -20.01 -32.95 -5.10
CA PRO A 205 -19.47 -34.29 -5.38
C PRO A 205 -19.22 -35.18 -4.17
N PHE A 206 -18.91 -34.60 -3.02
CA PHE A 206 -18.47 -35.39 -1.87
C PHE A 206 -19.46 -35.34 -0.70
N ALA A 207 -20.56 -34.62 -0.86
CA ALA A 207 -21.56 -34.54 0.20
C ALA A 207 -22.98 -34.62 -0.36
N ASN A 208 -23.83 -35.38 0.31
CA ASN A 208 -25.21 -35.52 -0.12
C ASN A 208 -26.11 -34.42 0.45
N GLY A 209 -25.59 -33.67 1.41
CA GLY A 209 -26.37 -32.64 2.09
C GLY A 209 -25.75 -32.19 3.39
N PRO A 210 -26.36 -31.18 4.03
CA PRO A 210 -25.85 -30.57 5.27
C PRO A 210 -25.82 -31.50 6.47
N SER A 211 -26.53 -32.63 6.41
CA SER A 211 -26.56 -33.57 7.53
C SER A 211 -25.41 -34.60 7.48
N ASP A 212 -24.64 -34.58 6.40
CA ASP A 212 -23.49 -35.47 6.26
C ASP A 212 -22.44 -35.18 7.34
N THR A 213 -21.83 -36.23 7.87
CA THR A 213 -20.79 -36.07 8.87
C THR A 213 -19.44 -35.71 8.23
N PRO A 214 -18.59 -34.98 8.99
CA PRO A 214 -17.25 -34.64 8.48
C PRO A 214 -16.45 -35.89 8.15
N GLU A 215 -16.66 -36.94 8.93
CA GLU A 215 -15.95 -38.19 8.73
C GLU A 215 -16.21 -38.79 7.35
N GLU A 216 -17.49 -38.89 6.97
CA GLU A 216 -17.82 -39.56 5.72
C GLU A 216 -17.51 -38.68 4.49
N ILE A 217 -17.60 -37.37 4.64
CA ILE A 217 -17.19 -36.46 3.57
C ILE A 217 -15.70 -36.61 3.30
N LEU A 218 -14.91 -36.64 4.36
CA LEU A 218 -13.46 -36.73 4.23
C LEU A 218 -12.99 -38.05 3.63
N THR A 219 -13.67 -39.14 3.97
CA THR A 219 -13.33 -40.42 3.38
C THR A 219 -13.67 -40.42 1.89
N ARG A 220 -14.78 -39.78 1.51
CA ARG A 220 -15.12 -39.64 0.10
C ARG A 220 -14.06 -38.83 -0.64
N ILE A 221 -13.69 -37.69 -0.05
CA ILE A 221 -12.65 -36.84 -0.60
C ILE A 221 -11.33 -37.59 -0.73
N GLY A 222 -10.96 -38.31 0.33
CA GLY A 222 -9.70 -39.04 0.36
C GLY A 222 -9.62 -40.11 -0.71
N SER A 223 -10.71 -40.82 -0.93
CA SER A 223 -10.76 -41.84 -1.97
C SER A 223 -10.84 -41.22 -3.37
N GLY A 224 -11.23 -39.95 -3.42
CA GLY A 224 -11.40 -39.26 -4.68
C GLY A 224 -12.45 -39.88 -5.58
N LYS A 225 -13.47 -40.47 -4.96
CA LYS A 225 -14.57 -41.08 -5.71
C LYS A 225 -15.78 -40.15 -5.73
N PHE A 226 -16.41 -40.06 -6.89
CA PHE A 226 -17.62 -39.25 -7.03
C PHE A 226 -18.42 -39.81 -8.20
N THR A 227 -19.73 -39.61 -8.15
CA THR A 227 -20.60 -40.16 -9.17
C THR A 227 -20.46 -39.38 -10.48
N LEU A 228 -20.39 -40.12 -11.59
CA LEU A 228 -20.37 -39.51 -12.92
C LEU A 228 -21.40 -40.17 -13.83
N SER A 229 -22.46 -40.70 -13.22
CA SER A 229 -23.54 -41.36 -13.96
C SER A 229 -24.90 -40.98 -13.36
N GLY A 230 -25.96 -41.21 -14.12
CA GLY A 230 -27.31 -40.85 -13.69
C GLY A 230 -27.55 -39.35 -13.70
N GLY A 231 -28.82 -38.95 -13.61
CA GLY A 231 -29.17 -37.54 -13.60
C GLY A 231 -28.67 -36.81 -14.85
N ASN A 232 -28.07 -35.63 -14.65
CA ASN A 232 -27.53 -34.86 -15.78
C ASN A 232 -26.42 -35.61 -16.49
N TRP A 233 -25.69 -36.44 -15.76
CA TRP A 233 -24.48 -37.07 -16.28
C TRP A 233 -24.72 -37.91 -17.51
N ASN A 234 -25.92 -38.47 -17.62
CA ASN A 234 -26.28 -39.26 -18.77
C ASN A 234 -26.17 -38.48 -20.08
N THR A 235 -26.49 -37.18 -20.03
CA THR A 235 -26.45 -36.34 -21.23
C THR A 235 -25.35 -35.30 -21.20
N VAL A 236 -24.63 -35.21 -20.08
CA VAL A 236 -23.49 -34.30 -19.97
C VAL A 236 -22.37 -34.76 -20.92
N SER A 237 -21.78 -33.82 -21.64
CA SER A 237 -20.76 -34.15 -22.63
C SER A 237 -19.58 -34.89 -22.01
N GLU A 238 -18.89 -35.70 -22.82
CA GLU A 238 -17.77 -36.49 -22.32
C GLU A 238 -16.57 -35.61 -21.98
N THR A 239 -16.42 -34.52 -22.73
CA THR A 239 -15.30 -33.61 -22.52
C THR A 239 -15.46 -32.89 -21.18
N ALA A 240 -16.69 -32.67 -20.74
CA ALA A 240 -16.90 -32.07 -19.43
C ALA A 240 -16.52 -33.06 -18.33
N LYS A 241 -16.90 -34.32 -18.49
CA LYS A 241 -16.59 -35.35 -17.50
C LYS A 241 -15.10 -35.54 -17.34
N ASP A 242 -14.39 -35.55 -18.46
CA ASP A 242 -12.93 -35.66 -18.45
C ASP A 242 -12.31 -34.52 -17.62
N LEU A 243 -12.76 -33.30 -17.88
CA LEU A 243 -12.22 -32.13 -17.21
C LEU A 243 -12.43 -32.18 -15.70
N VAL A 244 -13.64 -32.52 -15.23
CA VAL A 244 -13.86 -32.52 -13.78
C VAL A 244 -13.04 -33.59 -13.11
N SER A 245 -12.93 -34.73 -13.76
N SER A 245 -12.92 -34.74 -13.77
CA SER A 245 -12.13 -35.84 -13.23
CA SER A 245 -12.13 -35.84 -13.23
C SER A 245 -10.68 -35.43 -13.02
C SER A 245 -10.68 -35.44 -13.04
N LYS A 246 -10.20 -34.53 -13.88
CA LYS A 246 -8.81 -34.08 -13.79
C LYS A 246 -8.65 -32.94 -12.80
N MET A 247 -9.68 -32.12 -12.64
CA MET A 247 -9.60 -31.04 -11.68
C MET A 247 -9.74 -31.57 -10.25
N LEU A 248 -10.55 -32.61 -10.09
CA LEU A 248 -10.85 -33.15 -8.77
C LEU A 248 -9.92 -34.30 -8.40
N HIS A 249 -8.86 -34.49 -9.20
CA HIS A 249 -8.00 -35.66 -9.06
C HIS A 249 -7.37 -35.78 -7.68
N VAL A 250 -7.23 -37.01 -7.22
CA VAL A 250 -6.71 -37.31 -5.88
C VAL A 250 -5.34 -36.71 -5.57
N ASP A 251 -4.36 -36.92 -6.44
CA ASP A 251 -3.04 -36.35 -6.23
C ASP A 251 -2.86 -35.13 -7.11
N PRO A 252 -2.42 -34.01 -6.52
CA PRO A 252 -2.19 -32.73 -7.22
C PRO A 252 -1.26 -32.86 -8.43
N HIS A 253 -0.48 -33.94 -8.50
CA HIS A 253 0.41 -34.20 -9.63
C HIS A 253 -0.36 -34.33 -10.94
N GLN A 254 -1.43 -35.13 -10.93
CA GLN A 254 -2.25 -35.32 -12.13
C GLN A 254 -3.40 -34.31 -12.21
N ARG A 255 -3.30 -33.25 -11.41
CA ARG A 255 -4.34 -32.21 -11.37
C ARG A 255 -3.91 -31.02 -12.23
N LEU A 256 -4.80 -30.56 -13.11
CA LEU A 256 -4.47 -29.50 -14.06
C LEU A 256 -4.11 -28.15 -13.41
N THR A 257 -3.22 -27.40 -14.04
CA THR A 257 -2.99 -26.02 -13.66
C THR A 257 -4.17 -25.17 -14.15
N ALA A 258 -4.24 -23.91 -13.75
CA ALA A 258 -5.29 -23.03 -14.23
C ALA A 258 -5.18 -22.85 -15.74
N LYS A 259 -3.95 -22.70 -16.21
CA LYS A 259 -3.66 -22.58 -17.64
C LYS A 259 -4.20 -23.78 -18.40
N GLN A 260 -3.96 -24.97 -17.85
CA GLN A 260 -4.40 -26.22 -18.50
C GLN A 260 -5.91 -26.36 -18.51
N VAL A 261 -6.58 -25.79 -17.52
CA VAL A 261 -8.05 -25.77 -17.51
C VAL A 261 -8.56 -24.96 -18.70
N LEU A 262 -7.95 -23.79 -18.91
CA LEU A 262 -8.37 -22.89 -19.97
C LEU A 262 -8.06 -23.43 -21.38
N GLN A 263 -7.24 -24.48 -21.45
CA GLN A 263 -6.85 -25.08 -22.74
C GLN A 263 -7.69 -26.32 -23.03
N HIS A 264 -8.42 -26.79 -22.03
CA HIS A 264 -9.26 -27.97 -22.19
C HIS A 264 -10.39 -27.70 -23.18
N PRO A 265 -10.69 -28.69 -24.04
CA PRO A 265 -11.70 -28.52 -25.09
C PRO A 265 -13.07 -28.08 -24.55
N TRP A 266 -13.42 -28.50 -23.34
CA TRP A 266 -14.73 -28.12 -22.82
C TRP A 266 -14.80 -26.61 -22.62
N VAL A 267 -13.66 -26.02 -22.26
CA VAL A 267 -13.57 -24.56 -22.09
C VAL A 267 -13.35 -23.82 -23.42
N THR A 268 -12.42 -24.29 -24.24
CA THR A 268 -12.10 -23.60 -25.49
C THR A 268 -13.22 -23.74 -26.52
N GLN A 269 -13.75 -24.95 -26.66
CA GLN A 269 -14.81 -25.20 -27.63
C GLN A 269 -16.19 -24.98 -27.03
N LYS A 270 -16.37 -23.84 -26.38
CA LYS A 270 -17.63 -23.51 -25.72
C LYS A 270 -18.78 -23.34 -26.72
N ASP A 271 -18.43 -23.23 -28.01
CA ASP A 271 -19.43 -23.11 -29.07
C ASP A 271 -20.13 -24.45 -29.32
N LYS A 272 -19.35 -25.53 -29.37
CA LYS A 272 -19.87 -26.86 -29.68
C LYS A 272 -20.45 -27.58 -28.46
N LEU A 273 -20.76 -26.83 -27.40
CA LEU A 273 -21.28 -27.42 -26.17
C LEU A 273 -22.80 -27.49 -26.15
N PRO A 274 -23.35 -28.56 -25.54
CA PRO A 274 -24.80 -28.75 -25.39
C PRO A 274 -25.47 -27.54 -24.75
N GLN A 275 -26.69 -27.24 -25.17
CA GLN A 275 -27.44 -26.13 -24.61
C GLN A 275 -28.64 -26.64 -23.82
N SER A 276 -28.67 -27.96 -23.58
CA SER A 276 -29.78 -28.60 -22.88
C SER A 276 -29.83 -28.20 -21.40
N GLN A 277 -31.04 -28.10 -20.87
CA GLN A 277 -31.26 -27.68 -19.50
C GLN A 277 -30.63 -28.67 -18.50
N LEU A 278 -30.04 -28.13 -17.44
CA LEU A 278 -29.43 -28.97 -16.41
C LEU A 278 -30.27 -28.95 -15.15
N SER A 279 -30.50 -30.11 -14.56
CA SER A 279 -31.26 -30.19 -13.32
C SER A 279 -30.40 -29.81 -12.12
N HIS A 280 -31.03 -29.63 -10.96
CA HIS A 280 -30.29 -29.42 -9.72
C HIS A 280 -31.07 -29.82 -8.48
N GLN A 281 -30.33 -30.19 -7.43
CA GLN A 281 -30.88 -30.38 -6.11
C GLN A 281 -31.38 -29.02 -5.62
N ASP A 282 -32.20 -29.02 -4.56
CA ASP A 282 -32.69 -27.80 -3.95
C ASP A 282 -31.53 -26.91 -3.48
N LEU A 283 -31.62 -25.61 -3.72
CA LEU A 283 -30.48 -24.71 -3.49
C LEU A 283 -29.96 -24.77 -2.06
N GLN A 284 -30.85 -24.70 -1.09
CA GLN A 284 -30.44 -24.67 0.30
C GLN A 284 -29.72 -25.98 0.70
N LEU A 285 -30.13 -27.09 0.10
CA LEU A 285 -29.43 -28.37 0.29
C LEU A 285 -28.03 -28.33 -0.29
N VAL A 286 -27.91 -27.85 -1.53
CA VAL A 286 -26.60 -27.71 -2.16
C VAL A 286 -25.66 -26.82 -1.34
N LYS A 287 -26.16 -25.67 -0.91
CA LYS A 287 -25.35 -24.76 -0.09
C LYS A 287 -24.97 -25.45 1.22
N GLY A 288 -25.90 -26.22 1.78
CA GLY A 288 -25.65 -26.96 3.00
C GLY A 288 -24.55 -28.00 2.83
N ALA A 289 -24.61 -28.75 1.73
CA ALA A 289 -23.59 -29.76 1.44
C ALA A 289 -22.24 -29.10 1.16
N MET A 290 -22.28 -27.96 0.49
CA MET A 290 -21.05 -27.22 0.18
C MET A 290 -20.34 -26.78 1.48
N ALA A 291 -21.11 -26.20 2.41
CA ALA A 291 -20.52 -25.69 3.64
C ALA A 291 -20.00 -26.86 4.49
N ALA A 292 -20.76 -27.93 4.55
CA ALA A 292 -20.31 -29.12 5.27
C ALA A 292 -19.00 -29.66 4.68
N THR A 293 -18.85 -29.57 3.36
CA THR A 293 -17.64 -30.09 2.72
C THR A 293 -16.43 -29.25 3.11
N TYR A 294 -16.57 -27.93 3.04
CA TYR A 294 -15.46 -27.05 3.43
C TYR A 294 -15.23 -27.02 4.93
N SER A 295 -16.29 -27.16 5.72
CA SER A 295 -16.14 -27.32 7.14
C SER A 295 -15.30 -28.56 7.45
N ALA A 296 -15.57 -29.64 6.74
CA ALA A 296 -14.90 -30.92 6.98
C ALA A 296 -13.44 -30.84 6.59
N LEU A 297 -13.17 -30.01 5.58
CA LEU A 297 -11.83 -29.88 5.02
C LEU A 297 -10.95 -29.08 5.95
N ASN A 298 -11.50 -27.98 6.50
CA ASN A 298 -10.72 -27.03 7.27
C ASN A 298 -10.86 -27.19 8.78
N SER A 299 -11.48 -28.29 9.20
CA SER A 299 -11.59 -28.58 10.63
C SER A 299 -10.40 -29.41 11.08
N SER A 300 -10.09 -29.31 12.36
CA SER A 300 -9.05 -30.12 12.95
C SER A 300 -9.41 -30.32 14.41
N LYS A 301 -9.00 -31.46 14.97
CA LYS A 301 -9.26 -31.76 16.37
C LYS A 301 -8.66 -30.65 17.22
N PRO A 302 -9.50 -30.01 18.06
CA PRO A 302 -8.95 -29.04 19.01
C PRO A 302 -7.76 -29.65 19.76
N THR A 303 -6.80 -28.82 20.07
CA THR A 303 -5.57 -29.32 20.68
C THR A 303 -5.75 -29.34 22.19
N PRO A 304 -5.08 -30.28 22.88
CA PRO A 304 -5.31 -30.41 24.32
C PRO A 304 -4.76 -29.22 25.10
N GLN A 305 -5.36 -28.91 26.23
CA GLN A 305 -4.85 -27.85 27.10
C GLN A 305 -3.54 -28.24 27.76
N LEU A 306 -2.73 -27.24 28.10
CA LEU A 306 -1.53 -27.48 28.88
C LEU A 306 -1.86 -28.07 30.23
N LYS A 307 -0.97 -28.93 30.73
CA LYS A 307 -1.10 -29.43 32.09
C LYS A 307 -0.33 -28.52 33.06
N PRO A 308 -0.53 -28.72 34.38
CA PRO A 308 0.32 -28.00 35.34
C PRO A 308 1.78 -28.32 35.11
N ILE A 309 2.65 -27.39 35.50
CA ILE A 309 4.10 -27.54 35.36
C ILE A 309 4.56 -28.84 36.00
N GLU A 310 3.92 -29.18 37.11
CA GLU A 310 4.28 -30.35 37.90
C GLU A 310 4.01 -31.69 37.16
N SER A 311 3.34 -31.64 36.02
CA SER A 311 3.22 -32.80 35.14
C SER A 311 4.55 -33.14 34.45
N SER A 312 5.49 -32.23 34.54
CA SER A 312 6.78 -32.40 33.88
C SER A 312 7.78 -33.07 34.81
N ILE A 313 8.38 -34.16 34.34
CA ILE A 313 9.35 -34.90 35.16
C ILE A 313 10.53 -34.04 35.62
N LEU A 314 11.05 -33.20 34.73
CA LEU A 314 12.12 -32.28 35.10
C LEU A 314 11.67 -31.36 36.24
N ALA A 315 10.48 -30.78 36.08
CA ALA A 315 9.90 -29.90 37.09
C ALA A 315 9.75 -30.61 38.43
N GLN A 316 9.35 -31.87 38.37
CA GLN A 316 9.24 -32.72 39.56
C GLN A 316 10.56 -32.82 40.29
N ARG A 317 11.66 -32.94 39.53
CA ARG A 317 12.97 -33.11 40.16
C ARG A 317 13.29 -31.86 40.96
N ARG A 318 12.86 -30.71 40.45
CA ARG A 318 13.13 -29.44 41.12
C ARG A 318 12.32 -29.25 42.41
N VAL A 319 11.08 -29.72 42.44
CA VAL A 319 10.29 -29.66 43.67
C VAL A 319 10.53 -30.94 44.50
N ARG A 320 11.43 -30.84 45.48
CA ARG A 320 11.76 -31.98 46.31
C ARG A 320 11.46 -31.71 47.78
N ALA B 11 -1.80 -51.69 -2.00
CA ALA B 11 -1.70 -50.25 -1.91
C ALA B 11 -0.39 -49.73 -2.47
N GLY B 12 -0.06 -48.48 -2.16
CA GLY B 12 1.20 -47.87 -2.58
C GLY B 12 1.70 -46.92 -1.53
N PRO B 13 2.78 -46.17 -1.84
CA PRO B 13 3.34 -45.18 -0.91
C PRO B 13 2.30 -44.15 -0.49
N GLU B 14 2.12 -43.97 0.81
CA GLU B 14 1.21 -42.94 1.28
C GLU B 14 1.72 -41.58 0.83
N MET B 15 0.80 -40.65 0.62
CA MET B 15 1.15 -39.34 0.13
C MET B 15 0.48 -38.30 1.01
N VAL B 16 1.26 -37.34 1.50
CA VAL B 16 0.69 -36.31 2.34
C VAL B 16 0.78 -34.97 1.64
N ARG B 17 -0.37 -34.39 1.34
CA ARG B 17 -0.48 -33.10 0.63
C ARG B 17 0.32 -33.07 -0.67
N GLY B 18 0.14 -34.10 -1.49
CA GLY B 18 0.86 -34.17 -2.76
C GLY B 18 2.30 -34.62 -2.59
N GLN B 19 2.76 -34.71 -1.34
CA GLN B 19 4.13 -35.16 -1.06
C GLN B 19 4.17 -36.66 -0.75
N VAL B 20 4.86 -37.42 -1.59
CA VAL B 20 5.08 -38.84 -1.32
C VAL B 20 5.97 -39.02 -0.08
N PHE B 21 5.54 -39.87 0.84
CA PHE B 21 6.37 -40.25 1.99
C PHE B 21 6.69 -41.73 1.90
N ASP B 22 7.82 -42.07 1.27
N ASP B 22 7.82 -42.04 1.26
CA ASP B 22 8.19 -43.47 1.09
CA ASP B 22 8.28 -43.42 1.11
C ASP B 22 8.85 -44.03 2.35
C ASP B 22 8.89 -43.93 2.40
N VAL B 23 8.07 -44.20 3.41
CA VAL B 23 8.59 -44.67 4.68
C VAL B 23 8.03 -46.01 5.13
N GLY B 24 7.20 -46.63 4.29
CA GLY B 24 6.66 -47.94 4.61
C GLY B 24 7.72 -49.01 4.37
N PRO B 25 7.47 -50.24 4.86
CA PRO B 25 6.28 -50.65 5.61
C PRO B 25 6.40 -50.44 7.12
N ARG B 26 7.56 -50.03 7.62
CA ARG B 26 7.69 -49.81 9.05
C ARG B 26 6.78 -48.69 9.57
N TYR B 27 6.76 -47.57 8.84
CA TYR B 27 5.97 -46.42 9.26
C TYR B 27 4.73 -46.27 8.39
N THR B 28 3.56 -46.28 9.03
CA THR B 28 2.29 -46.23 8.29
C THR B 28 1.29 -45.26 8.94
N ASN B 29 0.13 -45.11 8.31
CA ASN B 29 -0.92 -44.22 8.80
C ASN B 29 -0.38 -42.81 9.05
N LEU B 30 0.07 -42.18 7.97
CA LEU B 30 0.70 -40.88 8.04
C LEU B 30 -0.34 -39.78 8.22
N SER B 31 0.02 -38.74 8.98
CA SER B 31 -0.87 -37.62 9.16
C SER B 31 -0.04 -36.34 9.18
N TYR B 32 -0.46 -35.35 8.40
CA TYR B 32 0.26 -34.07 8.33
C TYR B 32 0.29 -33.40 9.71
N ILE B 33 1.45 -32.90 10.11
CA ILE B 33 1.49 -32.15 11.36
C ILE B 33 2.17 -30.80 11.20
N GLY B 34 2.94 -30.61 10.14
CA GLY B 34 3.51 -29.30 9.89
C GLY B 34 4.60 -29.25 8.85
N GLU B 35 5.15 -28.06 8.63
CA GLU B 35 6.18 -27.85 7.64
C GLU B 35 6.94 -26.56 7.93
N GLY B 36 8.14 -26.49 7.40
CA GLY B 36 8.95 -25.29 7.50
C GLY B 36 9.22 -24.86 6.08
N ALA B 37 10.29 -24.09 5.89
CA ALA B 37 10.74 -23.70 4.56
C ALA B 37 11.52 -24.81 3.82
N TYR B 38 11.97 -25.84 4.55
CA TYR B 38 12.80 -26.89 3.94
C TYR B 38 12.22 -28.30 4.06
N GLY B 39 11.41 -28.55 5.08
CA GLY B 39 10.87 -29.88 5.28
C GLY B 39 9.36 -29.95 5.48
N MET B 40 8.79 -31.11 5.24
CA MET B 40 7.40 -31.36 5.60
C MET B 40 7.38 -32.43 6.67
N VAL B 41 6.63 -32.19 7.73
CA VAL B 41 6.62 -33.11 8.86
C VAL B 41 5.26 -33.77 9.03
N CYS B 42 5.30 -35.10 9.11
N CYS B 42 5.29 -35.10 9.13
CA CYS B 42 4.12 -35.89 9.41
CA CYS B 42 4.10 -35.87 9.39
C CYS B 42 4.27 -36.67 10.70
C CYS B 42 4.27 -36.72 10.65
N SER B 43 3.14 -37.12 11.24
CA SER B 43 3.15 -38.08 12.31
C SER B 43 2.93 -39.41 11.61
N ALA B 44 3.45 -40.48 12.19
CA ALA B 44 3.31 -41.80 11.60
C ALA B 44 3.31 -42.85 12.69
N TYR B 45 2.76 -44.01 12.38
CA TYR B 45 2.79 -45.12 13.32
C TYR B 45 4.01 -46.02 13.09
N ASP B 46 4.87 -46.10 14.09
CA ASP B 46 6.00 -47.03 14.06
C ASP B 46 5.52 -48.44 14.38
N ASN B 47 5.50 -49.31 13.38
CA ASN B 47 5.00 -50.66 13.61
C ASN B 47 5.99 -51.53 14.36
N VAL B 48 7.23 -51.08 14.50
CA VAL B 48 8.20 -51.84 15.29
C VAL B 48 8.09 -51.49 16.77
N ASN B 49 8.04 -50.20 17.09
CA ASN B 49 7.99 -49.78 18.48
C ASN B 49 6.57 -49.48 18.99
N LYS B 50 5.60 -49.61 18.10
CA LYS B 50 4.18 -49.55 18.44
C LYS B 50 3.81 -48.21 19.04
N VAL B 51 4.34 -47.14 18.45
CA VAL B 51 4.07 -45.80 18.92
C VAL B 51 4.06 -44.85 17.72
N ARG B 52 3.39 -43.71 17.85
CA ARG B 52 3.44 -42.72 16.77
C ARG B 52 4.66 -41.81 16.93
N VAL B 53 5.27 -41.51 15.79
CA VAL B 53 6.52 -40.75 15.74
C VAL B 53 6.38 -39.58 14.78
N ALA B 54 7.39 -38.70 14.77
CA ALA B 54 7.42 -37.60 13.80
C ALA B 54 8.44 -37.91 12.70
N ILE B 55 8.08 -37.58 11.47
CA ILE B 55 8.96 -37.78 10.32
C ILE B 55 9.03 -36.54 9.46
N LYS B 56 10.21 -35.96 9.36
CA LYS B 56 10.46 -34.85 8.44
C LYS B 56 11.07 -35.33 7.13
N LYS B 57 10.43 -34.97 6.03
CA LYS B 57 10.97 -35.22 4.71
C LYS B 57 11.68 -33.98 4.16
N ILE B 58 12.96 -34.14 3.79
CA ILE B 58 13.67 -33.10 3.05
C ILE B 58 14.25 -33.67 1.76
N SER B 59 14.43 -32.78 0.78
CA SER B 59 14.94 -33.14 -0.54
C SER B 59 15.97 -32.09 -0.94
N PRO B 60 17.20 -32.21 -0.41
CA PRO B 60 18.15 -31.11 -0.44
C PRO B 60 19.20 -31.16 -1.54
N PHE B 61 19.23 -32.21 -2.35
CA PHE B 61 20.48 -32.51 -3.06
C PHE B 61 20.77 -31.66 -4.31
N GLU B 62 19.85 -30.78 -4.67
CA GLU B 62 20.05 -29.93 -5.84
C GLU B 62 20.78 -28.65 -5.45
N HIS B 63 20.97 -28.42 -4.15
CA HIS B 63 21.65 -27.21 -3.73
C HIS B 63 22.55 -27.43 -2.52
N GLN B 64 23.76 -26.90 -2.64
CA GLN B 64 24.80 -26.98 -1.63
C GLN B 64 24.30 -26.55 -0.25
N THR B 65 23.63 -25.40 -0.20
CA THR B 65 23.18 -24.88 1.09
C THR B 65 22.12 -25.78 1.70
N TYR B 66 21.30 -26.43 0.88
CA TYR B 66 20.27 -27.31 1.45
C TYR B 66 20.94 -28.58 1.97
N CYS B 67 21.99 -29.04 1.28
CA CYS B 67 22.74 -30.19 1.76
C CYS B 67 23.45 -29.85 3.06
N GLN B 68 23.94 -28.61 3.18
CA GLN B 68 24.53 -28.20 4.46
C GLN B 68 23.53 -28.34 5.59
N ARG B 69 22.31 -27.82 5.40
CA ARG B 69 21.27 -27.89 6.44
C ARG B 69 21.04 -29.31 6.93
N THR B 70 20.93 -30.21 5.96
CA THR B 70 20.66 -31.61 6.21
C THR B 70 21.80 -32.30 6.96
N LEU B 71 23.02 -32.04 6.53
CA LEU B 71 24.18 -32.69 7.17
C LEU B 71 24.37 -32.13 8.57
N ARG B 72 24.27 -30.81 8.70
CA ARG B 72 24.44 -30.17 10.00
C ARG B 72 23.45 -30.70 11.04
N GLU B 73 22.17 -30.76 10.65
CA GLU B 73 21.13 -31.21 11.55
C GLU B 73 21.34 -32.66 11.93
N ILE B 74 21.58 -33.50 10.94
CA ILE B 74 21.72 -34.93 11.19
C ILE B 74 22.90 -35.21 12.10
N LYS B 75 24.06 -34.64 11.77
CA LYS B 75 25.27 -34.98 12.51
C LYS B 75 25.17 -34.46 13.95
N ILE B 76 24.68 -33.23 14.11
CA ILE B 76 24.63 -32.63 15.43
C ILE B 76 23.61 -33.39 16.31
N LEU B 77 22.42 -33.62 15.79
CA LEU B 77 21.39 -34.28 16.58
C LEU B 77 21.73 -35.75 16.88
N LEU B 78 22.45 -36.42 15.99
CA LEU B 78 22.86 -37.78 16.28
C LEU B 78 23.87 -37.79 17.42
N ARG B 79 24.64 -36.72 17.54
CA ARG B 79 25.68 -36.67 18.58
C ARG B 79 25.11 -36.18 19.91
N PHE B 80 24.27 -35.16 19.86
CA PHE B 80 23.78 -34.58 21.11
C PHE B 80 22.88 -35.53 21.88
N ARG B 81 23.02 -35.52 23.21
CA ARG B 81 22.09 -36.20 24.12
C ARG B 81 21.68 -35.26 25.25
N HIS B 82 20.47 -34.71 25.15
CA HIS B 82 19.98 -33.79 26.19
C HIS B 82 18.47 -33.79 26.21
N GLU B 83 17.91 -33.63 27.41
CA GLU B 83 16.47 -33.74 27.64
C GLU B 83 15.68 -32.67 26.89
N ASN B 84 16.31 -31.52 26.66
CA ASN B 84 15.65 -30.39 26.03
C ASN B 84 16.09 -30.16 24.59
N ILE B 85 16.57 -31.23 23.97
CA ILE B 85 17.01 -31.20 22.58
C ILE B 85 16.43 -32.43 21.88
N ILE B 86 15.72 -32.23 20.77
CA ILE B 86 15.09 -33.35 20.09
C ILE B 86 16.17 -34.34 19.64
N GLY B 87 15.87 -35.63 19.71
CA GLY B 87 16.82 -36.64 19.27
C GLY B 87 16.46 -37.10 17.87
N ILE B 88 17.31 -37.92 17.25
CA ILE B 88 16.95 -38.57 16.00
C ILE B 88 16.98 -40.06 16.23
N ASN B 89 15.87 -40.73 15.97
CA ASN B 89 15.77 -42.16 16.26
C ASN B 89 16.03 -43.03 15.05
N ASP B 90 15.84 -42.48 13.86
CA ASP B 90 15.92 -43.28 12.64
C ASP B 90 16.01 -42.36 11.43
N ILE B 91 16.62 -42.88 10.38
CA ILE B 91 16.70 -42.11 9.15
C ILE B 91 16.47 -43.03 7.96
N ILE B 92 15.59 -42.61 7.07
CA ILE B 92 15.28 -43.40 5.89
C ILE B 92 15.77 -42.71 4.63
N ARG B 93 16.43 -43.47 3.76
CA ARG B 93 16.79 -43.01 2.41
C ARG B 93 17.11 -44.22 1.51
N ALA B 94 17.25 -43.98 0.20
CA ALA B 94 17.44 -45.07 -0.76
C ALA B 94 18.70 -45.88 -0.50
N PRO B 95 18.68 -47.18 -0.85
CA PRO B 95 19.84 -48.06 -0.66
C PRO B 95 21.11 -47.66 -1.45
N THR B 96 20.96 -47.01 -2.59
CA THR B 96 22.12 -46.52 -3.34
C THR B 96 22.11 -45.01 -3.42
N ILE B 97 23.29 -44.41 -3.61
CA ILE B 97 23.38 -42.97 -3.51
C ILE B 97 22.72 -42.29 -4.71
N GLU B 98 22.81 -42.91 -5.88
CA GLU B 98 22.18 -42.35 -7.07
C GLU B 98 20.66 -42.30 -6.96
N GLN B 99 20.10 -43.24 -6.21
N GLN B 99 20.08 -43.23 -6.20
CA GLN B 99 18.65 -43.31 -6.02
CA GLN B 99 18.63 -43.27 -6.05
C GLN B 99 18.18 -42.33 -4.95
C GLN B 99 18.16 -42.43 -4.86
N MET B 100 19.10 -41.87 -4.10
CA MET B 100 18.73 -41.03 -2.97
C MET B 100 18.40 -39.62 -3.42
N LYS B 101 17.13 -39.25 -3.31
CA LYS B 101 16.66 -37.89 -3.63
C LYS B 101 16.06 -37.23 -2.39
N ASP B 102 15.54 -38.06 -1.49
CA ASP B 102 14.86 -37.62 -0.29
C ASP B 102 15.52 -38.23 0.94
N VAL B 103 15.50 -37.49 2.03
CA VAL B 103 15.89 -38.02 3.32
C VAL B 103 14.72 -37.86 4.27
N TYR B 104 14.43 -38.88 5.07
CA TYR B 104 13.38 -38.78 6.09
C TYR B 104 13.98 -38.90 7.47
N ILE B 105 13.85 -37.85 8.27
CA ILE B 105 14.37 -37.86 9.63
C ILE B 105 13.27 -38.24 10.61
N VAL B 106 13.47 -39.34 11.34
CA VAL B 106 12.47 -39.82 12.29
C VAL B 106 12.80 -39.37 13.71
N GLN B 107 11.82 -38.77 14.39
CA GLN B 107 12.00 -38.23 15.75
C GLN B 107 10.83 -38.58 16.69
N ASP B 108 11.05 -38.38 17.99
CA ASP B 108 9.95 -38.38 18.94
C ASP B 108 8.89 -37.42 18.47
N LEU B 109 7.63 -37.85 18.55
CA LEU B 109 6.50 -36.99 18.22
C LEU B 109 6.21 -36.04 19.36
N MET B 110 6.49 -34.75 19.15
CA MET B 110 6.10 -33.73 20.14
C MET B 110 4.69 -33.23 19.79
N GLU B 111 3.92 -32.84 20.79
CA GLU B 111 2.51 -32.49 20.56
C GLU B 111 2.28 -31.19 19.80
N THR B 112 3.12 -30.17 20.05
CA THR B 112 2.99 -28.91 19.34
C THR B 112 4.32 -28.15 19.41
N ASP B 113 4.31 -26.89 18.98
CA ASP B 113 5.48 -26.04 19.17
C ASP B 113 5.01 -24.72 19.76
N LEU B 114 5.95 -23.88 20.18
CA LEU B 114 5.59 -22.64 20.86
C LEU B 114 4.84 -21.69 19.95
N TYR B 115 5.18 -21.67 18.67
CA TYR B 115 4.47 -20.85 17.69
C TYR B 115 2.96 -21.17 17.66
N LYS B 116 2.63 -22.45 17.52
CA LYS B 116 1.24 -22.88 17.41
C LYS B 116 0.50 -22.62 18.71
N LEU B 117 1.18 -22.91 19.81
CA LEU B 117 0.63 -22.70 21.14
C LEU B 117 0.24 -21.23 21.34
N LEU B 118 1.17 -20.33 21.03
CA LEU B 118 0.92 -18.91 21.22
C LEU B 118 -0.17 -18.36 20.33
N LYS B 119 -0.49 -19.07 19.25
CA LYS B 119 -1.58 -18.63 18.41
C LYS B 119 -2.91 -19.11 18.96
N THR B 120 -2.89 -20.08 19.86
CA THR B 120 -4.14 -20.65 20.33
C THR B 120 -4.48 -20.29 21.77
N GLN B 121 -3.53 -19.72 22.53
CA GLN B 121 -3.79 -19.47 23.94
C GLN B 121 -2.78 -18.48 24.55
N HIS B 122 -3.02 -18.09 25.80
CA HIS B 122 -2.03 -17.33 26.55
C HIS B 122 -1.29 -18.28 27.49
N LEU B 123 -0.06 -17.95 27.84
CA LEU B 123 0.70 -18.74 28.81
C LEU B 123 0.60 -18.07 30.17
N SER B 124 0.44 -18.88 31.22
CA SER B 124 0.49 -18.35 32.57
C SER B 124 1.91 -17.86 32.89
N ASN B 125 2.03 -17.00 33.89
CA ASN B 125 3.34 -16.48 34.28
C ASN B 125 4.29 -17.59 34.68
N ASP B 126 3.77 -18.62 35.36
CA ASP B 126 4.58 -19.77 35.73
C ASP B 126 5.08 -20.58 34.54
N HIS B 127 4.23 -20.82 33.55
CA HIS B 127 4.64 -21.59 32.37
C HIS B 127 5.70 -20.86 31.57
N ILE B 128 5.56 -19.54 31.49
CA ILE B 128 6.55 -18.74 30.78
C ILE B 128 7.92 -18.96 31.43
N CYS B 129 7.95 -18.83 32.76
CA CYS B 129 9.15 -19.06 33.53
C CYS B 129 9.77 -20.45 33.25
N TYR B 130 8.94 -21.48 33.30
CA TYR B 130 9.43 -22.84 33.13
C TYR B 130 9.89 -23.14 31.70
N PHE B 131 9.16 -22.63 30.71
CA PHE B 131 9.57 -22.81 29.32
C PHE B 131 10.91 -22.14 29.07
N LEU B 132 11.06 -20.93 29.60
CA LEU B 132 12.30 -20.18 29.46
C LEU B 132 13.44 -20.96 30.08
N TYR B 133 13.16 -21.57 31.23
CA TYR B 133 14.16 -22.36 31.93
C TYR B 133 14.65 -23.50 31.05
N GLN B 134 13.71 -24.20 30.42
CA GLN B 134 14.07 -25.34 29.59
C GLN B 134 14.80 -24.93 28.31
N ILE B 135 14.41 -23.80 27.73
CA ILE B 135 15.13 -23.28 26.55
C ILE B 135 16.60 -23.06 26.89
N LEU B 136 16.84 -22.38 28.01
CA LEU B 136 18.18 -22.04 28.47
C LEU B 136 18.97 -23.27 28.92
N ARG B 137 18.28 -24.23 29.52
CA ARG B 137 18.92 -25.49 29.88
C ARG B 137 19.44 -26.24 28.63
N GLY B 138 18.61 -26.33 27.60
CA GLY B 138 19.04 -26.94 26.36
C GLY B 138 20.15 -26.13 25.71
N LEU B 139 20.00 -24.82 25.70
CA LEU B 139 20.98 -23.95 25.07
C LEU B 139 22.34 -24.06 25.77
N LYS B 140 22.32 -24.21 27.09
CA LYS B 140 23.57 -24.37 27.84
C LYS B 140 24.37 -25.56 27.30
N TYR B 141 23.68 -26.66 27.02
CA TYR B 141 24.31 -27.85 26.47
C TYR B 141 24.87 -27.55 25.06
N ILE B 142 24.05 -26.93 24.22
CA ILE B 142 24.48 -26.57 22.86
C ILE B 142 25.74 -25.71 22.87
N HIS B 143 25.72 -24.64 23.65
CA HIS B 143 26.88 -23.76 23.74
C HIS B 143 28.09 -24.48 24.32
N SER B 144 27.87 -25.39 25.27
CA SER B 144 28.98 -26.11 25.89
C SER B 144 29.63 -27.06 24.88
N ALA B 145 28.91 -27.41 23.83
CA ALA B 145 29.49 -28.21 22.76
C ALA B 145 30.15 -27.32 21.70
N ASN B 146 30.34 -26.04 22.03
CA ASN B 146 30.96 -25.07 21.12
C ASN B 146 30.16 -24.89 19.85
N VAL B 147 28.84 -25.01 19.98
CA VAL B 147 27.93 -24.87 18.83
C VAL B 147 26.96 -23.69 19.04
N LEU B 148 26.70 -22.97 17.96
CA LEU B 148 25.67 -21.93 17.86
C LEU B 148 24.49 -22.49 17.12
N HIS B 149 23.29 -22.40 17.69
CA HIS B 149 22.09 -22.81 16.97
C HIS B 149 21.80 -21.86 15.80
N ARG B 150 21.81 -20.56 16.09
CA ARG B 150 21.71 -19.47 15.11
C ARG B 150 20.31 -19.23 14.55
N ASP B 151 19.33 -20.05 14.92
CA ASP B 151 17.99 -19.85 14.39
C ASP B 151 16.86 -20.18 15.38
N LEU B 152 17.07 -19.91 16.67
CA LEU B 152 16.02 -20.15 17.67
C LEU B 152 14.81 -19.29 17.35
N LYS B 153 13.61 -19.87 17.44
CA LYS B 153 12.33 -19.15 17.21
C LYS B 153 11.20 -20.01 17.80
N PRO B 154 10.02 -19.41 18.04
CA PRO B 154 8.94 -20.21 18.62
C PRO B 154 8.63 -21.49 17.85
N SER B 155 8.75 -21.48 16.53
CA SER B 155 8.36 -22.65 15.73
CA SER B 155 8.38 -22.64 15.71
C SER B 155 9.31 -23.83 15.90
N ASN B 156 10.53 -23.59 16.39
CA ASN B 156 11.37 -24.77 16.61
C ASN B 156 11.63 -25.08 18.10
N LEU B 157 10.75 -24.58 18.97
CA LEU B 157 10.70 -25.05 20.35
C LEU B 157 9.49 -25.97 20.47
N LEU B 158 9.76 -27.27 20.46
CA LEU B 158 8.70 -28.29 20.48
C LEU B 158 8.23 -28.51 21.90
N LEU B 159 6.93 -28.79 22.05
CA LEU B 159 6.32 -28.93 23.37
C LEU B 159 5.36 -30.09 23.44
N ASN B 160 5.33 -30.72 24.61
CA ASN B 160 4.23 -31.61 24.98
C ASN B 160 3.34 -30.92 26.04
N THR B 161 2.11 -31.37 26.18
CA THR B 161 1.20 -30.71 27.12
C THR B 161 1.60 -31.03 28.55
N THR B 162 2.55 -31.95 28.73
CA THR B 162 3.15 -32.16 30.04
C THR B 162 4.12 -31.02 30.39
N CYS B 163 4.30 -30.08 29.46
CA CYS B 163 5.19 -28.91 29.59
C CYS B 163 6.67 -29.23 29.40
N ASP B 164 6.97 -30.41 28.84
CA ASP B 164 8.33 -30.69 28.39
C ASP B 164 8.63 -29.95 27.08
N LEU B 165 9.81 -29.34 27.02
CA LEU B 165 10.20 -28.57 25.86
C LEU B 165 11.48 -29.13 25.23
N LYS B 166 11.52 -29.24 23.90
CA LYS B 166 12.72 -29.64 23.17
C LYS B 166 13.02 -28.72 21.99
N ILE B 167 14.27 -28.25 21.92
CA ILE B 167 14.77 -27.48 20.79
C ILE B 167 15.00 -28.40 19.59
N CYS B 168 14.58 -27.97 18.40
CA CYS B 168 14.81 -28.74 17.20
C CYS B 168 15.36 -27.81 16.11
N ASP B 169 15.43 -28.31 14.87
CA ASP B 169 15.68 -27.46 13.69
C ASP B 169 17.13 -26.91 13.64
N PHE B 170 18.10 -27.80 13.54
CA PHE B 170 19.54 -27.45 13.64
C PHE B 170 20.25 -27.28 12.33
N GLY B 171 19.47 -27.01 11.28
CA GLY B 171 20.02 -26.84 9.95
C GLY B 171 20.97 -25.66 9.79
N LEU B 172 20.83 -24.62 10.62
CA LEU B 172 21.74 -23.48 10.49
C LEU B 172 22.87 -23.46 11.55
N ALA B 173 22.90 -24.49 12.39
CA ALA B 173 23.85 -24.56 13.49
C ALA B 173 25.31 -24.63 13.00
N ARG B 174 26.19 -23.87 13.65
CA ARG B 174 27.63 -23.88 13.33
C ARG B 174 28.48 -24.05 14.59
N VAL B 175 29.70 -24.51 14.39
CA VAL B 175 30.71 -24.54 15.42
C VAL B 175 31.14 -23.10 15.66
N ALA B 176 31.23 -22.68 16.91
CA ALA B 176 31.61 -21.30 17.23
C ALA B 176 32.98 -20.95 16.68
N ASP B 177 33.05 -19.75 16.10
CA ASP B 177 34.31 -19.25 15.54
C ASP B 177 34.13 -17.78 15.15
N PRO B 178 34.36 -16.88 16.11
CA PRO B 178 34.26 -15.43 15.89
C PRO B 178 35.11 -14.94 14.71
N ASP B 179 36.37 -15.34 14.66
CA ASP B 179 37.28 -14.88 13.61
C ASP B 179 37.15 -15.69 12.32
N HIS B 180 35.92 -15.87 11.87
CA HIS B 180 35.63 -16.55 10.62
C HIS B 180 34.63 -15.75 9.79
N GLY B 184 27.01 -17.84 7.59
CA GLY B 184 26.06 -18.79 7.03
C GLY B 184 24.64 -18.26 6.81
N PHE B 185 24.46 -16.95 6.92
CA PHE B 185 23.13 -16.34 6.83
C PHE B 185 22.88 -15.66 5.50
N LEU B 186 23.95 -15.08 4.95
CA LEU B 186 23.90 -14.28 3.74
C LEU B 186 23.04 -14.91 2.66
N THR B 187 21.83 -14.37 2.50
CA THR B 187 20.92 -14.68 1.40
C THR B 187 20.26 -16.06 1.50
N GLU B 188 20.44 -16.75 2.62
CA GLU B 188 19.75 -18.03 2.80
C GLU B 188 18.31 -17.78 3.24
N TYR B 189 17.35 -18.27 2.48
CA TYR B 189 15.94 -18.12 2.85
C TYR B 189 15.63 -18.74 4.23
N VAL B 190 15.04 -17.96 5.12
CA VAL B 190 14.40 -18.54 6.31
C VAL B 190 12.98 -18.01 6.37
N ALA B 191 12.10 -18.67 7.13
CA ALA B 191 10.68 -18.27 7.18
C ALA B 191 10.53 -17.04 8.04
N THR B 192 11.44 -16.81 8.97
CA THR B 192 11.32 -15.59 9.77
C THR B 192 12.66 -15.11 10.29
N ARG B 193 12.89 -13.80 10.24
CA ARG B 193 14.15 -13.20 10.65
C ARG B 193 14.02 -12.37 11.92
N TRP B 194 12.84 -12.40 12.53
CA TRP B 194 12.48 -11.52 13.66
C TRP B 194 13.19 -11.83 14.97
N TYR B 195 13.89 -12.95 15.03
CA TYR B 195 14.57 -13.39 16.26
C TYR B 195 16.10 -13.20 16.15
N ARG B 196 16.54 -12.57 15.07
CA ARG B 196 17.97 -12.37 14.80
C ARG B 196 18.54 -11.14 15.51
N ALA B 197 19.74 -11.29 16.05
CA ALA B 197 20.39 -10.21 16.79
C ALA B 197 20.68 -9.03 15.89
N PRO B 198 20.70 -7.81 16.46
CA PRO B 198 21.04 -6.64 15.65
C PRO B 198 22.40 -6.76 14.94
N GLU B 199 23.39 -7.39 15.56
CA GLU B 199 24.71 -7.42 14.94
C GLU B 199 24.64 -8.22 13.63
N ILE B 200 23.72 -9.18 13.55
CA ILE B 200 23.52 -9.88 12.28
C ILE B 200 22.95 -8.95 11.20
N MET B 201 21.96 -8.13 11.57
CA MET B 201 21.35 -7.18 10.62
C MET B 201 22.32 -6.11 10.16
N LEU B 202 23.21 -5.71 11.07
CA LEU B 202 24.22 -4.69 10.79
C LEU B 202 25.42 -5.31 10.11
N ASN B 203 25.39 -6.64 10.01
CA ASN B 203 26.44 -7.39 9.35
C ASN B 203 27.81 -7.11 9.98
N SER B 204 27.85 -7.08 11.31
CA SER B 204 29.11 -6.90 12.02
C SER B 204 30.08 -8.07 11.78
N LYS B 205 29.51 -9.27 11.62
CA LYS B 205 30.22 -10.46 11.12
C LYS B 205 31.19 -11.14 12.09
N GLY B 206 31.23 -10.69 13.34
CA GLY B 206 32.00 -11.38 14.37
C GLY B 206 31.04 -12.01 15.38
N TYR B 207 30.20 -12.93 14.90
CA TYR B 207 29.09 -13.42 15.73
C TYR B 207 29.58 -14.38 16.81
N THR B 208 28.93 -14.31 17.97
CA THR B 208 29.27 -15.19 19.08
C THR B 208 28.01 -15.89 19.57
N LYS B 209 28.16 -16.71 20.60
CA LYS B 209 27.04 -17.30 21.32
C LYS B 209 25.95 -16.30 21.68
N SER B 210 26.34 -15.04 21.78
CA SER B 210 25.39 -14.01 22.17
C SER B 210 24.24 -13.86 21.18
N ILE B 211 24.41 -14.29 19.93
CA ILE B 211 23.25 -14.18 19.02
C ILE B 211 22.10 -15.11 19.45
N ASP B 212 22.42 -16.27 20.02
CA ASP B 212 21.37 -17.19 20.50
C ASP B 212 20.62 -16.61 21.69
N ILE B 213 21.33 -15.92 22.57
CA ILE B 213 20.73 -15.30 23.74
C ILE B 213 19.74 -14.20 23.33
N TRP B 214 20.07 -13.46 22.29
CA TRP B 214 19.15 -12.46 21.76
C TRP B 214 17.85 -13.11 21.31
N SER B 215 17.96 -14.20 20.56
CA SER B 215 16.77 -14.90 20.08
C SER B 215 15.89 -15.32 21.26
N VAL B 216 16.53 -15.83 22.31
CA VAL B 216 15.80 -16.28 23.47
C VAL B 216 15.09 -15.09 24.09
N GLY B 217 15.78 -13.96 24.18
CA GLY B 217 15.14 -12.71 24.61
C GLY B 217 13.89 -12.39 23.82
N CYS B 218 13.98 -12.43 22.48
CA CYS B 218 12.83 -12.14 21.64
C CYS B 218 11.69 -13.11 21.94
N ILE B 219 12.05 -14.36 22.21
CA ILE B 219 11.07 -15.40 22.49
C ILE B 219 10.41 -15.17 23.85
N LEU B 220 11.19 -14.72 24.84
CA LEU B 220 10.62 -14.43 26.14
C LEU B 220 9.59 -13.29 26.04
N ALA B 221 9.96 -12.24 25.32
CA ALA B 221 9.09 -11.08 25.18
C ALA B 221 7.80 -11.50 24.48
N GLU B 222 7.92 -12.44 23.56
CA GLU B 222 6.76 -12.92 22.82
C GLU B 222 5.84 -13.77 23.70
N MET B 223 6.42 -14.59 24.56
CA MET B 223 5.61 -15.36 25.51
C MET B 223 4.88 -14.41 26.45
N LEU B 224 5.48 -13.28 26.73
CA LEU B 224 4.89 -12.33 27.68
C LEU B 224 3.70 -11.55 27.10
N SER B 225 3.63 -11.41 25.78
CA SER B 225 2.65 -10.53 25.14
C SER B 225 1.87 -11.17 23.99
N ASN B 226 2.27 -12.37 23.58
CA ASN B 226 1.72 -13.01 22.37
C ASN B 226 1.88 -12.14 21.14
N ARG B 227 3.00 -11.44 21.05
CA ARG B 227 3.32 -10.64 19.88
C ARG B 227 4.83 -10.64 19.72
N PRO B 228 5.32 -10.67 18.48
CA PRO B 228 6.77 -10.49 18.27
C PRO B 228 7.16 -9.08 18.69
N ILE B 229 8.31 -8.96 19.35
CA ILE B 229 8.72 -7.66 19.85
C ILE B 229 9.38 -6.85 18.74
N PHE B 230 10.11 -7.50 17.84
CA PHE B 230 10.80 -6.75 16.78
C PHE B 230 10.46 -7.27 15.38
N PRO B 231 9.19 -7.15 14.96
CA PRO B 231 8.87 -7.63 13.61
C PRO B 231 9.34 -6.63 12.55
N GLY B 232 9.15 -6.96 11.29
CA GLY B 232 9.37 -6.00 10.23
C GLY B 232 9.66 -6.74 8.94
N LYS B 233 9.28 -6.14 7.83
CA LYS B 233 9.50 -6.77 6.54
C LYS B 233 11.00 -6.80 6.19
N HIS B 234 11.69 -5.73 6.53
CA HIS B 234 13.10 -5.54 6.17
C HIS B 234 13.97 -5.31 7.39
N TYR B 235 15.26 -5.59 7.27
CA TYR B 235 16.20 -5.37 8.36
C TYR B 235 16.15 -3.93 8.84
N LEU B 236 16.09 -2.98 7.89
CA LEU B 236 15.82 -1.57 8.21
C LEU B 236 14.69 -1.38 9.20
N ASP B 237 13.56 -2.07 8.96
CA ASP B 237 12.38 -1.94 9.83
C ASP B 237 12.60 -2.60 11.18
N GLN B 238 13.18 -3.80 11.15
CA GLN B 238 13.53 -4.51 12.38
C GLN B 238 14.48 -3.69 13.26
N LEU B 239 15.57 -3.20 12.68
CA LEU B 239 16.50 -2.35 13.43
C LEU B 239 15.83 -1.12 14.01
N ASN B 240 14.96 -0.49 13.22
CA ASN B 240 14.27 0.68 13.72
C ASN B 240 13.31 0.32 14.85
N HIS B 241 12.70 -0.85 14.77
CA HIS B 241 11.89 -1.33 15.89
C HIS B 241 12.76 -1.57 17.13
N ILE B 242 13.95 -2.14 16.94
CA ILE B 242 14.86 -2.38 18.07
C ILE B 242 15.31 -1.07 18.71
N LEU B 243 15.75 -0.12 17.89
CA LEU B 243 16.20 1.18 18.42
C LEU B 243 15.04 1.95 19.04
N GLY B 244 13.85 1.77 18.50
CA GLY B 244 12.68 2.46 19.00
C GLY B 244 12.30 2.01 20.41
N ILE B 245 12.86 0.88 20.84
CA ILE B 245 12.59 0.39 22.18
C ILE B 245 13.81 0.53 23.08
N LEU B 246 14.96 0.06 22.61
CA LEU B 246 16.18 0.09 23.43
C LEU B 246 16.78 1.50 23.49
N GLY B 247 16.47 2.32 22.48
CA GLY B 247 17.03 3.65 22.39
C GLY B 247 18.29 3.64 21.55
N SER B 248 18.75 4.82 21.16
CA SER B 248 20.00 4.91 20.40
C SER B 248 21.15 4.27 21.19
N PRO B 249 22.01 3.51 20.50
CA PRO B 249 23.20 2.94 21.14
C PRO B 249 24.13 4.02 21.66
N SER B 250 24.73 3.76 22.82
CA SER B 250 25.67 4.69 23.41
C SER B 250 26.94 4.72 22.58
N GLN B 251 27.74 5.77 22.78
CA GLN B 251 29.00 5.89 22.06
C GLN B 251 29.85 4.66 22.28
N GLU B 252 29.94 4.23 23.54
CA GLU B 252 30.74 3.07 23.92
C GLU B 252 30.35 1.81 23.15
N ASP B 253 29.05 1.65 22.89
CA ASP B 253 28.60 0.50 22.11
C ASP B 253 28.99 0.65 20.65
N LEU B 254 28.78 1.85 20.12
CA LEU B 254 29.07 2.13 18.72
C LEU B 254 30.49 1.78 18.33
N ASN B 255 31.47 2.25 19.10
CA ASN B 255 32.86 1.96 18.75
C ASN B 255 33.34 0.62 19.29
N CYS B 256 32.39 -0.23 19.69
CA CYS B 256 32.66 -1.65 19.90
C CYS B 256 32.39 -2.42 18.62
N ILE B 257 32.08 -1.67 17.55
CA ILE B 257 31.67 -2.25 16.28
C ILE B 257 32.75 -2.11 15.21
N ILE B 258 32.98 -3.19 14.47
CA ILE B 258 33.86 -3.15 13.31
C ILE B 258 33.12 -2.47 12.14
N ASN B 259 33.70 -2.59 10.94
CA ASN B 259 33.19 -1.89 9.76
C ASN B 259 33.19 -0.37 10.01
N LEU B 260 32.20 0.31 9.44
CA LEU B 260 32.04 1.75 9.57
C LEU B 260 30.71 2.15 8.96
N LYS B 261 30.29 1.38 7.95
CA LYS B 261 29.07 1.68 7.20
C LYS B 261 27.82 1.62 8.08
N ALA B 262 27.78 0.65 9.00
CA ALA B 262 26.65 0.52 9.92
C ALA B 262 26.71 1.60 10.99
N ARG B 263 27.88 1.70 11.62
CA ARG B 263 28.20 2.80 12.55
C ARG B 263 27.63 4.12 12.09
N ASN B 264 28.04 4.54 10.90
CA ASN B 264 27.64 5.81 10.36
C ASN B 264 26.15 5.86 10.03
N TYR B 265 25.58 4.73 9.63
CA TYR B 265 24.14 4.69 9.46
C TYR B 265 23.49 4.91 10.82
N LEU B 266 23.98 4.21 11.83
CA LEU B 266 23.47 4.35 13.19
C LEU B 266 23.66 5.79 13.67
N LEU B 267 24.81 6.37 13.33
CA LEU B 267 25.10 7.76 13.68
C LEU B 267 24.25 8.73 12.86
N SER B 268 23.85 8.29 11.68
CA SER B 268 22.98 9.10 10.81
C SER B 268 21.56 9.14 11.36
N LEU B 269 21.19 8.11 12.10
CA LEU B 269 19.83 8.00 12.63
C LEU B 269 19.55 9.07 13.68
N PRO B 270 18.28 9.46 13.82
CA PRO B 270 17.89 10.44 14.83
C PRO B 270 17.95 9.81 16.20
N HIS B 271 18.11 10.61 17.25
CA HIS B 271 18.16 10.07 18.60
C HIS B 271 16.81 9.49 19.01
N LYS B 272 16.86 8.37 19.72
CA LYS B 272 15.66 7.73 20.24
C LYS B 272 15.93 7.32 21.66
N ASN B 273 15.00 7.62 22.56
CA ASN B 273 15.18 7.29 23.97
C ASN B 273 14.80 5.85 24.25
N LYS B 274 15.36 5.30 25.33
CA LYS B 274 15.02 3.97 25.78
C LYS B 274 13.58 3.97 26.28
N VAL B 275 12.82 2.95 25.90
CA VAL B 275 11.47 2.78 26.43
C VAL B 275 11.54 1.80 27.58
N PRO B 276 11.17 2.24 28.79
CA PRO B 276 11.19 1.36 29.97
C PRO B 276 10.43 0.07 29.73
N TRP B 277 11.03 -1.07 30.09
CA TRP B 277 10.42 -2.37 29.84
C TRP B 277 9.03 -2.49 30.49
N ASN B 278 8.83 -1.88 31.65
CA ASN B 278 7.52 -1.98 32.30
C ASN B 278 6.48 -1.10 31.63
N ARG B 279 6.89 -0.27 30.68
CA ARG B 279 5.93 0.47 29.88
C ARG B 279 5.47 -0.41 28.72
N LEU B 280 6.41 -1.15 28.14
CA LEU B 280 6.09 -2.10 27.08
C LEU B 280 5.26 -3.28 27.62
N PHE B 281 5.64 -3.78 28.79
CA PHE B 281 4.97 -4.93 29.40
C PHE B 281 4.57 -4.57 30.83
N PRO B 282 3.48 -3.79 30.98
CA PRO B 282 3.05 -3.27 32.29
C PRO B 282 2.69 -4.35 33.31
N ASN B 283 2.27 -5.52 32.83
CA ASN B 283 1.80 -6.56 33.73
C ASN B 283 2.73 -7.77 33.86
N ALA B 284 3.95 -7.65 33.33
CA ALA B 284 4.91 -8.74 33.42
C ALA B 284 5.60 -8.75 34.78
N ASP B 285 6.06 -9.92 35.21
CA ASP B 285 6.84 -10.02 36.43
C ASP B 285 8.10 -9.19 36.26
N SER B 286 8.43 -8.39 37.28
CA SER B 286 9.56 -7.48 37.19
C SER B 286 10.88 -8.22 37.06
N LYS B 287 10.97 -9.44 37.60
CA LYS B 287 12.19 -10.23 37.46
C LYS B 287 12.32 -10.78 36.04
N ALA B 288 11.20 -11.12 35.42
CA ALA B 288 11.20 -11.51 34.01
C ALA B 288 11.71 -10.36 33.14
N LEU B 289 11.23 -9.16 33.42
CA LEU B 289 11.66 -7.99 32.68
C LEU B 289 13.13 -7.69 32.91
N ASP B 290 13.63 -7.91 34.12
CA ASP B 290 15.05 -7.71 34.41
C ASP B 290 15.92 -8.65 33.56
N LEU B 291 15.54 -9.91 33.49
CA LEU B 291 16.30 -10.86 32.69
C LEU B 291 16.18 -10.52 31.19
N LEU B 292 14.98 -10.12 30.78
CA LEU B 292 14.73 -9.69 29.41
C LEU B 292 15.66 -8.55 29.00
N ASP B 293 15.84 -7.57 29.90
CA ASP B 293 16.70 -6.43 29.60
C ASP B 293 18.13 -6.89 29.33
N LYS B 294 18.58 -7.89 30.08
CA LYS B 294 19.94 -8.40 29.98
C LYS B 294 20.17 -9.29 28.76
N MET B 295 19.12 -9.96 28.30
CA MET B 295 19.20 -10.75 27.08
C MET B 295 19.06 -9.88 25.85
N LEU B 296 18.26 -8.83 25.95
CA LEU B 296 18.02 -7.95 24.81
C LEU B 296 18.94 -6.72 24.90
N THR B 297 20.22 -6.99 25.13
CA THR B 297 21.24 -5.95 25.14
C THR B 297 21.82 -5.77 23.73
N PHE B 298 21.89 -4.52 23.29
CA PHE B 298 22.38 -4.21 21.95
C PHE B 298 23.83 -4.68 21.76
N ASN B 299 24.69 -4.29 22.68
CA ASN B 299 26.11 -4.68 22.62
C ASN B 299 26.25 -6.16 22.96
N PRO B 300 26.66 -6.98 21.98
CA PRO B 300 26.75 -8.43 22.22
C PRO B 300 27.74 -8.79 23.33
N HIS B 301 28.74 -7.95 23.56
CA HIS B 301 29.76 -8.22 24.57
C HIS B 301 29.19 -8.04 25.97
N LYS B 302 28.07 -7.33 26.07
CA LYS B 302 27.49 -7.05 27.37
C LYS B 302 26.26 -7.92 27.60
N ARG B 303 25.75 -8.51 26.53
CA ARG B 303 24.60 -9.41 26.60
C ARG B 303 24.90 -10.55 27.58
N ILE B 304 23.89 -10.94 28.35
CA ILE B 304 24.10 -11.94 29.39
C ILE B 304 24.42 -13.29 28.75
N GLU B 305 25.19 -14.12 29.44
CA GLU B 305 25.57 -15.43 28.91
C GLU B 305 24.64 -16.51 29.45
N VAL B 306 24.65 -17.68 28.82
CA VAL B 306 23.60 -18.66 29.11
C VAL B 306 23.70 -19.16 30.56
N GLU B 307 24.91 -19.28 31.09
CA GLU B 307 25.05 -19.79 32.46
C GLU B 307 24.62 -18.73 33.48
N GLN B 308 24.89 -17.47 33.18
CA GLN B 308 24.43 -16.38 34.01
C GLN B 308 22.91 -16.25 33.92
N ALA B 309 22.36 -16.46 32.73
CA ALA B 309 20.91 -16.36 32.55
C ALA B 309 20.18 -17.35 33.45
N LEU B 310 20.68 -18.58 33.49
CA LEU B 310 20.11 -19.64 34.32
C LEU B 310 20.17 -19.28 35.80
N ALA B 311 21.22 -18.58 36.21
CA ALA B 311 21.41 -18.20 37.61
C ALA B 311 20.65 -16.91 37.98
N HIS B 312 19.93 -16.34 37.03
CA HIS B 312 19.18 -15.10 37.30
C HIS B 312 18.01 -15.36 38.26
N PRO B 313 17.70 -14.41 39.15
CA PRO B 313 16.61 -14.59 40.12
C PRO B 313 15.27 -15.00 39.50
N TYR B 314 14.98 -14.63 38.26
CA TYR B 314 13.71 -15.01 37.65
C TYR B 314 13.55 -16.54 37.59
N LEU B 315 14.65 -17.27 37.45
CA LEU B 315 14.59 -18.71 37.26
C LEU B 315 14.94 -19.52 38.51
N GLU B 316 14.93 -18.85 39.65
CA GLU B 316 15.45 -19.43 40.90
C GLU B 316 14.77 -20.74 41.31
N GLN B 317 13.47 -20.88 41.07
CA GLN B 317 12.77 -22.13 41.40
C GLN B 317 13.33 -23.33 40.66
N TYR B 318 13.89 -23.13 39.47
CA TYR B 318 14.35 -24.27 38.68
C TYR B 318 15.87 -24.37 38.56
N TYR B 319 16.58 -23.32 38.94
CA TYR B 319 18.03 -23.32 38.78
C TYR B 319 18.65 -24.44 39.63
N ASP B 320 19.36 -25.33 38.96
CA ASP B 320 20.10 -26.39 39.66
C ASP B 320 21.30 -26.83 38.80
N PRO B 321 22.47 -26.20 39.02
CA PRO B 321 23.67 -26.47 38.21
C PRO B 321 24.06 -27.95 38.21
N SER B 322 23.71 -28.67 39.26
CA SER B 322 24.02 -30.10 39.32
C SER B 322 23.17 -30.93 38.35
N ASP B 323 22.09 -30.37 37.82
CA ASP B 323 21.24 -31.09 36.88
C ASP B 323 21.01 -30.24 35.62
N GLU B 324 22.06 -29.53 35.22
CA GLU B 324 22.06 -28.77 33.97
C GLU B 324 23.29 -29.17 33.15
N PRO B 325 23.22 -30.38 32.55
CA PRO B 325 24.41 -31.05 32.03
C PRO B 325 25.00 -30.35 30.81
N ILE B 326 26.27 -30.66 30.56
CA ILE B 326 27.00 -30.12 29.43
C ILE B 326 27.54 -31.24 28.56
N ALA B 327 27.98 -30.90 27.35
CA ALA B 327 28.53 -31.86 26.42
C ALA B 327 29.89 -32.33 26.93
N GLU B 328 30.23 -33.57 26.62
CA GLU B 328 31.52 -34.12 27.05
C GLU B 328 32.67 -33.42 26.37
N ALA B 329 32.44 -32.98 25.14
CA ALA B 329 33.52 -32.39 24.35
C ALA B 329 32.96 -31.46 23.29
N PRO B 330 33.80 -30.56 22.77
CA PRO B 330 33.31 -29.70 21.67
C PRO B 330 32.92 -30.54 20.46
N PHE B 331 31.86 -30.15 19.77
CA PHE B 331 31.45 -30.81 18.54
C PHE B 331 32.34 -30.36 17.37
N LYS B 332 32.71 -31.28 16.48
CA LYS B 332 33.41 -30.93 15.25
C LYS B 332 32.88 -31.74 14.10
N PHE B 333 32.62 -31.08 12.99
CA PHE B 333 32.38 -31.78 11.74
C PHE B 333 33.70 -32.42 11.29
N ASP B 334 33.62 -33.36 10.34
CA ASP B 334 34.83 -34.03 9.86
C ASP B 334 35.77 -33.01 9.19
N MET B 335 35.15 -31.97 8.62
CA MET B 335 35.86 -30.84 8.07
C MET B 335 34.85 -29.73 7.85
N GLU B 336 35.34 -28.49 7.74
CA GLU B 336 34.49 -27.34 7.41
C GLU B 336 33.67 -27.62 6.15
N LEU B 337 32.38 -27.29 6.20
CA LEU B 337 31.42 -27.66 5.17
C LEU B 337 31.24 -26.62 4.08
N ASP B 338 31.60 -25.38 4.38
CA ASP B 338 31.17 -24.23 3.57
C ASP B 338 31.55 -24.32 2.11
N ASP B 339 32.75 -24.81 1.82
CA ASP B 339 33.23 -24.87 0.44
C ASP B 339 33.08 -26.25 -0.20
N LEU B 340 32.41 -27.17 0.48
CA LEU B 340 32.20 -28.51 -0.09
C LEU B 340 31.12 -28.48 -1.17
N PRO B 341 31.43 -29.03 -2.35
CA PRO B 341 30.40 -29.12 -3.40
C PRO B 341 29.22 -29.97 -2.94
N LYS B 342 28.03 -29.77 -3.52
CA LYS B 342 26.84 -30.48 -3.06
C LYS B 342 26.99 -31.97 -3.30
N GLU B 343 27.73 -32.33 -4.36
CA GLU B 343 28.00 -33.74 -4.65
C GLU B 343 28.76 -34.39 -3.50
N LYS B 344 29.75 -33.69 -2.96
CA LYS B 344 30.51 -34.22 -1.83
C LYS B 344 29.62 -34.29 -0.57
N LEU B 345 28.82 -33.25 -0.35
CA LEU B 345 27.95 -33.21 0.80
C LEU B 345 26.96 -34.38 0.76
N LYS B 346 26.52 -34.74 -0.44
CA LYS B 346 25.63 -35.88 -0.61
C LYS B 346 26.30 -37.18 -0.17
N GLU B 347 27.57 -37.35 -0.50
CA GLU B 347 28.30 -38.53 -0.04
C GLU B 347 28.36 -38.60 1.48
N LEU B 348 28.63 -37.45 2.10
CA LEU B 348 28.74 -37.36 3.54
C LEU B 348 27.39 -37.67 4.20
N ILE B 349 26.29 -37.28 3.55
CA ILE B 349 24.96 -37.55 4.10
C ILE B 349 24.63 -39.02 3.94
N PHE B 350 24.97 -39.58 2.77
CA PHE B 350 24.83 -41.01 2.55
C PHE B 350 25.56 -41.81 3.64
N GLU B 351 26.82 -41.44 3.93
CA GLU B 351 27.63 -42.16 4.90
C GLU B 351 27.11 -42.02 6.34
N GLU B 352 26.73 -40.81 6.72
CA GLU B 352 26.18 -40.55 8.05
C GLU B 352 24.86 -41.29 8.29
N THR B 353 24.13 -41.59 7.22
CA THR B 353 22.82 -42.25 7.36
C THR B 353 22.87 -43.77 7.18
N ALA B 354 24.03 -44.29 6.77
CA ALA B 354 24.20 -45.73 6.53
C ALA B 354 23.85 -46.61 7.74
N ARG B 355 24.12 -46.11 8.94
CA ARG B 355 23.93 -46.94 10.14
C ARG B 355 22.47 -47.36 10.36
N PHE B 356 21.52 -46.66 9.74
CA PHE B 356 20.10 -47.00 9.90
C PHE B 356 19.56 -47.87 8.77
N GLN B 357 20.45 -48.30 7.88
CA GLN B 357 20.06 -49.18 6.78
C GLN B 357 19.90 -50.60 7.27
N PRO B 358 18.92 -51.33 6.71
CA PRO B 358 18.75 -52.74 7.06
C PRO B 358 19.99 -53.54 6.68
N GLY B 359 20.46 -54.40 7.58
CA GLY B 359 21.64 -55.21 7.28
C GLY B 359 22.95 -54.51 7.56
N TYR B 360 22.88 -53.26 7.99
CA TYR B 360 24.09 -52.53 8.34
C TYR B 360 24.86 -53.21 9.48
N ARG B 361 26.18 -53.27 9.36
CA ARG B 361 27.03 -53.76 10.43
C ARG B 361 28.05 -52.69 10.82
N SER B 362 28.38 -52.63 12.11
CA SER B 362 29.37 -51.66 12.60
C SER B 362 30.78 -52.27 12.55
N VAL C 5 23.03 0.99 1.61
CA VAL C 5 22.32 2.13 2.21
C VAL C 5 20.89 1.75 2.62
N PHE C 6 20.33 0.71 2.01
CA PHE C 6 18.98 0.29 2.35
C PHE C 6 18.84 -1.21 2.62
N SER C 7 19.75 -2.02 2.05
CA SER C 7 19.71 -3.47 2.21
C SER C 7 21.06 -4.10 1.88
N ASP C 8 21.52 -5.04 2.69
CA ASP C 8 22.75 -5.76 2.37
C ASP C 8 22.45 -6.93 1.43
N GLY C 9 21.17 -7.13 1.12
CA GLY C 9 20.75 -8.16 0.18
C GLY C 9 20.90 -7.74 -1.28
N TYR C 10 21.26 -6.49 -1.50
CA TYR C 10 21.50 -6.00 -2.86
C TYR C 10 22.92 -5.46 -2.98
N VAL C 11 23.50 -5.62 -4.17
CA VAL C 11 24.70 -4.90 -4.55
C VAL C 11 24.29 -3.70 -5.38
N VAL C 12 24.61 -2.51 -4.90
CA VAL C 12 24.23 -1.28 -5.61
C VAL C 12 25.29 -0.93 -6.66
N LYS C 13 24.87 -0.71 -7.89
CA LYS C 13 25.80 -0.44 -8.98
C LYS C 13 25.76 1.03 -9.42
N GLU C 14 25.86 1.27 -10.73
CA GLU C 14 25.97 2.62 -11.23
C GLU C 14 24.62 3.34 -11.24
N THR C 15 24.69 4.68 -11.20
CA THR C 15 23.53 5.52 -11.38
C THR C 15 23.03 5.40 -12.82
N ILE C 16 21.73 5.22 -13.00
CA ILE C 16 21.18 5.03 -14.35
C ILE C 16 20.09 6.05 -14.63
N GLY C 17 19.86 6.94 -13.67
CA GLY C 17 18.81 7.91 -13.80
C GLY C 17 18.80 8.89 -12.65
N VAL C 18 18.38 10.12 -12.95
CA VAL C 18 18.35 11.19 -11.97
C VAL C 18 17.07 11.98 -12.20
N GLY C 19 16.33 12.24 -11.13
CA GLY C 19 15.13 13.04 -11.24
C GLY C 19 15.04 14.04 -10.11
N SER C 20 13.86 14.61 -9.92
CA SER C 20 13.69 15.63 -8.91
C SER C 20 13.73 15.02 -7.51
N TYR C 21 14.79 15.36 -6.76
CA TYR C 21 15.03 14.81 -5.44
C TYR C 21 15.06 13.27 -5.48
N SER C 22 15.51 12.74 -6.61
CA SER C 22 15.59 11.31 -6.78
C SER C 22 16.82 10.90 -7.58
N GLU C 23 17.19 9.64 -7.42
CA GLU C 23 18.29 9.07 -8.15
C GLU C 23 17.98 7.60 -8.31
N CYS C 24 18.27 7.05 -9.49
N CYS C 24 18.24 7.06 -9.50
CA CYS C 24 18.01 5.66 -9.75
CA CYS C 24 18.01 5.65 -9.81
C CYS C 24 19.32 4.92 -10.06
C CYS C 24 19.34 4.94 -10.03
N LYS C 25 19.49 3.77 -9.42
CA LYS C 25 20.70 2.97 -9.61
C LYS C 25 20.32 1.55 -9.99
N ARG C 26 21.12 0.94 -10.84
CA ARG C 26 20.99 -0.49 -11.09
C ARG C 26 21.48 -1.21 -9.84
N CYS C 27 20.77 -2.28 -9.45
N CYS C 27 20.79 -2.29 -9.46
CA CYS C 27 21.17 -3.12 -8.32
CA CYS C 27 21.19 -3.11 -8.33
C CYS C 27 20.98 -4.59 -8.63
C CYS C 27 20.98 -4.59 -8.61
N VAL C 28 21.74 -5.43 -7.92
CA VAL C 28 21.65 -6.87 -8.08
C VAL C 28 21.19 -7.50 -6.76
N HIS C 29 20.07 -8.21 -6.81
CA HIS C 29 19.56 -8.95 -5.66
C HIS C 29 20.40 -10.20 -5.49
N LYS C 30 21.21 -10.25 -4.45
CA LYS C 30 22.20 -11.32 -4.26
C LYS C 30 21.60 -12.72 -4.30
N ALA C 31 20.57 -12.96 -3.50
CA ALA C 31 20.01 -14.31 -3.35
C ALA C 31 19.60 -14.92 -4.70
N THR C 32 19.03 -14.09 -5.57
CA THR C 32 18.50 -14.58 -6.84
C THR C 32 19.39 -14.16 -8.00
N ASN C 33 20.37 -13.31 -7.70
CA ASN C 33 21.29 -12.77 -8.70
C ASN C 33 20.60 -11.98 -9.83
N MET C 34 19.33 -11.65 -9.62
CA MET C 34 18.55 -10.89 -10.57
C MET C 34 18.81 -9.39 -10.46
N GLU C 35 18.83 -8.70 -11.59
CA GLU C 35 19.03 -7.25 -11.64
C GLU C 35 17.74 -6.46 -11.48
N TYR C 36 17.82 -5.35 -10.76
CA TYR C 36 16.70 -4.47 -10.56
C TYR C 36 17.13 -3.01 -10.63
N ALA C 37 16.16 -2.12 -10.70
CA ALA C 37 16.42 -0.70 -10.54
C ALA C 37 15.89 -0.26 -9.18
N VAL C 38 16.64 0.58 -8.49
CA VAL C 38 16.11 1.15 -7.27
C VAL C 38 16.13 2.68 -7.36
N LYS C 39 14.97 3.25 -7.14
CA LYS C 39 14.78 4.69 -7.19
C LYS C 39 14.79 5.23 -5.76
N VAL C 40 15.82 6.00 -5.44
CA VAL C 40 15.89 6.63 -4.12
C VAL C 40 15.18 7.99 -4.18
N ILE C 41 14.30 8.23 -3.24
CA ILE C 41 13.56 9.48 -3.20
C ILE C 41 13.75 10.10 -1.82
N ASP C 42 14.21 11.35 -1.78
CA ASP C 42 14.29 12.09 -0.52
C ASP C 42 12.90 12.59 -0.14
N LYS C 43 12.27 11.95 0.85
CA LYS C 43 10.90 12.32 1.19
C LYS C 43 10.80 13.59 2.03
N SER C 44 11.94 14.12 2.48
CA SER C 44 11.92 15.41 3.17
C SER C 44 11.69 16.53 2.17
N LYS C 45 11.78 16.21 0.89
CA LYS C 45 11.66 17.21 -0.17
C LYS C 45 10.54 16.88 -1.15
N ARG C 46 10.10 15.63 -1.13
CA ARG C 46 9.20 15.11 -2.13
C ARG C 46 8.45 13.91 -1.56
N ASP C 47 7.14 14.06 -1.38
CA ASP C 47 6.29 13.00 -0.88
C ASP C 47 5.98 11.99 -1.97
N PRO C 48 6.51 10.76 -1.85
CA PRO C 48 6.31 9.73 -2.88
C PRO C 48 5.04 8.89 -2.70
N SER C 49 4.14 9.29 -1.80
CA SER C 49 2.96 8.46 -1.47
C SER C 49 2.08 8.17 -2.67
N GLU C 50 1.77 9.23 -3.41
CA GLU C 50 0.96 9.14 -4.63
C GLU C 50 1.58 8.25 -5.71
N GLU C 51 2.89 8.41 -5.91
CA GLU C 51 3.58 7.63 -6.92
C GLU C 51 3.55 6.16 -6.54
N ILE C 52 3.83 5.89 -5.27
CA ILE C 52 3.83 4.53 -4.77
C ILE C 52 2.46 3.86 -4.89
N GLU C 53 1.39 4.55 -4.47
CA GLU C 53 0.08 3.90 -4.55
C GLU C 53 -0.28 3.61 -6.01
N ILE C 54 0.05 4.53 -6.91
CA ILE C 54 -0.26 4.35 -8.32
C ILE C 54 0.50 3.14 -8.89
N LEU C 55 1.78 3.00 -8.52
CA LEU C 55 2.55 1.85 -8.98
C LEU C 55 2.04 0.57 -8.35
N LEU C 56 1.71 0.62 -7.06
CA LEU C 56 1.14 -0.55 -6.40
C LEU C 56 -0.13 -1.03 -7.09
N ARG C 57 -1.02 -0.10 -7.40
CA ARG C 57 -2.32 -0.48 -7.93
C ARG C 57 -2.26 -0.88 -9.39
N TYR C 58 -1.44 -0.16 -10.16
CA TYR C 58 -1.50 -0.25 -11.62
C TYR C 58 -0.25 -0.86 -12.27
N GLY C 59 0.84 -0.94 -11.51
CA GLY C 59 2.08 -1.52 -12.00
C GLY C 59 1.99 -2.97 -12.43
N GLN C 60 0.89 -3.64 -12.10
CA GLN C 60 0.67 -5.01 -12.56
C GLN C 60 0.39 -5.06 -14.06
N HIS C 61 -0.01 -3.93 -14.62
CA HIS C 61 -0.19 -3.82 -16.07
C HIS C 61 1.14 -4.20 -16.76
N PRO C 62 1.08 -4.98 -17.85
CA PRO C 62 2.36 -5.40 -18.46
C PRO C 62 3.23 -4.22 -18.93
N ASN C 63 2.61 -3.11 -19.33
CA ASN C 63 3.37 -1.99 -19.89
C ASN C 63 3.45 -0.80 -18.94
N ILE C 64 3.33 -1.08 -17.66
CA ILE C 64 3.67 -0.11 -16.63
C ILE C 64 4.74 -0.75 -15.76
N ILE C 65 5.75 0.04 -15.41
CA ILE C 65 6.86 -0.47 -14.60
C ILE C 65 6.31 -1.06 -13.29
N THR C 66 6.75 -2.26 -12.96
CA THR C 66 6.21 -2.99 -11.80
C THR C 66 6.98 -2.65 -10.51
N LEU C 67 6.26 -2.37 -9.42
CA LEU C 67 6.90 -2.07 -8.15
C LEU C 67 7.06 -3.36 -7.34
N LYS C 68 8.29 -3.81 -7.16
CA LYS C 68 8.56 -5.10 -6.55
C LYS C 68 8.76 -5.01 -5.03
N ASP C 69 9.16 -3.85 -4.53
CA ASP C 69 9.41 -3.68 -3.09
C ASP C 69 9.62 -2.21 -2.79
N VAL C 70 9.48 -1.87 -1.52
CA VAL C 70 9.67 -0.50 -1.05
C VAL C 70 10.44 -0.53 0.27
N TYR C 71 11.55 0.20 0.33
CA TYR C 71 12.26 0.38 1.59
C TYR C 71 12.07 1.83 2.03
N ASP C 72 12.04 2.05 3.34
CA ASP C 72 11.92 3.40 3.88
C ASP C 72 12.83 3.53 5.09
N ASP C 73 13.90 4.31 4.99
CA ASP C 73 14.81 4.43 6.13
C ASP C 73 14.45 5.63 7.02
N GLY C 74 13.30 6.23 6.77
CA GLY C 74 12.90 7.40 7.52
C GLY C 74 13.08 8.68 6.73
N LYS C 75 14.27 8.86 6.16
CA LYS C 75 14.57 10.06 5.37
C LYS C 75 14.48 9.80 3.86
N HIS C 76 14.84 8.59 3.43
CA HIS C 76 14.76 8.24 2.03
C HIS C 76 13.81 7.06 1.83
N VAL C 77 13.14 7.04 0.68
CA VAL C 77 12.34 5.90 0.28
C VAL C 77 13.04 5.26 -0.92
N TYR C 78 13.04 3.93 -0.98
CA TYR C 78 13.69 3.20 -2.07
C TYR C 78 12.69 2.31 -2.79
N LEU C 79 12.44 2.61 -4.07
CA LEU C 79 11.50 1.81 -4.84
C LEU C 79 12.26 0.80 -5.67
N VAL C 80 11.96 -0.47 -5.47
CA VAL C 80 12.63 -1.51 -6.25
C VAL C 80 11.72 -1.89 -7.40
N THR C 81 12.20 -1.73 -8.62
CA THR C 81 11.38 -1.92 -9.80
C THR C 81 12.13 -2.76 -10.81
N GLU C 82 11.43 -3.19 -11.86
CA GLU C 82 12.10 -3.84 -12.99
C GLU C 82 13.21 -2.93 -13.48
N LEU C 83 14.34 -3.51 -13.86
CA LEU C 83 15.37 -2.79 -14.60
C LEU C 83 15.00 -2.68 -16.07
N MET C 84 14.92 -1.46 -16.59
CA MET C 84 14.70 -1.24 -18.02
C MET C 84 16.00 -1.38 -18.81
N ARG C 85 16.41 -2.59 -19.15
CA ARG C 85 17.74 -2.74 -19.76
C ARG C 85 17.71 -2.50 -21.27
N GLY C 86 16.53 -2.31 -21.83
CA GLY C 86 16.41 -1.96 -23.23
C GLY C 86 16.57 -0.46 -23.50
N GLY C 87 16.63 0.33 -22.44
CA GLY C 87 16.80 1.78 -22.61
C GLY C 87 15.57 2.49 -23.14
N GLU C 88 15.71 3.80 -23.36
CA GLU C 88 14.59 4.64 -23.79
C GLU C 88 14.12 4.32 -25.20
N LEU C 89 12.82 4.49 -25.41
CA LEU C 89 12.17 4.16 -26.67
C LEU C 89 12.88 4.78 -27.88
N LEU C 90 13.04 6.10 -27.84
CA LEU C 90 13.63 6.78 -29.00
C LEU C 90 15.11 6.43 -29.23
N ASP C 91 15.86 6.20 -28.15
CA ASP C 91 17.28 5.83 -28.28
C ASP C 91 17.40 4.52 -29.04
N LYS C 92 16.47 3.61 -28.76
CA LYS C 92 16.40 2.32 -29.42
C LYS C 92 16.01 2.47 -30.88
N ILE C 93 14.88 3.13 -31.13
CA ILE C 93 14.35 3.29 -32.48
C ILE C 93 15.33 3.99 -33.43
N LEU C 94 15.86 5.13 -33.01
CA LEU C 94 16.71 5.94 -33.89
C LEU C 94 18.14 5.38 -33.98
N ARG C 95 18.38 4.26 -33.30
CA ARG C 95 19.63 3.53 -33.43
C ARG C 95 19.46 2.24 -34.22
N GLN C 96 18.21 1.94 -34.61
CA GLN C 96 17.93 0.76 -35.42
C GLN C 96 18.30 1.00 -36.88
N LYS C 97 18.78 -0.03 -37.55
CA LYS C 97 19.08 0.04 -38.97
C LYS C 97 17.78 0.19 -39.77
N PHE C 98 16.73 -0.46 -39.29
CA PHE C 98 15.44 -0.44 -39.97
C PHE C 98 14.32 0.08 -39.08
N PHE C 99 13.43 0.90 -39.64
CA PHE C 99 12.26 1.37 -38.91
C PHE C 99 11.17 1.85 -39.86
N SER C 100 9.92 1.55 -39.53
CA SER C 100 8.82 1.79 -40.45
C SER C 100 7.57 2.28 -39.75
N GLU C 101 6.56 2.62 -40.55
CA GLU C 101 5.23 2.97 -40.03
C GLU C 101 4.62 1.84 -39.24
N ARG C 102 4.82 0.60 -39.70
CA ARG C 102 4.22 -0.55 -39.02
C ARG C 102 4.76 -0.63 -37.61
N GLU C 103 6.08 -0.55 -37.46
CA GLU C 103 6.69 -0.56 -36.13
C GLU C 103 6.18 0.61 -35.31
N ALA C 104 6.14 1.78 -35.92
CA ALA C 104 5.72 2.99 -35.23
C ALA C 104 4.29 2.82 -34.70
N SER C 105 3.41 2.25 -35.53
CA SER C 105 2.03 2.02 -35.14
C SER C 105 1.90 0.99 -34.01
N PHE C 106 2.71 -0.05 -34.05
CA PHE C 106 2.66 -1.03 -32.97
C PHE C 106 3.13 -0.39 -31.66
N VAL C 107 4.08 0.54 -31.76
CA VAL C 107 4.51 1.28 -30.57
C VAL C 107 3.35 2.11 -30.01
N LEU C 108 2.70 2.87 -30.89
CA LEU C 108 1.61 3.74 -30.46
C LEU C 108 0.48 2.93 -29.82
N HIS C 109 0.13 1.83 -30.47
CA HIS C 109 -0.96 0.97 -30.00
C HIS C 109 -0.70 0.47 -28.58
N THR C 110 0.51 -0.01 -28.34
CA THR C 110 0.85 -0.53 -27.02
C THR C 110 0.83 0.57 -25.97
N ILE C 111 1.40 1.73 -26.28
CA ILE C 111 1.45 2.80 -25.30
C ILE C 111 0.05 3.39 -25.11
N GLY C 112 -0.67 3.53 -26.22
CA GLY C 112 -2.03 4.07 -26.21
C GLY C 112 -2.97 3.28 -25.34
N LYS C 113 -2.91 1.96 -25.47
CA LYS C 113 -3.74 1.08 -24.62
C LYS C 113 -3.43 1.29 -23.14
N THR C 114 -2.16 1.51 -22.83
CA THR C 114 -1.74 1.70 -21.47
C THR C 114 -2.23 3.04 -20.95
N VAL C 115 -2.16 4.07 -21.78
CA VAL C 115 -2.67 5.37 -21.36
C VAL C 115 -4.21 5.33 -21.22
N GLU C 116 -4.86 4.63 -22.14
CA GLU C 116 -6.31 4.45 -22.05
C GLU C 116 -6.67 3.77 -20.75
N TYR C 117 -5.92 2.74 -20.41
CA TYR C 117 -6.14 2.03 -19.15
C TYR C 117 -5.99 2.96 -17.94
N LEU C 118 -4.89 3.71 -17.90
CA LEU C 118 -4.67 4.66 -16.80
C LEU C 118 -5.81 5.66 -16.66
N HIS C 119 -6.16 6.33 -17.75
CA HIS C 119 -7.22 7.33 -17.74
C HIS C 119 -8.56 6.75 -17.27
N SER C 120 -8.86 5.52 -17.69
CA SER C 120 -10.11 4.87 -17.31
C SER C 120 -10.12 4.58 -15.81
N GLN C 121 -8.93 4.53 -15.22
CA GLN C 121 -8.79 4.29 -13.78
C GLN C 121 -8.75 5.60 -12.99
N GLY C 122 -8.87 6.72 -13.71
CA GLY C 122 -8.77 8.02 -13.07
C GLY C 122 -7.34 8.46 -12.83
N VAL C 123 -6.40 7.88 -13.55
CA VAL C 123 -5.01 8.31 -13.43
C VAL C 123 -4.53 9.10 -14.64
N VAL C 124 -3.93 10.26 -14.39
CA VAL C 124 -3.25 10.98 -15.47
C VAL C 124 -1.76 10.98 -15.18
N HIS C 125 -0.95 10.83 -16.22
CA HIS C 125 0.48 10.64 -16.02
C HIS C 125 1.18 11.95 -15.77
N ARG C 126 0.88 12.91 -16.64
CA ARG C 126 1.32 14.30 -16.59
C ARG C 126 2.79 14.55 -16.98
N ASP C 127 3.58 13.50 -17.21
CA ASP C 127 4.97 13.70 -17.62
C ASP C 127 5.35 12.68 -18.68
N LEU C 128 4.46 12.47 -19.63
CA LEU C 128 4.59 11.42 -20.62
C LEU C 128 5.58 11.79 -21.73
N LYS C 129 6.77 12.23 -21.35
CA LYS C 129 7.85 12.45 -22.31
C LYS C 129 8.32 11.14 -22.88
N PRO C 130 8.78 11.15 -24.15
CA PRO C 130 9.36 9.93 -24.75
C PRO C 130 10.41 9.25 -23.88
N SER C 131 11.23 10.04 -23.19
CA SER C 131 12.30 9.47 -22.36
C SER C 131 11.78 8.76 -21.11
N ASN C 132 10.47 8.81 -20.87
CA ASN C 132 9.87 8.09 -19.76
C ASN C 132 9.17 6.82 -20.25
N ILE C 133 9.44 6.48 -21.51
CA ILE C 133 8.95 5.23 -22.08
C ILE C 133 10.13 4.36 -22.49
N LEU C 134 10.29 3.22 -21.79
CA LEU C 134 11.49 2.39 -21.92
C LEU C 134 11.16 0.96 -22.37
N TYR C 135 12.17 0.26 -22.86
CA TYR C 135 12.06 -1.16 -23.15
C TYR C 135 12.66 -1.97 -22.00
N VAL C 136 11.98 -3.03 -21.57
CA VAL C 136 12.46 -3.83 -20.47
C VAL C 136 13.66 -4.68 -20.90
N ASP C 137 13.75 -4.98 -22.20
CA ASP C 137 14.91 -5.70 -22.72
C ASP C 137 15.32 -5.24 -24.12
N GLU C 138 16.25 -5.96 -24.73
CA GLU C 138 16.87 -5.53 -25.97
C GLU C 138 16.11 -6.00 -27.20
N SER C 139 14.96 -6.64 -27.01
CA SER C 139 14.27 -7.28 -28.14
C SER C 139 13.55 -6.31 -29.08
N GLY C 140 13.27 -5.10 -28.61
CA GLY C 140 12.51 -4.15 -29.40
C GLY C 140 11.05 -4.55 -29.57
N ASN C 141 10.64 -5.61 -28.89
CA ASN C 141 9.25 -6.06 -28.88
C ASN C 141 8.35 -5.01 -28.23
N PRO C 142 7.26 -4.62 -28.91
CA PRO C 142 6.32 -3.64 -28.33
C PRO C 142 5.79 -4.02 -26.95
N GLU C 143 5.56 -5.30 -26.68
CA GLU C 143 5.04 -5.66 -25.36
C GLU C 143 6.12 -5.55 -24.29
N CYS C 144 7.34 -5.24 -24.69
CA CYS C 144 8.42 -5.04 -23.73
C CYS C 144 8.50 -3.57 -23.35
N LEU C 145 7.59 -2.77 -23.88
CA LEU C 145 7.54 -1.35 -23.53
C LEU C 145 6.96 -1.19 -22.13
N ARG C 146 7.48 -0.21 -21.40
CA ARG C 146 7.02 0.15 -20.08
C ARG C 146 6.91 1.66 -19.98
N ILE C 147 5.76 2.16 -19.57
CA ILE C 147 5.66 3.54 -19.12
C ILE C 147 6.30 3.64 -17.73
N CYS C 148 7.18 4.60 -17.54
CA CYS C 148 7.88 4.77 -16.27
C CYS C 148 7.71 6.19 -15.70
N ASP C 149 8.36 6.43 -14.56
CA ASP C 149 8.39 7.73 -13.89
C ASP C 149 6.99 8.35 -13.64
N PHE C 150 6.28 7.80 -12.67
CA PHE C 150 4.98 8.30 -12.29
C PHE C 150 5.08 9.38 -11.18
N GLY C 151 6.23 10.04 -11.12
CA GLY C 151 6.49 11.10 -10.16
C GLY C 151 5.51 12.27 -10.17
N PHE C 152 4.81 12.49 -11.28
CA PHE C 152 3.90 13.63 -11.36
C PHE C 152 2.48 13.16 -11.52
N ALA C 153 2.30 11.86 -11.58
CA ALA C 153 1.02 11.29 -11.88
C ALA C 153 0.01 11.56 -10.75
N LYS C 154 -1.27 11.62 -11.11
CA LYS C 154 -2.32 11.94 -10.15
C LYS C 154 -3.49 10.99 -10.28
N GLN C 155 -3.94 10.50 -9.14
CA GLN C 155 -5.16 9.70 -9.05
C GLN C 155 -6.33 10.60 -8.66
N LEU C 156 -7.43 10.49 -9.40
CA LEU C 156 -8.68 11.16 -9.05
C LEU C 156 -9.34 10.51 -7.83
N ARG C 157 -9.76 11.32 -6.86
CA ARG C 157 -10.43 10.83 -5.65
C ARG C 157 -11.62 11.71 -5.27
N ALA C 158 -12.54 11.16 -4.47
CA ALA C 158 -13.70 11.90 -3.97
C ALA C 158 -13.28 12.79 -2.80
N GLU C 159 -14.25 13.50 -2.23
CA GLU C 159 -13.93 14.51 -1.21
C GLU C 159 -13.29 13.90 0.03
N ASN C 160 -13.64 12.66 0.34
CA ASN C 160 -13.06 11.96 1.48
C ASN C 160 -12.03 10.91 1.11
N GLY C 161 -11.47 11.00 -0.10
CA GLY C 161 -10.35 10.15 -0.47
C GLY C 161 -10.72 8.91 -1.27
N LEU C 162 -12.02 8.60 -1.31
CA LEU C 162 -12.53 7.46 -2.05
C LEU C 162 -12.00 7.47 -3.49
N LEU C 163 -11.44 6.34 -3.90
CA LEU C 163 -10.87 6.18 -5.24
C LEU C 163 -11.93 6.46 -6.29
N MET C 164 -11.62 7.35 -7.23
CA MET C 164 -12.59 7.71 -8.26
C MET C 164 -12.12 7.43 -9.69
N THR C 165 -13.06 7.00 -10.54
CA THR C 165 -12.86 6.97 -11.98
C THR C 165 -13.74 8.06 -12.60
N PRO C 166 -13.34 8.60 -13.77
CA PRO C 166 -14.09 9.70 -14.37
C PRO C 166 -15.46 9.26 -14.93
N CYS C 167 -15.88 8.04 -14.62
CA CYS C 167 -17.16 7.52 -15.09
C CYS C 167 -18.18 7.43 -13.95
N ASN C 171 -21.02 14.61 -12.17
CA ASN C 171 -20.62 15.25 -10.92
C ASN C 171 -19.57 14.43 -10.16
N PHE C 172 -19.90 14.10 -8.90
CA PHE C 172 -19.07 13.28 -8.00
C PHE C 172 -17.83 14.01 -7.44
N VAL C 173 -17.23 14.89 -8.25
CA VAL C 173 -16.08 15.68 -7.81
C VAL C 173 -16.29 17.15 -8.20
N ALA C 174 -15.60 18.07 -7.52
CA ALA C 174 -15.77 19.51 -7.78
C ALA C 174 -15.39 19.84 -9.23
N PRO C 175 -16.03 20.87 -9.80
CA PRO C 175 -15.98 21.10 -11.25
C PRO C 175 -14.60 21.49 -11.80
N GLU C 176 -13.82 22.31 -11.12
CA GLU C 176 -12.51 22.64 -11.67
C GLU C 176 -11.62 21.41 -11.62
N VAL C 177 -11.82 20.57 -10.60
CA VAL C 177 -11.07 19.33 -10.48
C VAL C 177 -11.33 18.43 -11.68
N LEU C 178 -12.59 18.36 -12.13
CA LEU C 178 -12.91 17.57 -13.32
C LEU C 178 -12.31 18.17 -14.56
N LYS C 179 -12.38 19.49 -14.68
CA LYS C 179 -11.80 20.15 -15.84
C LYS C 179 -10.29 19.93 -15.89
N ARG C 180 -9.64 19.91 -14.72
CA ARG C 180 -8.20 19.68 -14.68
C ARG C 180 -7.86 18.24 -15.09
N GLN C 181 -8.69 17.27 -14.71
CA GLN C 181 -8.53 15.88 -15.17
C GLN C 181 -8.54 15.82 -16.69
N GLY C 182 -9.59 16.37 -17.29
CA GLY C 182 -9.72 16.42 -18.75
C GLY C 182 -8.53 17.10 -19.39
N TYR C 183 -8.12 18.23 -18.84
CA TYR C 183 -6.94 18.93 -19.33
C TYR C 183 -5.67 18.06 -19.25
N ASP C 184 -5.43 17.45 -18.10
CA ASP C 184 -4.28 16.55 -17.97
C ASP C 184 -4.35 15.37 -18.92
N GLU C 185 -5.53 14.80 -19.12
CA GLU C 185 -5.67 13.71 -20.09
C GLU C 185 -5.25 14.19 -21.48
N GLY C 186 -5.63 15.42 -21.83
CA GLY C 186 -5.30 15.98 -23.12
C GLY C 186 -3.80 16.18 -23.25
N CYS C 187 -3.15 16.54 -22.14
CA CYS C 187 -1.70 16.73 -22.15
C CYS C 187 -1.00 15.39 -22.37
N ASP C 188 -1.52 14.33 -21.76
CA ASP C 188 -1.01 12.98 -22.01
C ASP C 188 -1.09 12.62 -23.50
N ILE C 189 -2.25 12.87 -24.11
CA ILE C 189 -2.46 12.48 -25.49
C ILE C 189 -1.59 13.33 -26.42
N TRP C 190 -1.47 14.61 -26.11
CA TRP C 190 -0.63 15.52 -26.86
C TRP C 190 0.81 15.01 -26.84
N SER C 191 1.26 14.56 -25.67
CA SER C 191 2.61 13.99 -25.56
C SER C 191 2.79 12.71 -26.39
N LEU C 192 1.75 11.87 -26.49
CA LEU C 192 1.82 10.75 -27.44
C LEU C 192 1.86 11.23 -28.89
N GLY C 193 1.23 12.37 -29.14
CA GLY C 193 1.23 12.97 -30.47
C GLY C 193 2.60 13.47 -30.86
N ILE C 194 3.32 14.04 -29.91
CA ILE C 194 4.73 14.40 -30.09
C ILE C 194 5.56 13.19 -30.48
N LEU C 195 5.41 12.12 -29.70
CA LEU C 195 6.11 10.86 -29.95
C LEU C 195 5.79 10.33 -31.35
N LEU C 196 4.53 10.33 -31.71
CA LEU C 196 4.09 9.85 -33.01
C LEU C 196 4.66 10.70 -34.15
N TYR C 197 4.59 12.02 -34.00
CA TYR C 197 5.14 12.91 -35.01
C TYR C 197 6.61 12.60 -35.19
N THR C 198 7.33 12.48 -34.08
CA THR C 198 8.76 12.28 -34.13
C THR C 198 9.10 10.94 -34.78
N MET C 199 8.33 9.90 -34.49
CA MET C 199 8.58 8.59 -35.09
C MET C 199 8.32 8.61 -36.61
N LEU C 200 7.31 9.36 -37.04
CA LEU C 200 6.97 9.37 -38.44
C LEU C 200 7.90 10.28 -39.24
N ALA C 201 8.22 11.43 -38.65
CA ALA C 201 8.98 12.45 -39.35
C ALA C 201 10.49 12.24 -39.23
N GLY C 202 10.92 11.65 -38.12
CA GLY C 202 12.35 11.52 -37.85
C GLY C 202 12.91 12.79 -37.24
N TYR C 203 12.02 13.66 -36.75
CA TYR C 203 12.40 14.89 -36.05
C TYR C 203 11.20 15.46 -35.28
N THR C 204 11.45 16.40 -34.38
CA THR C 204 10.43 17.01 -33.50
C THR C 204 9.51 18.00 -34.21
N PRO C 205 8.20 17.95 -33.90
CA PRO C 205 7.23 18.86 -34.52
C PRO C 205 7.48 20.35 -34.29
N PHE C 206 7.89 20.73 -33.08
CA PHE C 206 7.97 22.17 -32.76
C PHE C 206 9.39 22.66 -32.50
N ALA C 207 10.37 21.79 -32.66
CA ALA C 207 11.77 22.19 -32.49
C ALA C 207 12.64 21.53 -33.56
N ASN C 208 13.66 22.26 -34.02
CA ASN C 208 14.56 21.72 -35.02
C ASN C 208 15.86 21.22 -34.38
N GLY C 209 16.02 21.50 -33.09
CA GLY C 209 17.23 21.14 -32.38
C GLY C 209 17.31 21.85 -31.03
N PRO C 210 18.31 21.50 -30.22
CA PRO C 210 18.47 22.08 -28.88
C PRO C 210 18.81 23.58 -28.90
N SER C 211 19.18 24.09 -30.07
CA SER C 211 19.55 25.49 -30.21
C SER C 211 18.34 26.39 -30.37
N ASP C 212 17.16 25.80 -30.49
CA ASP C 212 15.92 26.57 -30.62
C ASP C 212 15.60 27.30 -29.32
N THR C 213 15.18 28.56 -29.44
CA THR C 213 14.79 29.34 -28.27
C THR C 213 13.47 28.85 -27.68
N PRO C 214 13.29 29.01 -26.37
CA PRO C 214 12.02 28.64 -25.75
C PRO C 214 10.86 29.42 -26.35
N GLU C 215 11.12 30.68 -26.70
CA GLU C 215 10.09 31.57 -27.25
C GLU C 215 9.58 31.05 -28.60
N GLU C 216 10.50 30.60 -29.44
CA GLU C 216 10.14 30.06 -30.75
C GLU C 216 9.31 28.78 -30.63
N ILE C 217 9.75 27.88 -29.78
CA ILE C 217 9.06 26.61 -29.62
C ILE C 217 7.62 26.87 -29.15
N LEU C 218 7.47 27.78 -28.20
CA LEU C 218 6.15 28.06 -27.63
C LEU C 218 5.19 28.70 -28.63
N THR C 219 5.68 29.62 -29.46
CA THR C 219 4.80 30.25 -30.43
C THR C 219 4.41 29.24 -31.52
N ARG C 220 5.29 28.28 -31.81
CA ARG C 220 4.94 27.21 -32.73
C ARG C 220 3.85 26.33 -32.11
N ILE C 221 4.01 26.03 -30.83
CA ILE C 221 3.05 25.21 -30.10
C ILE C 221 1.70 25.92 -30.01
N GLY C 222 1.74 27.22 -29.74
CA GLY C 222 0.53 28.01 -29.57
C GLY C 222 -0.23 28.22 -30.86
N SER C 223 0.47 28.16 -31.99
CA SER C 223 -0.16 28.33 -33.29
C SER C 223 -0.60 26.99 -33.87
N GLY C 224 -0.11 25.91 -33.26
CA GLY C 224 -0.43 24.58 -33.70
C GLY C 224 0.09 24.27 -35.09
N LYS C 225 1.19 24.92 -35.46
CA LYS C 225 1.76 24.75 -36.79
C LYS C 225 2.89 23.71 -36.78
N PHE C 226 2.84 22.82 -37.76
CA PHE C 226 3.91 21.83 -37.95
C PHE C 226 3.84 21.28 -39.37
N THR C 227 4.99 20.95 -39.93
CA THR C 227 5.05 20.48 -41.31
C THR C 227 4.62 19.02 -41.44
N LEU C 228 3.82 18.75 -42.47
CA LEU C 228 3.45 17.38 -42.83
C LEU C 228 3.85 17.11 -44.28
N SER C 229 4.88 17.82 -44.75
CA SER C 229 5.40 17.64 -46.09
C SER C 229 6.92 17.58 -46.05
N GLY C 230 7.53 17.05 -47.11
CA GLY C 230 8.98 16.88 -47.15
C GLY C 230 9.46 15.73 -46.29
N GLY C 231 10.56 15.10 -46.69
CA GLY C 231 11.11 13.98 -45.94
C GLY C 231 10.31 12.70 -46.06
N ASN C 232 10.00 12.08 -44.92
CA ASN C 232 9.18 10.87 -44.88
C ASN C 232 7.72 11.12 -45.24
N TRP C 233 7.24 12.34 -45.01
CA TRP C 233 5.82 12.67 -45.15
C TRP C 233 5.27 12.44 -46.57
N ASN C 234 6.14 12.43 -47.57
CA ASN C 234 5.73 12.24 -48.95
C ASN C 234 5.15 10.85 -49.17
N THR C 235 5.61 9.89 -48.36
CA THR C 235 5.22 8.50 -48.52
C THR C 235 4.55 7.95 -47.26
N VAL C 236 4.54 8.75 -46.20
CA VAL C 236 3.85 8.36 -44.98
C VAL C 236 2.34 8.37 -45.25
N SER C 237 1.65 7.34 -44.78
CA SER C 237 0.21 7.18 -44.98
C SER C 237 -0.57 8.44 -44.64
N GLU C 238 -1.55 8.77 -45.49
CA GLU C 238 -2.41 9.93 -45.21
C GLU C 238 -3.13 9.73 -43.89
N THR C 239 -3.55 8.49 -43.64
CA THR C 239 -4.26 8.15 -42.40
C THR C 239 -3.41 8.46 -41.16
N ALA C 240 -2.09 8.32 -41.27
CA ALA C 240 -1.21 8.71 -40.17
C ALA C 240 -1.20 10.22 -40.03
N LYS C 241 -1.12 10.91 -41.15
CA LYS C 241 -1.14 12.37 -41.16
C LYS C 241 -2.35 12.92 -40.44
N ASP C 242 -3.51 12.32 -40.71
CA ASP C 242 -4.76 12.72 -40.08
C ASP C 242 -4.71 12.47 -38.57
N LEU C 243 -4.19 11.32 -38.16
CA LEU C 243 -4.11 10.99 -36.75
C LEU C 243 -3.24 11.99 -36.00
N VAL C 244 -2.06 12.28 -36.54
CA VAL C 244 -1.14 13.19 -35.86
C VAL C 244 -1.75 14.56 -35.71
N SER C 245 -2.45 15.02 -36.75
CA SER C 245 -3.14 16.30 -36.70
C SER C 245 -4.09 16.40 -35.53
N LYS C 246 -4.85 15.33 -35.31
CA LYS C 246 -5.90 15.36 -34.31
C LYS C 246 -5.32 15.18 -32.90
N MET C 247 -4.18 14.50 -32.79
CA MET C 247 -3.55 14.35 -31.48
C MET C 247 -2.86 15.64 -31.05
N LEU C 248 -2.33 16.36 -32.04
CA LEU C 248 -1.57 17.59 -31.78
C LEU C 248 -2.41 18.85 -31.91
N HIS C 249 -3.73 18.72 -31.80
CA HIS C 249 -4.60 19.86 -32.04
C HIS C 249 -4.50 20.89 -30.91
N VAL C 250 -4.65 22.16 -31.27
CA VAL C 250 -4.46 23.28 -30.36
C VAL C 250 -5.37 23.23 -29.12
N ASP C 251 -6.67 23.09 -29.33
CA ASP C 251 -7.60 23.01 -28.21
C ASP C 251 -7.84 21.55 -27.82
N PRO C 252 -7.75 21.25 -26.52
CA PRO C 252 -7.98 19.89 -25.99
C PRO C 252 -9.38 19.38 -26.31
N HIS C 253 -10.30 20.29 -26.66
CA HIS C 253 -11.66 19.92 -27.00
C HIS C 253 -11.74 19.09 -28.29
N GLN C 254 -10.97 19.49 -29.30
CA GLN C 254 -10.96 18.79 -30.58
C GLN C 254 -9.86 17.72 -30.63
N ARG C 255 -9.20 17.51 -29.50
CA ARG C 255 -8.14 16.51 -29.40
C ARG C 255 -8.74 15.14 -29.07
N LEU C 256 -8.20 14.09 -29.67
CA LEU C 256 -8.73 12.74 -29.43
C LEU C 256 -8.51 12.25 -28.00
N THR C 257 -9.38 11.36 -27.53
CA THR C 257 -9.13 10.60 -26.30
C THR C 257 -8.21 9.42 -26.63
N ALA C 258 -7.63 8.79 -25.61
CA ALA C 258 -6.82 7.60 -25.80
C ALA C 258 -7.60 6.53 -26.57
N LYS C 259 -8.84 6.32 -26.16
CA LYS C 259 -9.72 5.34 -26.78
C LYS C 259 -9.91 5.61 -28.28
N GLN C 260 -10.00 6.89 -28.63
CA GLN C 260 -10.19 7.28 -30.01
C GLN C 260 -8.94 7.06 -30.85
N VAL C 261 -7.78 7.40 -30.29
CA VAL C 261 -6.50 7.08 -30.93
C VAL C 261 -6.47 5.60 -31.33
N LEU C 262 -6.81 4.72 -30.39
CA LEU C 262 -6.80 3.28 -30.63
C LEU C 262 -7.88 2.83 -31.62
N GLN C 263 -8.90 3.66 -31.84
CA GLN C 263 -9.97 3.33 -32.79
C GLN C 263 -9.72 3.91 -34.17
N HIS C 264 -8.65 4.69 -34.30
CA HIS C 264 -8.33 5.32 -35.58
C HIS C 264 -7.92 4.27 -36.60
N PRO C 265 -8.27 4.48 -37.88
CA PRO C 265 -7.87 3.56 -38.95
C PRO C 265 -6.36 3.25 -38.94
N TRP C 266 -5.52 4.26 -38.70
CA TRP C 266 -4.08 4.04 -38.74
C TRP C 266 -3.59 3.10 -37.63
N VAL C 267 -4.35 2.95 -36.56
CA VAL C 267 -3.96 2.04 -35.49
C VAL C 267 -4.65 0.67 -35.63
N THR C 268 -5.93 0.69 -35.98
CA THR C 268 -6.65 -0.57 -36.13
C THR C 268 -6.16 -1.38 -37.34
N GLN C 269 -5.54 -0.69 -38.30
CA GLN C 269 -5.00 -1.35 -39.49
C GLN C 269 -3.48 -1.46 -39.43
N LYS C 270 -2.93 -1.54 -38.23
CA LYS C 270 -1.49 -1.57 -38.02
C LYS C 270 -0.78 -2.74 -38.73
N ASP C 271 -1.49 -3.85 -38.92
CA ASP C 271 -0.92 -5.04 -39.53
C ASP C 271 -0.57 -4.86 -41.01
N LYS C 272 -1.24 -3.90 -41.65
CA LYS C 272 -1.11 -3.73 -43.10
C LYS C 272 -0.45 -2.41 -43.49
N LEU C 273 0.22 -1.77 -42.55
CA LEU C 273 0.86 -0.49 -42.82
C LEU C 273 2.21 -0.69 -43.53
N PRO C 274 2.71 0.36 -44.22
CA PRO C 274 3.95 0.18 -45.00
C PRO C 274 5.14 -0.18 -44.13
N GLN C 275 6.04 -0.99 -44.69
CA GLN C 275 7.25 -1.38 -43.98
C GLN C 275 8.45 -0.68 -44.58
N SER C 276 8.18 0.35 -45.37
CA SER C 276 9.22 1.12 -46.05
C SER C 276 10.02 1.97 -45.06
N GLN C 277 11.31 2.11 -45.35
CA GLN C 277 12.27 2.75 -44.45
C GLN C 277 11.92 4.20 -44.12
N LEU C 278 11.76 4.47 -42.83
CA LEU C 278 11.56 5.84 -42.36
C LEU C 278 12.92 6.46 -41.99
N SER C 279 13.21 7.64 -42.53
CA SER C 279 14.46 8.32 -42.23
C SER C 279 14.35 9.12 -40.94
N HIS C 280 15.49 9.42 -40.33
CA HIS C 280 15.51 10.27 -39.14
C HIS C 280 16.76 11.13 -39.10
N GLN C 281 16.67 12.24 -38.39
CA GLN C 281 17.82 13.10 -38.17
C GLN C 281 18.70 12.50 -37.08
N ASP C 282 19.82 13.17 -36.78
CA ASP C 282 20.76 12.71 -35.79
C ASP C 282 20.11 12.54 -34.42
N LEU C 283 20.42 11.45 -33.73
CA LEU C 283 19.77 11.11 -32.46
C LEU C 283 19.86 12.22 -31.41
N GLN C 284 21.08 12.70 -31.18
CA GLN C 284 21.29 13.70 -30.13
C GLN C 284 20.60 15.01 -30.45
N LEU C 285 20.56 15.34 -31.74
CA LEU C 285 19.84 16.53 -32.21
C LEU C 285 18.36 16.41 -31.84
N VAL C 286 17.77 15.28 -32.20
CA VAL C 286 16.35 15.05 -31.95
C VAL C 286 16.04 15.01 -30.45
N LYS C 287 16.87 14.29 -29.69
CA LYS C 287 16.70 14.24 -28.24
C LYS C 287 16.86 15.64 -27.64
N GLY C 288 17.83 16.38 -28.15
CA GLY C 288 18.05 17.76 -27.72
C GLY C 288 16.84 18.60 -28.06
N ALA C 289 16.23 18.36 -29.22
CA ALA C 289 15.06 19.12 -29.62
C ALA C 289 13.87 18.72 -28.75
N MET C 290 13.81 17.45 -28.38
CA MET C 290 12.72 16.96 -27.52
C MET C 290 12.81 17.58 -26.12
N ALA C 291 14.02 17.61 -25.57
CA ALA C 291 14.23 18.19 -24.25
C ALA C 291 13.93 19.69 -24.25
N ALA C 292 14.33 20.37 -25.32
CA ALA C 292 14.06 21.79 -25.44
C ALA C 292 12.57 22.07 -25.47
N THR C 293 11.81 21.18 -26.11
CA THR C 293 10.38 21.34 -26.21
C THR C 293 9.74 21.24 -24.83
N TYR C 294 10.11 20.21 -24.08
CA TYR C 294 9.55 20.02 -22.76
C TYR C 294 10.07 21.02 -21.74
N SER C 295 11.34 21.39 -21.86
CA SER C 295 11.86 22.47 -21.01
C SER C 295 10.98 23.71 -21.18
N ALA C 296 10.80 24.12 -22.43
CA ALA C 296 10.02 25.31 -22.77
C ALA C 296 8.59 25.23 -22.24
N LEU C 297 8.03 24.02 -22.28
CA LEU C 297 6.65 23.80 -21.87
C LEU C 297 6.50 23.91 -20.35
N ASN C 298 7.47 23.35 -19.63
CA ASN C 298 7.40 23.19 -18.18
C ASN C 298 8.12 24.28 -17.41
N SER C 299 8.77 25.21 -18.11
CA SER C 299 9.54 26.27 -17.46
C SER C 299 8.63 27.40 -16.98
N SER C 300 8.93 27.89 -15.77
CA SER C 300 8.22 29.03 -15.21
C SER C 300 9.22 30.12 -14.83
N LYS C 301 8.84 31.37 -15.02
CA LYS C 301 9.66 32.49 -14.63
C LYS C 301 9.83 32.46 -13.11
N PRO C 302 11.08 32.29 -12.64
CA PRO C 302 11.34 32.30 -11.20
C PRO C 302 10.65 33.48 -10.52
N THR C 303 10.10 33.23 -9.35
CA THR C 303 9.31 34.26 -8.65
C THR C 303 10.21 35.18 -7.82
N PRO C 304 9.79 36.46 -7.68
CA PRO C 304 10.60 37.44 -6.94
C PRO C 304 10.73 37.09 -5.46
N GLN C 305 11.85 37.49 -4.87
CA GLN C 305 12.08 37.30 -3.45
C GLN C 305 11.20 38.24 -2.64
N LEU C 306 10.91 37.86 -1.39
CA LEU C 306 10.23 38.77 -0.48
C LEU C 306 11.10 39.98 -0.17
N LYS C 307 10.42 41.12 0.01
CA LYS C 307 11.10 42.35 0.43
C LYS C 307 11.08 42.37 1.97
N PRO C 308 11.87 43.26 2.58
CA PRO C 308 11.75 43.49 4.02
C PRO C 308 10.34 43.90 4.40
N ILE C 309 9.94 43.57 5.62
CA ILE C 309 8.61 43.88 6.14
C ILE C 309 8.29 45.36 5.96
N GLU C 310 9.31 46.20 6.15
CA GLU C 310 9.16 47.64 6.06
C GLU C 310 8.79 48.13 4.65
N SER C 311 8.78 47.23 3.66
CA SER C 311 8.27 47.59 2.33
C SER C 311 6.75 47.66 2.31
N SER C 312 6.12 47.24 3.41
CA SER C 312 4.66 47.21 3.49
C SER C 312 4.15 48.49 4.17
N ILE C 313 3.15 49.12 3.57
CA ILE C 313 2.64 50.40 4.09
C ILE C 313 2.03 50.26 5.50
N LEU C 314 1.27 49.20 5.73
CA LEU C 314 0.76 48.90 7.06
C LEU C 314 1.90 48.80 8.09
N ALA C 315 2.97 48.11 7.73
CA ALA C 315 4.11 47.96 8.63
C ALA C 315 4.77 49.31 8.91
N GLN C 316 4.81 50.16 7.89
CA GLN C 316 5.39 51.50 8.04
C GLN C 316 4.60 52.28 9.08
N ARG C 317 3.30 52.04 9.14
CA ARG C 317 2.47 52.78 10.09
C ARG C 317 2.82 52.34 11.52
N ARG C 318 3.23 51.08 11.69
CA ARG C 318 3.49 50.54 13.03
C ARG C 318 4.86 50.88 13.63
N VAL C 319 5.78 51.37 12.82
CA VAL C 319 7.06 51.81 13.37
C VAL C 319 7.04 53.32 13.67
N ARG C 320 7.24 53.65 14.94
CA ARG C 320 7.31 55.04 15.41
C ARG C 320 6.15 55.90 14.93
N GLY D 12 -11.53 35.78 -31.89
CA GLY D 12 -12.34 35.11 -30.89
C GLY D 12 -11.78 35.28 -29.49
N PRO D 13 -12.44 34.67 -28.50
CA PRO D 13 -12.02 34.76 -27.10
C PRO D 13 -10.76 33.95 -26.81
N GLU D 14 -9.89 34.49 -25.96
CA GLU D 14 -8.69 33.76 -25.56
C GLU D 14 -9.07 32.51 -24.78
N MET D 15 -8.25 31.47 -24.91
CA MET D 15 -8.47 30.21 -24.22
C MET D 15 -7.28 29.86 -23.36
N VAL D 16 -7.52 29.64 -22.07
CA VAL D 16 -6.44 29.29 -21.16
C VAL D 16 -6.62 27.87 -20.67
N ARG D 17 -5.60 27.04 -20.90
CA ARG D 17 -5.60 25.61 -20.55
C ARG D 17 -6.91 24.91 -20.93
N GLY D 18 -7.36 25.14 -22.15
CA GLY D 18 -8.58 24.50 -22.63
C GLY D 18 -9.86 25.20 -22.23
N GLN D 19 -9.78 26.15 -21.29
CA GLN D 19 -10.98 26.89 -20.86
C GLN D 19 -11.08 28.25 -21.56
N VAL D 20 -12.24 28.53 -22.15
CA VAL D 20 -12.46 29.85 -22.73
C VAL D 20 -12.64 30.88 -21.61
N PHE D 21 -12.02 32.05 -21.79
CA PHE D 21 -12.19 33.19 -20.91
C PHE D 21 -12.79 34.35 -21.70
N ASP D 22 -14.12 34.39 -21.76
CA ASP D 22 -14.80 35.38 -22.56
C ASP D 22 -14.86 36.72 -21.82
N VAL D 23 -13.73 37.43 -21.75
CA VAL D 23 -13.69 38.68 -20.99
C VAL D 23 -13.23 39.88 -21.83
N GLY D 24 -13.05 39.66 -23.12
CA GLY D 24 -12.74 40.75 -24.03
C GLY D 24 -13.95 41.65 -24.24
N PRO D 25 -13.73 42.85 -24.81
CA PRO D 25 -12.41 43.35 -25.17
C PRO D 25 -11.73 44.16 -24.05
N ARG D 26 -12.37 44.33 -22.91
CA ARG D 26 -11.74 45.10 -21.84
C ARG D 26 -10.50 44.41 -21.29
N TYR D 27 -10.57 43.10 -21.10
CA TYR D 27 -9.44 42.36 -20.52
C TYR D 27 -8.80 41.46 -21.56
N THR D 28 -7.51 41.65 -21.82
CA THR D 28 -6.79 40.89 -22.85
C THR D 28 -5.44 40.35 -22.35
N ASN D 29 -4.74 39.65 -23.22
CA ASN D 29 -3.41 39.12 -22.91
C ASN D 29 -3.44 38.25 -21.65
N LEU D 30 -4.28 37.22 -21.67
CA LEU D 30 -4.54 36.40 -20.49
C LEU D 30 -3.43 35.40 -20.23
N SER D 31 -3.17 35.14 -18.95
CA SER D 31 -2.11 34.23 -18.56
C SER D 31 -2.52 33.44 -17.32
N TYR D 32 -2.28 32.14 -17.35
CA TYR D 32 -2.67 31.26 -16.24
C TYR D 32 -1.90 31.58 -14.96
N ILE D 33 -2.60 31.72 -13.83
CA ILE D 33 -1.88 31.95 -12.58
C ILE D 33 -2.28 30.98 -11.49
N GLY D 34 -3.35 30.22 -11.71
CA GLY D 34 -3.76 29.25 -10.71
C GLY D 34 -5.18 28.74 -10.82
N GLU D 35 -5.53 27.85 -9.90
CA GLU D 35 -6.87 27.28 -9.84
C GLU D 35 -7.12 26.66 -8.47
N GLY D 36 -8.40 26.49 -8.17
CA GLY D 36 -8.80 25.78 -6.98
C GLY D 36 -9.65 24.62 -7.41
N ALA D 37 -10.52 24.15 -6.53
CA ALA D 37 -11.45 23.09 -6.90
C ALA D 37 -12.65 23.62 -7.70
N TYR D 38 -12.89 24.93 -7.66
CA TYR D 38 -14.12 25.49 -8.24
C TYR D 38 -13.85 26.47 -9.39
N GLY D 39 -12.73 27.17 -9.35
CA GLY D 39 -12.45 28.20 -10.33
C GLY D 39 -11.07 28.10 -10.96
N MET D 40 -10.94 28.68 -12.15
CA MET D 40 -9.62 28.88 -12.74
C MET D 40 -9.29 30.36 -12.73
N VAL D 41 -8.06 30.70 -12.36
CA VAL D 41 -7.67 32.09 -12.24
C VAL D 41 -6.54 32.46 -13.19
N CYS D 42 -6.75 33.54 -13.94
N CYS D 42 -6.73 33.55 -13.91
CA CYS D 42 -5.75 34.10 -14.83
CA CYS D 42 -5.72 34.08 -14.80
C CYS D 42 -5.42 35.53 -14.46
C CYS D 42 -5.41 35.52 -14.44
N SER D 43 -4.26 36.00 -14.91
CA SER D 43 -3.95 37.41 -14.88
C SER D 43 -4.35 37.90 -16.27
N ALA D 44 -4.68 39.18 -16.37
CA ALA D 44 -5.12 39.76 -17.62
C ALA D 44 -4.84 41.25 -17.63
N TYR D 45 -4.72 41.84 -18.80
CA TYR D 45 -4.51 43.27 -18.88
C TYR D 45 -5.84 44.02 -19.00
N ASP D 46 -6.08 44.89 -18.03
CA ASP D 46 -7.25 45.76 -18.07
C ASP D 46 -6.95 46.97 -18.96
N ASN D 47 -7.54 46.98 -20.16
CA ASN D 47 -7.32 48.06 -21.10
C ASN D 47 -7.92 49.40 -20.67
N VAL D 48 -8.74 49.37 -19.63
CA VAL D 48 -9.34 50.60 -19.13
C VAL D 48 -8.46 51.26 -18.08
N ASN D 49 -8.06 50.49 -17.07
CA ASN D 49 -7.26 51.01 -15.97
C ASN D 49 -5.76 50.81 -16.20
N LYS D 50 -5.42 50.13 -17.29
CA LYS D 50 -4.03 50.05 -17.77
C LYS D 50 -3.11 49.33 -16.80
N VAL D 51 -3.64 48.28 -16.19
CA VAL D 51 -2.90 47.49 -15.21
C VAL D 51 -3.31 46.04 -15.38
N ARG D 52 -2.46 45.11 -14.94
CA ARG D 52 -2.86 43.70 -14.94
C ARG D 52 -3.66 43.36 -13.69
N VAL D 53 -4.71 42.56 -13.88
CA VAL D 53 -5.62 42.18 -12.82
C VAL D 53 -5.71 40.65 -12.75
N ALA D 54 -6.34 40.14 -11.69
CA ALA D 54 -6.67 38.72 -11.59
C ALA D 54 -8.13 38.49 -11.98
N ILE D 55 -8.37 37.42 -12.74
CA ILE D 55 -9.73 37.06 -13.12
C ILE D 55 -10.00 35.59 -12.82
N LYS D 56 -11.03 35.33 -12.01
CA LYS D 56 -11.44 33.97 -11.73
C LYS D 56 -12.73 33.62 -12.44
N LYS D 57 -12.70 32.54 -13.19
CA LYS D 57 -13.86 32.03 -13.89
C LYS D 57 -14.47 30.87 -13.12
N ILE D 58 -15.76 30.96 -12.81
CA ILE D 58 -16.51 29.84 -12.25
C ILE D 58 -17.71 29.54 -13.13
N SER D 59 -18.19 28.30 -13.07
CA SER D 59 -19.36 27.88 -13.83
C SER D 59 -20.27 27.03 -12.92
N PRO D 60 -21.08 27.70 -12.11
CA PRO D 60 -21.67 27.07 -10.94
C PRO D 60 -23.12 26.62 -11.10
N PHE D 61 -23.75 26.90 -12.23
CA PHE D 61 -25.20 26.95 -12.24
C PHE D 61 -25.89 25.60 -12.32
N GLU D 62 -25.12 24.53 -12.51
CA GLU D 62 -25.72 23.21 -12.56
C GLU D 62 -25.93 22.62 -11.16
N HIS D 63 -25.40 23.27 -10.12
CA HIS D 63 -25.56 22.75 -8.77
C HIS D 63 -25.75 23.81 -7.69
N GLN D 64 -26.74 23.57 -6.84
CA GLN D 64 -27.11 24.47 -5.76
C GLN D 64 -25.90 24.89 -4.91
N THR D 65 -25.06 23.93 -4.52
CA THR D 65 -23.94 24.25 -3.63
C THR D 65 -22.87 25.09 -4.33
N TYR D 66 -22.70 24.91 -5.64
CA TYR D 66 -21.76 25.73 -6.39
C TYR D 66 -22.32 27.13 -6.52
N CYS D 67 -23.64 27.23 -6.67
CA CYS D 67 -24.30 28.53 -6.71
C CYS D 67 -24.15 29.26 -5.37
N GLN D 68 -24.26 28.50 -4.29
CA GLN D 68 -24.07 29.08 -2.96
C GLN D 68 -22.68 29.71 -2.84
N ARG D 69 -21.64 28.95 -3.21
CA ARG D 69 -20.26 29.45 -3.15
C ARG D 69 -20.13 30.77 -3.88
N THR D 70 -20.67 30.81 -5.09
CA THR D 70 -20.60 31.98 -5.95
C THR D 70 -21.28 33.20 -5.35
N LEU D 71 -22.46 32.98 -4.81
CA LEU D 71 -23.26 34.10 -4.30
C LEU D 71 -22.67 34.59 -2.99
N ARG D 72 -22.25 33.66 -2.15
CA ARG D 72 -21.65 34.01 -0.87
C ARG D 72 -20.39 34.86 -1.08
N GLU D 73 -19.49 34.40 -1.94
CA GLU D 73 -18.26 35.12 -2.19
C GLU D 73 -18.52 36.47 -2.83
N ILE D 74 -19.41 36.51 -3.81
CA ILE D 74 -19.67 37.79 -4.49
C ILE D 74 -20.29 38.80 -3.53
N LYS D 75 -21.35 38.40 -2.83
CA LYS D 75 -22.06 39.36 -2.00
C LYS D 75 -21.17 39.85 -0.84
N ILE D 76 -20.45 38.93 -0.21
CA ILE D 76 -19.64 39.32 0.95
C ILE D 76 -18.47 40.22 0.53
N LEU D 77 -17.76 39.84 -0.52
CA LEU D 77 -16.60 40.61 -0.94
C LEU D 77 -16.99 41.99 -1.49
N LEU D 78 -18.14 42.08 -2.16
CA LEU D 78 -18.60 43.41 -2.63
C LEU D 78 -18.94 44.31 -1.44
N ARG D 79 -19.30 43.71 -0.31
CA ARG D 79 -19.66 44.51 0.87
C ARG D 79 -18.45 44.88 1.73
N PHE D 80 -17.56 43.91 1.93
CA PHE D 80 -16.44 44.13 2.83
C PHE D 80 -15.46 45.15 2.27
N ARG D 81 -14.93 46.00 3.16
CA ARG D 81 -13.85 46.92 2.82
C ARG D 81 -12.75 46.85 3.85
N HIS D 82 -11.65 46.17 3.53
CA HIS D 82 -10.53 46.02 4.47
C HIS D 82 -9.23 45.74 3.71
N GLU D 83 -8.14 46.32 4.22
CA GLU D 83 -6.82 46.19 3.59
C GLU D 83 -6.34 44.75 3.45
N ASN D 84 -6.74 43.88 4.38
CA ASN D 84 -6.28 42.51 4.40
C ASN D 84 -7.33 41.53 3.88
N ILE D 85 -8.25 42.04 3.08
CA ILE D 85 -9.28 41.22 2.44
C ILE D 85 -9.38 41.61 0.96
N ILE D 86 -9.32 40.62 0.07
CA ILE D 86 -9.36 40.94 -1.36
C ILE D 86 -10.70 41.59 -1.71
N GLY D 87 -10.66 42.59 -2.58
CA GLY D 87 -11.88 43.22 -3.05
C GLY D 87 -12.30 42.66 -4.39
N ILE D 88 -13.53 42.96 -4.82
CA ILE D 88 -13.95 42.65 -6.18
C ILE D 88 -14.13 43.95 -6.94
N ASN D 89 -13.43 44.07 -8.06
CA ASN D 89 -13.48 45.32 -8.82
C ASN D 89 -14.49 45.30 -9.96
N ASP D 90 -14.82 44.10 -10.45
CA ASP D 90 -15.63 43.98 -11.66
C ASP D 90 -16.12 42.56 -11.76
N ILE D 91 -17.25 42.38 -12.43
CA ILE D 91 -17.78 41.05 -12.64
C ILE D 91 -18.34 40.97 -14.05
N ILE D 92 -17.96 39.91 -14.76
CA ILE D 92 -18.41 39.74 -16.12
C ILE D 92 -19.32 38.52 -16.23
N ARG D 93 -20.46 38.69 -16.88
CA ARG D 93 -21.32 37.58 -17.26
C ARG D 93 -22.22 37.99 -18.43
N ALA D 94 -22.98 37.03 -18.96
CA ALA D 94 -23.86 37.26 -20.11
C ALA D 94 -24.99 38.25 -19.79
N PRO D 95 -25.43 39.03 -20.80
CA PRO D 95 -26.45 40.08 -20.61
C PRO D 95 -27.85 39.55 -20.24
N THR D 96 -28.14 38.30 -20.59
CA THR D 96 -29.41 37.70 -20.21
C THR D 96 -29.16 36.50 -19.33
N ILE D 97 -30.12 36.18 -18.46
CA ILE D 97 -29.91 35.13 -17.47
C ILE D 97 -29.78 33.77 -18.14
N GLU D 98 -30.50 33.56 -19.23
CA GLU D 98 -30.46 32.27 -19.93
C GLU D 98 -29.11 32.00 -20.61
N GLN D 99 -28.42 33.09 -20.98
CA GLN D 99 -27.11 32.97 -21.61
C GLN D 99 -25.98 32.83 -20.58
N MET D 100 -26.27 33.18 -19.33
CA MET D 100 -25.24 33.14 -18.29
C MET D 100 -24.93 31.71 -17.91
N LYS D 101 -23.73 31.24 -18.24
CA LYS D 101 -23.26 29.92 -17.81
C LYS D 101 -22.01 30.05 -16.97
N ASP D 102 -21.28 31.14 -17.20
CA ASP D 102 -20.03 31.41 -16.52
C ASP D 102 -20.10 32.76 -15.84
N VAL D 103 -19.37 32.91 -14.74
CA VAL D 103 -19.18 34.19 -14.08
C VAL D 103 -17.67 34.43 -13.96
N TYR D 104 -17.22 35.64 -14.28
CA TYR D 104 -15.80 35.99 -14.14
C TYR D 104 -15.65 37.04 -13.05
N ILE D 105 -14.95 36.71 -11.98
CA ILE D 105 -14.74 37.66 -10.89
C ILE D 105 -13.36 38.33 -11.02
N VAL D 106 -13.38 39.65 -11.18
CA VAL D 106 -12.18 40.45 -11.41
C VAL D 106 -11.67 41.09 -10.11
N GLN D 107 -10.39 40.90 -9.80
CA GLN D 107 -9.81 41.38 -8.53
C GLN D 107 -8.42 41.97 -8.76
N ASP D 108 -7.90 42.68 -7.77
CA ASP D 108 -6.48 43.05 -7.78
C ASP D 108 -5.63 41.80 -7.98
N LEU D 109 -4.63 41.92 -8.84
CA LEU D 109 -3.66 40.86 -9.05
C LEU D 109 -2.67 40.80 -7.89
N MET D 110 -2.74 39.74 -7.11
CA MET D 110 -1.74 39.49 -6.07
C MET D 110 -0.64 38.61 -6.68
N GLU D 111 0.58 38.73 -6.18
CA GLU D 111 1.74 38.07 -6.81
C GLU D 111 1.78 36.58 -6.55
N THR D 112 1.41 36.17 -5.34
CA THR D 112 1.45 34.76 -4.99
C THR D 112 0.50 34.50 -3.82
N ASP D 113 0.50 33.28 -3.30
CA ASP D 113 -0.25 32.97 -2.09
C ASP D 113 0.67 32.25 -1.13
N LEU D 114 0.23 32.06 0.12
CA LEU D 114 1.11 31.48 1.12
C LEU D 114 1.47 30.03 0.78
N TYR D 115 0.56 29.30 0.14
CA TYR D 115 0.83 27.92 -0.26
C TYR D 115 2.04 27.85 -1.21
N LYS D 116 2.00 28.65 -2.28
CA LYS D 116 3.06 28.60 -3.28
C LYS D 116 4.38 29.08 -2.67
N LEU D 117 4.30 30.09 -1.83
CA LEU D 117 5.45 30.64 -1.14
C LEU D 117 6.17 29.60 -0.29
N LEU D 118 5.42 28.89 0.54
CA LEU D 118 6.04 27.89 1.41
C LEU D 118 6.62 26.71 0.61
N LYS D 119 6.19 26.55 -0.64
CA LYS D 119 6.76 25.52 -1.50
C LYS D 119 8.12 25.94 -2.02
N THR D 120 8.39 27.24 -2.03
CA THR D 120 9.61 27.70 -2.70
C THR D 120 10.67 28.30 -1.76
N GLN D 121 10.35 28.50 -0.49
CA GLN D 121 11.29 29.19 0.40
C GLN D 121 10.93 29.01 1.86
N HIS D 122 11.82 29.43 2.75
CA HIS D 122 11.49 29.53 4.17
C HIS D 122 11.11 30.96 4.51
N LEU D 123 10.31 31.14 5.55
CA LEU D 123 9.98 32.50 6.01
C LEU D 123 10.82 32.85 7.22
N SER D 124 11.33 34.08 7.24
CA SER D 124 12.08 34.56 8.41
C SER D 124 11.13 34.62 9.61
N ASN D 125 11.67 34.56 10.82
CA ASN D 125 10.83 34.68 12.01
C ASN D 125 10.02 35.98 12.02
N ASP D 126 10.61 37.08 11.56
CA ASP D 126 9.88 38.35 11.52
C ASP D 126 8.70 38.34 10.51
N HIS D 127 8.89 37.75 9.34
CA HIS D 127 7.77 37.68 8.36
C HIS D 127 6.63 36.80 8.87
N ILE D 128 6.97 35.70 9.53
CA ILE D 128 5.96 34.80 10.09
C ILE D 128 5.08 35.64 11.03
N CYS D 129 5.73 36.41 11.89
CA CYS D 129 5.03 37.27 12.83
C CYS D 129 4.12 38.28 12.11
N TYR D 130 4.65 38.96 11.10
CA TYR D 130 3.89 39.99 10.41
C TYR D 130 2.75 39.41 9.56
N PHE D 131 3.00 38.28 8.92
CA PHE D 131 1.95 37.62 8.14
C PHE D 131 0.80 37.19 9.06
N LEU D 132 1.16 36.67 10.22
CA LEU D 132 0.15 36.23 11.19
C LEU D 132 -0.64 37.44 11.63
N TYR D 133 0.07 38.54 11.89
CA TYR D 133 -0.60 39.78 12.28
C TYR D 133 -1.67 40.16 11.26
N GLN D 134 -1.32 40.11 9.97
CA GLN D 134 -2.27 40.52 8.94
C GLN D 134 -3.43 39.55 8.81
N ILE D 135 -3.17 38.26 8.97
CA ILE D 135 -4.24 37.27 8.93
C ILE D 135 -5.27 37.63 10.01
N LEU D 136 -4.78 37.83 11.22
CA LEU D 136 -5.63 38.12 12.36
C LEU D 136 -6.33 39.47 12.25
N ARG D 137 -5.63 40.45 11.68
CA ARG D 137 -6.23 41.76 11.44
C ARG D 137 -7.42 41.67 10.47
N GLY D 138 -7.28 40.90 9.40
CA GLY D 138 -8.36 40.71 8.46
C GLY D 138 -9.48 39.90 9.10
N LEU D 139 -9.10 38.85 9.81
CA LEU D 139 -10.09 38.01 10.48
C LEU D 139 -10.90 38.80 11.53
N LYS D 140 -10.26 39.72 12.23
CA LYS D 140 -10.99 40.54 13.20
C LYS D 140 -12.18 41.27 12.53
N TYR D 141 -11.92 41.78 11.32
CA TYR D 141 -12.95 42.46 10.52
C TYR D 141 -14.07 41.51 10.13
N ILE D 142 -13.69 40.34 9.59
CA ILE D 142 -14.67 39.32 9.21
C ILE D 142 -15.56 38.92 10.40
N HIS D 143 -14.94 38.59 11.51
CA HIS D 143 -15.69 38.19 12.68
C HIS D 143 -16.57 39.33 13.22
N SER D 144 -16.09 40.58 13.13
CA SER D 144 -16.85 41.73 13.59
C SER D 144 -18.08 41.91 12.72
N ALA D 145 -18.02 41.42 11.49
CA ALA D 145 -19.19 41.47 10.61
C ALA D 145 -20.14 40.31 10.90
N ASN D 146 -19.88 39.55 11.97
CA ASN D 146 -20.68 38.36 12.29
C ASN D 146 -20.60 37.27 11.22
N VAL D 147 -19.44 37.17 10.58
CA VAL D 147 -19.24 36.20 9.51
C VAL D 147 -18.12 35.23 9.88
N LEU D 148 -18.32 33.94 9.58
CA LEU D 148 -17.27 32.93 9.62
C LEU D 148 -16.73 32.67 8.24
N HIS D 149 -15.42 32.69 8.08
CA HIS D 149 -14.82 32.35 6.78
C HIS D 149 -14.98 30.87 6.50
N ARG D 150 -14.63 30.06 7.51
CA ARG D 150 -14.81 28.61 7.53
C ARG D 150 -13.85 27.79 6.64
N ASP D 151 -13.00 28.45 5.88
CA ASP D 151 -12.09 27.70 5.01
C ASP D 151 -10.72 28.35 4.84
N LEU D 152 -10.17 28.92 5.91
CA LEU D 152 -8.87 29.56 5.82
C LEU D 152 -7.80 28.50 5.59
N LYS D 153 -6.82 28.78 4.73
CA LYS D 153 -5.75 27.81 4.41
C LYS D 153 -4.66 28.61 3.69
N PRO D 154 -3.43 28.07 3.64
CA PRO D 154 -2.37 28.81 2.98
C PRO D 154 -2.74 29.26 1.57
N SER D 155 -3.50 28.45 0.83
CA SER D 155 -3.74 28.80 -0.57
C SER D 155 -4.72 29.97 -0.78
N ASN D 156 -5.48 30.38 0.25
CA ASN D 156 -6.29 31.58 0.07
C ASN D 156 -5.78 32.75 0.89
N LEU D 157 -4.52 32.70 1.31
CA LEU D 157 -3.88 33.91 1.85
C LEU D 157 -2.99 34.47 0.76
N LEU D 158 -3.46 35.52 0.10
CA LEU D 158 -2.75 36.10 -1.05
C LEU D 158 -1.67 37.04 -0.54
N LEU D 159 -0.56 37.12 -1.27
CA LEU D 159 0.58 37.94 -0.84
C LEU D 159 1.18 38.67 -2.01
N ASN D 160 1.68 39.88 -1.74
CA ASN D 160 2.60 40.53 -2.66
C ASN D 160 4.00 40.48 -2.04
N THR D 161 5.04 40.68 -2.84
CA THR D 161 6.38 40.58 -2.28
C THR D 161 6.70 41.81 -1.43
N THR D 162 5.82 42.80 -1.44
CA THR D 162 5.93 43.91 -0.48
C THR D 162 5.48 43.48 0.92
N CYS D 163 5.08 42.21 1.04
CA CYS D 163 4.62 41.58 2.29
C CYS D 163 3.18 41.93 2.68
N ASP D 164 2.41 42.53 1.77
CA ASP D 164 1.01 42.77 2.03
C ASP D 164 0.23 41.47 1.84
N LEU D 165 -0.63 41.15 2.80
CA LEU D 165 -1.42 39.92 2.76
C LEU D 165 -2.93 40.22 2.64
N LYS D 166 -3.62 39.42 1.83
CA LYS D 166 -5.07 39.54 1.69
C LYS D 166 -5.77 38.18 1.68
N ILE D 167 -6.76 38.03 2.56
CA ILE D 167 -7.63 36.84 2.57
C ILE D 167 -8.60 36.86 1.38
N CYS D 168 -8.74 35.71 0.73
CA CYS D 168 -9.69 35.57 -0.38
C CYS D 168 -10.52 34.29 -0.20
N ASP D 169 -11.25 33.92 -1.25
CA ASP D 169 -11.89 32.60 -1.31
C ASP D 169 -13.00 32.43 -0.24
N PHE D 170 -14.04 33.23 -0.36
CA PHE D 170 -15.12 33.32 0.64
C PHE D 170 -16.33 32.48 0.29
N GLY D 171 -16.14 31.49 -0.58
CA GLY D 171 -17.23 30.65 -1.02
C GLY D 171 -17.89 29.81 0.07
N LEU D 172 -17.18 29.55 1.16
CA LEU D 172 -17.81 28.76 2.22
C LEU D 172 -18.26 29.59 3.44
N ALA D 173 -18.10 30.90 3.35
CA ALA D 173 -18.38 31.81 4.46
C ALA D 173 -19.88 31.87 4.81
N ARG D 174 -20.17 31.91 6.11
CA ARG D 174 -21.55 31.98 6.61
C ARG D 174 -21.68 33.03 7.71
N VAL D 175 -22.91 33.50 7.90
CA VAL D 175 -23.23 34.34 9.02
C VAL D 175 -23.22 33.47 10.26
N ALA D 176 -22.54 33.92 11.31
CA ALA D 176 -22.44 33.17 12.56
C ALA D 176 -23.82 32.84 13.09
N ASP D 177 -23.97 31.61 13.57
CA ASP D 177 -25.23 31.11 14.11
C ASP D 177 -24.98 29.71 14.70
N PRO D 178 -24.49 29.67 15.95
CA PRO D 178 -24.10 28.41 16.62
C PRO D 178 -25.25 27.43 16.75
N ASP D 179 -26.43 27.92 17.11
CA ASP D 179 -27.60 27.08 17.31
C ASP D 179 -28.29 26.74 15.98
N HIS D 180 -27.48 26.35 14.99
CA HIS D 180 -27.98 25.98 13.67
C HIS D 180 -27.48 24.58 13.28
N GLY D 184 -22.48 24.18 5.96
CA GLY D 184 -22.40 23.54 4.65
C GLY D 184 -21.09 22.83 4.35
N PHE D 185 -20.69 21.90 5.23
CA PHE D 185 -19.46 21.14 5.03
C PHE D 185 -19.74 19.76 4.49
N LEU D 186 -20.79 19.16 5.04
CA LEU D 186 -21.20 17.79 4.72
C LEU D 186 -21.22 17.52 3.23
N THR D 187 -20.26 16.70 2.79
CA THR D 187 -20.15 16.19 1.42
C THR D 187 -19.67 17.24 0.42
N GLU D 188 -19.39 18.45 0.90
CA GLU D 188 -18.90 19.50 0.02
C GLU D 188 -17.42 19.28 -0.28
N TYR D 189 -17.07 19.08 -1.54
CA TYR D 189 -15.68 18.87 -1.93
C TYR D 189 -14.84 20.12 -1.66
N VAL D 190 -13.74 19.93 -0.92
CA VAL D 190 -12.72 20.97 -0.82
C VAL D 190 -11.38 20.32 -1.16
N ALA D 191 -10.41 21.12 -1.59
CA ALA D 191 -9.11 20.61 -1.98
C ALA D 191 -8.34 20.14 -0.75
N THR D 192 -8.62 20.73 0.39
CA THR D 192 -7.92 20.31 1.60
C THR D 192 -8.72 20.55 2.88
N ARG D 193 -8.68 19.55 3.77
CA ARG D 193 -9.41 19.60 5.02
C ARG D 193 -8.50 19.74 6.21
N TRP D 194 -7.20 19.88 5.95
CA TRP D 194 -6.20 19.86 7.02
C TRP D 194 -6.22 21.05 7.98
N TYR D 195 -7.06 22.06 7.71
CA TYR D 195 -7.04 23.27 8.55
C TYR D 195 -8.35 23.39 9.34
N ARG D 196 -9.14 22.31 9.27
CA ARG D 196 -10.43 22.28 9.92
C ARG D 196 -10.31 21.91 11.39
N ALA D 197 -11.10 22.58 12.22
CA ALA D 197 -11.08 22.36 13.66
C ALA D 197 -11.57 20.96 14.02
N PRO D 198 -11.12 20.44 15.16
CA PRO D 198 -11.57 19.10 15.57
C PRO D 198 -13.09 18.98 15.71
N GLU D 199 -13.77 20.02 16.23
CA GLU D 199 -15.20 19.92 16.45
C GLU D 199 -15.93 19.72 15.11
N ILE D 200 -15.36 20.23 14.04
CA ILE D 200 -15.92 19.98 12.70
C ILE D 200 -15.79 18.49 12.33
N MET D 201 -14.62 17.91 12.59
CA MET D 201 -14.37 16.50 12.32
C MET D 201 -15.19 15.55 13.17
N LEU D 202 -15.45 15.94 14.42
CA LEU D 202 -16.24 15.13 15.34
C LEU D 202 -17.72 15.38 15.12
N ASN D 203 -18.00 16.33 14.24
CA ASN D 203 -19.37 16.74 13.93
C ASN D 203 -20.13 17.14 15.19
N SER D 204 -19.53 18.02 15.99
CA SER D 204 -20.19 18.52 17.19
C SER D 204 -21.32 19.50 16.85
N LYS D 205 -21.23 20.12 15.68
CA LYS D 205 -22.32 20.91 15.08
C LYS D 205 -22.83 22.09 15.93
N GLY D 206 -21.94 22.70 16.71
CA GLY D 206 -22.25 23.95 17.38
C GLY D 206 -21.14 24.97 17.09
N TYR D 207 -20.78 25.09 15.82
CA TYR D 207 -19.57 25.81 15.43
C TYR D 207 -19.66 27.31 15.67
N THR D 208 -18.53 27.88 16.09
CA THR D 208 -18.46 29.31 16.37
C THR D 208 -17.29 29.90 15.60
N LYS D 209 -17.06 31.21 15.79
CA LYS D 209 -15.87 31.87 15.28
C LYS D 209 -14.58 31.13 15.59
N SER D 210 -14.61 30.30 16.63
CA SER D 210 -13.41 29.60 17.06
C SER D 210 -12.86 28.62 16.00
N ILE D 211 -13.70 28.16 15.08
CA ILE D 211 -13.16 27.27 14.03
C ILE D 211 -12.16 28.02 13.16
N ASP D 212 -12.39 29.32 12.93
CA ASP D 212 -11.44 30.11 12.12
C ASP D 212 -10.10 30.29 12.86
N ILE D 213 -10.16 30.51 14.16
CA ILE D 213 -8.94 30.61 14.97
C ILE D 213 -8.11 29.32 14.88
N TRP D 214 -8.78 28.17 14.91
CA TRP D 214 -8.07 26.90 14.75
C TRP D 214 -7.30 26.85 13.43
N SER D 215 -7.95 27.26 12.34
CA SER D 215 -7.30 27.26 11.02
C SER D 215 -6.05 28.14 11.04
N VAL D 216 -6.16 29.30 11.68
CA VAL D 216 -5.04 30.23 11.70
C VAL D 216 -3.88 29.62 12.49
N GLY D 217 -4.16 28.97 13.61
CA GLY D 217 -3.15 28.22 14.35
C GLY D 217 -2.47 27.15 13.50
N CYS D 218 -3.23 26.42 12.70
CA CYS D 218 -2.67 25.42 11.80
C CYS D 218 -1.73 26.07 10.78
N ILE D 219 -2.11 27.27 10.35
CA ILE D 219 -1.36 28.02 9.36
C ILE D 219 -0.08 28.58 10.01
N LEU D 220 -0.20 29.02 11.24
CA LEU D 220 0.98 29.53 11.95
C LEU D 220 2.02 28.39 12.13
N ALA D 221 1.54 27.20 12.47
CA ALA D 221 2.43 26.05 12.63
C ALA D 221 3.13 25.72 11.32
N GLU D 222 2.36 25.77 10.23
CA GLU D 222 2.92 25.46 8.93
C GLU D 222 3.97 26.49 8.52
N MET D 223 3.76 27.76 8.86
CA MET D 223 4.76 28.79 8.57
C MET D 223 6.05 28.53 9.36
N LEU D 224 5.92 27.93 10.54
CA LEU D 224 7.06 27.70 11.40
C LEU D 224 7.93 26.49 10.99
N SER D 225 7.40 25.63 10.12
CA SER D 225 8.08 24.36 9.82
C SER D 225 8.02 23.96 8.35
N ASN D 226 7.28 24.69 7.53
CA ASN D 226 7.02 24.31 6.13
C ASN D 226 6.45 22.91 6.03
N ARG D 227 5.63 22.52 6.99
CA ARG D 227 4.90 21.27 6.95
C ARG D 227 3.54 21.46 7.60
N PRO D 228 2.50 20.87 6.99
CA PRO D 228 1.18 20.86 7.62
C PRO D 228 1.26 20.13 8.96
N ILE D 229 0.62 20.67 10.01
CA ILE D 229 0.82 20.09 11.33
C ILE D 229 -0.12 18.91 11.53
N PHE D 230 -1.31 18.98 10.93
CA PHE D 230 -2.30 17.89 11.10
C PHE D 230 -2.82 17.32 9.79
N PRO D 231 -1.92 16.75 8.96
CA PRO D 231 -2.38 16.16 7.69
C PRO D 231 -3.11 14.85 7.93
N GLY D 232 -3.69 14.29 6.88
CA GLY D 232 -4.27 12.96 6.93
C GLY D 232 -5.28 12.80 5.81
N LYS D 233 -5.37 11.58 5.28
CA LYS D 233 -6.33 11.25 4.23
C LYS D 233 -7.77 11.37 4.74
N HIS D 234 -8.00 10.84 5.93
CA HIS D 234 -9.33 10.80 6.50
C HIS D 234 -9.38 11.55 7.81
N TYR D 235 -10.59 11.93 8.20
CA TYR D 235 -10.80 12.61 9.47
C TYR D 235 -10.25 11.79 10.63
N LEU D 236 -10.46 10.48 10.59
CA LEU D 236 -9.84 9.56 11.55
C LEU D 236 -8.35 9.84 11.71
N ASP D 237 -7.65 9.98 10.59
CA ASP D 237 -6.20 10.20 10.59
C ASP D 237 -5.86 11.57 11.16
N GLN D 238 -6.61 12.58 10.70
CA GLN D 238 -6.39 13.95 11.15
C GLN D 238 -6.58 14.08 12.66
N LEU D 239 -7.67 13.51 13.17
CA LEU D 239 -7.94 13.49 14.61
C LEU D 239 -6.85 12.78 15.41
N ASN D 240 -6.36 11.66 14.91
N ASN D 240 -6.39 11.63 14.90
CA ASN D 240 -5.30 10.94 15.61
CA ASN D 240 -5.27 10.91 15.50
C ASN D 240 -3.98 11.72 15.56
C ASN D 240 -4.06 11.81 15.61
N HIS D 241 -3.76 12.51 14.51
CA HIS D 241 -2.63 13.42 14.46
C HIS D 241 -2.78 14.53 15.50
N ILE D 242 -3.99 15.07 15.60
CA ILE D 242 -4.27 16.11 16.58
C ILE D 242 -4.08 15.62 18.02
N LEU D 243 -4.73 14.51 18.35
CA LEU D 243 -4.65 13.96 19.70
C LEU D 243 -3.23 13.51 20.03
N GLY D 244 -2.48 13.11 19.01
CA GLY D 244 -1.12 12.63 19.20
C GLY D 244 -0.18 13.78 19.53
N ILE D 245 -0.66 15.00 19.36
CA ILE D 245 0.11 16.20 19.68
C ILE D 245 -0.43 16.87 20.94
N LEU D 246 -1.73 17.11 20.99
CA LEU D 246 -2.34 17.83 22.10
C LEU D 246 -2.53 16.92 23.31
N GLY D 247 -2.56 15.61 23.07
CA GLY D 247 -2.85 14.66 24.13
C GLY D 247 -4.33 14.40 24.18
N SER D 248 -4.74 13.37 24.90
CA SER D 248 -6.16 13.07 25.07
C SER D 248 -6.86 14.23 25.76
N PRO D 249 -8.05 14.62 25.26
CA PRO D 249 -8.82 15.70 25.86
C PRO D 249 -9.15 15.42 27.32
N SER D 250 -9.13 16.47 28.14
CA SER D 250 -9.46 16.36 29.55
C SER D 250 -10.90 15.93 29.72
N GLN D 251 -11.24 15.47 30.92
CA GLN D 251 -12.63 15.11 31.20
C GLN D 251 -13.52 16.34 31.06
N GLU D 252 -13.00 17.49 31.48
CA GLU D 252 -13.74 18.75 31.39
C GLU D 252 -14.06 19.10 29.94
N ASP D 253 -13.09 18.89 29.05
CA ASP D 253 -13.27 19.18 27.64
C ASP D 253 -14.14 18.13 26.97
N LEU D 254 -13.89 16.88 27.34
CA LEU D 254 -14.58 15.75 26.74
C LEU D 254 -16.09 15.86 26.86
N ASN D 255 -16.58 16.17 28.05
CA ASN D 255 -18.03 16.30 28.23
C ASN D 255 -18.51 17.73 28.06
N CYS D 256 -17.82 18.49 27.22
CA CYS D 256 -18.31 19.80 26.78
C CYS D 256 -18.88 19.64 25.38
N ILE D 257 -19.06 18.39 24.97
CA ILE D 257 -19.49 18.06 23.62
C ILE D 257 -20.87 17.45 23.59
N ILE D 258 -21.73 17.93 22.69
CA ILE D 258 -23.03 17.31 22.48
C ILE D 258 -22.83 15.90 21.90
N ASN D 259 -23.94 15.26 21.51
CA ASN D 259 -23.90 13.86 21.07
C ASN D 259 -23.33 12.95 22.16
N LEU D 260 -22.89 11.78 21.72
CA LEU D 260 -22.23 10.80 22.57
C LEU D 260 -21.37 9.96 21.64
N LYS D 261 -21.88 9.78 20.42
CA LYS D 261 -21.21 9.00 19.39
C LYS D 261 -19.81 9.53 19.16
N ALA D 262 -19.67 10.85 19.16
CA ALA D 262 -18.33 11.44 19.12
C ALA D 262 -17.69 11.25 20.49
N ARG D 263 -18.39 11.69 21.54
CA ARG D 263 -17.88 11.65 22.91
C ARG D 263 -17.44 10.27 23.36
N ASN D 264 -18.08 9.22 22.84
CA ASN D 264 -17.72 7.85 23.20
C ASN D 264 -16.44 7.36 22.51
N TYR D 265 -16.19 7.85 21.30
CA TYR D 265 -15.04 7.38 20.52
C TYR D 265 -13.69 7.76 21.11
N LEU D 266 -13.53 9.02 21.54
CA LEU D 266 -12.28 9.48 22.16
C LEU D 266 -12.07 8.76 23.48
N LEU D 267 -13.18 8.43 24.14
CA LEU D 267 -13.13 7.65 25.37
C LEU D 267 -12.60 6.24 25.10
N SER D 268 -12.96 5.69 23.94
CA SER D 268 -12.49 4.37 23.55
C SER D 268 -11.01 4.40 23.19
N LEU D 269 -10.56 5.55 22.70
CA LEU D 269 -9.18 5.73 22.31
C LEU D 269 -8.25 5.59 23.49
N PRO D 270 -7.07 4.99 23.28
CA PRO D 270 -6.06 4.88 24.34
C PRO D 270 -5.47 6.23 24.70
N HIS D 271 -4.97 6.36 25.92
CA HIS D 271 -4.43 7.64 26.39
C HIS D 271 -3.18 8.08 25.62
N LYS D 272 -3.15 9.35 25.25
CA LYS D 272 -1.97 9.97 24.67
C LYS D 272 -1.56 11.19 25.49
N ASN D 273 -0.26 11.34 25.72
CA ASN D 273 0.25 12.51 26.43
C ASN D 273 0.41 13.70 25.51
N LYS D 274 0.36 14.90 26.08
CA LYS D 274 0.62 16.13 25.34
C LYS D 274 2.11 16.18 24.96
N VAL D 275 2.37 16.47 23.69
CA VAL D 275 3.72 16.74 23.22
C VAL D 275 3.99 18.23 23.35
N PRO D 276 4.95 18.62 24.20
CA PRO D 276 5.24 20.05 24.39
C PRO D 276 5.59 20.72 23.06
N TRP D 277 5.13 21.96 22.86
CA TRP D 277 5.30 22.64 21.58
C TRP D 277 6.77 22.87 21.23
N ASN D 278 7.62 23.02 22.23
CA ASN D 278 9.04 23.23 21.96
C ASN D 278 9.75 21.94 21.57
N ARG D 279 9.09 20.80 21.72
CA ARG D 279 9.70 19.55 21.27
C ARG D 279 9.32 19.31 19.81
N LEU D 280 8.15 19.82 19.43
CA LEU D 280 7.69 19.82 18.05
C LEU D 280 8.39 20.89 17.20
N PHE D 281 8.54 22.09 17.76
CA PHE D 281 9.19 23.21 17.09
C PHE D 281 10.30 23.78 17.96
N PRO D 282 11.43 23.06 18.05
CA PRO D 282 12.50 23.42 19.00
C PRO D 282 13.14 24.77 18.73
N ASN D 283 13.01 25.26 17.50
CA ASN D 283 13.70 26.48 17.12
C ASN D 283 12.77 27.68 16.93
N ALA D 284 11.48 27.49 17.21
CA ALA D 284 10.52 28.58 17.10
C ALA D 284 10.59 29.56 18.27
N ASP D 285 10.30 30.82 17.98
CA ASP D 285 10.11 31.85 19.01
C ASP D 285 9.11 31.36 20.06
N SER D 286 9.49 31.46 21.33
CA SER D 286 8.67 30.92 22.42
C SER D 286 7.33 31.66 22.54
N LYS D 287 7.30 32.94 22.17
CA LYS D 287 6.06 33.71 22.20
C LYS D 287 5.12 33.25 21.10
N ALA D 288 5.69 32.83 19.97
CA ALA D 288 4.88 32.29 18.88
C ALA D 288 4.23 30.97 19.31
N LEU D 289 4.97 30.18 20.07
CA LEU D 289 4.49 28.87 20.52
C LEU D 289 3.43 29.00 21.59
N ASP D 290 3.56 30.02 22.45
CA ASP D 290 2.55 30.26 23.48
C ASP D 290 1.20 30.63 22.82
N LEU D 291 1.26 31.47 21.79
CA LEU D 291 0.02 31.85 21.09
C LEU D 291 -0.52 30.67 20.27
N LEU D 292 0.37 29.94 19.61
CA LEU D 292 0.00 28.72 18.90
C LEU D 292 -0.79 27.77 19.79
N ASP D 293 -0.31 27.59 21.01
CA ASP D 293 -0.93 26.74 22.02
C ASP D 293 -2.38 27.18 22.27
N LYS D 294 -2.58 28.48 22.29
CA LYS D 294 -3.88 29.05 22.64
C LYS D 294 -4.84 29.01 21.47
N MET D 295 -4.29 29.01 20.26
CA MET D 295 -5.09 28.90 19.06
C MET D 295 -5.47 27.45 18.81
N LEU D 296 -4.57 26.54 19.16
CA LEU D 296 -4.79 25.12 18.90
C LEU D 296 -5.22 24.39 20.16
N THR D 297 -6.21 24.94 20.87
CA THR D 297 -6.81 24.22 22.00
C THR D 297 -8.00 23.40 21.49
N PHE D 298 -8.11 22.16 22.00
CA PHE D 298 -9.12 21.22 21.56
C PHE D 298 -10.52 21.77 21.81
N ASN D 299 -10.73 22.28 23.01
CA ASN D 299 -12.03 22.81 23.45
C ASN D 299 -12.28 24.19 22.83
N PRO D 300 -13.28 24.27 21.93
CA PRO D 300 -13.57 25.52 21.21
C PRO D 300 -13.85 26.71 22.14
N HIS D 301 -14.43 26.44 23.31
CA HIS D 301 -14.81 27.49 24.24
C HIS D 301 -13.58 28.11 24.89
N LYS D 302 -12.50 27.35 24.96
CA LYS D 302 -11.29 27.82 25.61
C LYS D 302 -10.31 28.39 24.58
N ARG D 303 -10.64 28.22 23.30
CA ARG D 303 -9.77 28.69 22.24
C ARG D 303 -9.74 30.23 22.28
N ILE D 304 -8.54 30.79 22.07
CA ILE D 304 -8.35 32.23 22.12
C ILE D 304 -9.17 32.90 21.02
N GLU D 305 -9.73 34.07 21.31
CA GLU D 305 -10.55 34.80 20.34
C GLU D 305 -9.71 35.83 19.58
N VAL D 306 -10.21 36.35 18.47
CA VAL D 306 -9.32 37.06 17.55
C VAL D 306 -8.73 38.36 18.13
N GLU D 307 -9.54 39.06 18.93
N GLU D 307 -9.48 39.14 18.91
CA GLU D 307 -9.11 40.30 19.53
CA GLU D 307 -8.85 40.36 19.44
C GLU D 307 -8.04 40.03 20.59
C GLU D 307 -7.92 40.02 20.61
N GLN D 308 -8.19 38.92 21.29
CA GLN D 308 -7.25 38.46 22.31
C GLN D 308 -5.95 38.04 21.62
N ALA D 309 -6.09 37.33 20.50
CA ALA D 309 -4.92 36.88 19.73
C ALA D 309 -4.07 38.06 19.29
N LEU D 310 -4.72 39.10 18.79
CA LEU D 310 -4.04 40.30 18.34
C LEU D 310 -3.28 41.00 19.46
N ALA D 311 -3.78 40.90 20.69
CA ALA D 311 -3.17 41.56 21.84
C ALA D 311 -2.10 40.70 22.51
N HIS D 312 -1.89 39.50 22.00
CA HIS D 312 -0.89 38.59 22.55
C HIS D 312 0.53 39.17 22.37
N PRO D 313 1.41 38.96 23.36
CA PRO D 313 2.78 39.52 23.30
C PRO D 313 3.55 39.20 22.02
N TYR D 314 3.28 38.07 21.38
CA TYR D 314 3.99 37.72 20.15
C TYR D 314 3.81 38.78 19.07
N LEU D 315 2.64 39.43 19.06
CA LEU D 315 2.30 40.42 18.05
C LEU D 315 2.51 41.87 18.48
N GLU D 316 3.15 42.05 19.63
CA GLU D 316 3.27 43.36 20.26
C GLU D 316 3.80 44.46 19.34
N GLN D 317 4.70 44.12 18.43
CA GLN D 317 5.29 45.15 17.57
C GLN D 317 4.28 45.73 16.59
N TYR D 318 3.22 44.97 16.28
CA TYR D 318 2.24 45.43 15.29
C TYR D 318 0.88 45.79 15.89
N TYR D 319 0.64 45.35 17.11
CA TYR D 319 -0.66 45.54 17.73
C TYR D 319 -1.03 47.02 17.86
N ASP D 320 -2.15 47.41 17.25
CA ASP D 320 -2.65 48.78 17.38
C ASP D 320 -4.17 48.79 17.16
N PRO D 321 -4.95 48.66 18.25
CA PRO D 321 -6.43 48.62 18.18
C PRO D 321 -7.02 49.84 17.48
N SER D 322 -6.30 50.96 17.46
CA SER D 322 -6.80 52.16 16.79
C SER D 322 -6.71 52.03 15.28
N ASP D 323 -5.95 51.05 14.80
CA ASP D 323 -5.82 50.80 13.36
C ASP D 323 -6.10 49.33 13.04
N GLU D 324 -7.10 48.77 13.72
CA GLU D 324 -7.57 47.43 13.40
C GLU D 324 -9.08 47.48 13.24
N PRO D 325 -9.53 48.04 12.11
CA PRO D 325 -10.93 48.43 11.95
C PRO D 325 -11.87 47.24 11.87
N ILE D 326 -13.13 47.52 12.18
CA ILE D 326 -14.19 46.53 12.21
C ILE D 326 -15.29 46.94 11.25
N ALA D 327 -16.15 45.99 10.86
CA ALA D 327 -17.33 46.25 10.03
C ALA D 327 -18.28 47.20 10.73
N GLU D 328 -18.99 48.00 9.95
CA GLU D 328 -19.96 48.95 10.52
C GLU D 328 -21.16 48.22 11.10
N ALA D 329 -21.47 47.05 10.53
CA ALA D 329 -22.68 46.34 10.93
C ALA D 329 -22.55 44.86 10.60
N PRO D 330 -23.34 44.01 11.27
CA PRO D 330 -23.34 42.60 10.91
C PRO D 330 -23.70 42.41 9.44
N PHE D 331 -23.08 41.47 8.76
CA PHE D 331 -23.49 41.13 7.40
C PHE D 331 -24.74 40.23 7.41
N LYS D 332 -25.64 40.42 6.45
CA LYS D 332 -26.80 39.56 6.28
C LYS D 332 -27.07 39.37 4.81
N PHE D 333 -27.26 38.13 4.38
CA PHE D 333 -27.84 37.87 3.07
C PHE D 333 -29.30 38.32 3.10
N ASP D 334 -29.92 38.45 1.92
CA ASP D 334 -31.31 38.86 1.81
C ASP D 334 -32.22 37.87 2.54
N MET D 335 -31.82 36.60 2.49
CA MET D 335 -32.47 35.52 3.24
C MET D 335 -31.50 34.34 3.32
N GLU D 336 -31.76 33.38 4.19
CA GLU D 336 -30.93 32.17 4.28
C GLU D 336 -30.86 31.49 2.91
N LEU D 337 -29.67 31.03 2.52
CA LEU D 337 -29.46 30.47 1.18
C LEU D 337 -29.65 28.97 1.07
N ASP D 338 -29.63 28.29 2.21
CA ASP D 338 -29.42 26.84 2.24
C ASP D 338 -30.45 26.04 1.48
N ASP D 339 -31.71 26.47 1.55
CA ASP D 339 -32.81 25.73 0.92
C ASP D 339 -33.27 26.33 -0.40
N LEU D 340 -32.57 27.34 -0.88
CA LEU D 340 -32.94 27.98 -2.13
C LEU D 340 -32.51 27.12 -3.31
N PRO D 341 -33.45 26.75 -4.19
CA PRO D 341 -33.06 25.98 -5.38
C PRO D 341 -32.05 26.73 -6.24
N LYS D 342 -31.27 26.00 -7.03
CA LYS D 342 -30.20 26.59 -7.81
C LYS D 342 -30.74 27.62 -8.79
N GLU D 343 -31.97 27.41 -9.24
CA GLU D 343 -32.59 28.34 -10.18
C GLU D 343 -32.79 29.71 -9.54
N LYS D 344 -33.20 29.73 -8.28
CA LYS D 344 -33.40 30.99 -7.57
C LYS D 344 -32.04 31.63 -7.31
N LEU D 345 -31.07 30.82 -6.91
CA LEU D 345 -29.75 31.34 -6.60
C LEU D 345 -29.14 32.04 -7.83
N LYS D 346 -29.41 31.47 -8.99
CA LYS D 346 -28.97 32.06 -10.25
C LYS D 346 -29.59 33.43 -10.51
N GLU D 347 -30.88 33.57 -10.18
CA GLU D 347 -31.52 34.87 -10.27
C GLU D 347 -30.82 35.86 -9.37
N LEU D 348 -30.47 35.40 -8.17
CA LEU D 348 -29.85 36.29 -7.19
C LEU D 348 -28.44 36.65 -7.67
N ILE D 349 -27.75 35.72 -8.29
CA ILE D 349 -26.40 35.99 -8.77
C ILE D 349 -26.49 36.98 -9.96
N PHE D 350 -27.51 36.80 -10.78
CA PHE D 350 -27.75 37.71 -11.91
C PHE D 350 -27.98 39.13 -11.41
N GLU D 351 -28.81 39.24 -10.38
CA GLU D 351 -29.16 40.55 -9.83
C GLU D 351 -27.98 41.21 -9.12
N GLU D 352 -27.20 40.43 -8.39
CA GLU D 352 -26.04 40.95 -7.67
C GLU D 352 -24.95 41.43 -8.62
N THR D 353 -24.95 40.90 -9.83
CA THR D 353 -23.92 41.24 -10.79
C THR D 353 -24.38 42.27 -11.82
N ALA D 354 -25.65 42.69 -11.71
CA ALA D 354 -26.21 43.63 -12.67
C ALA D 354 -25.45 44.96 -12.70
N ARG D 355 -25.00 45.41 -11.54
CA ARG D 355 -24.37 46.73 -11.43
C ARG D 355 -23.13 46.88 -12.30
N PHE D 356 -22.50 45.77 -12.70
CA PHE D 356 -21.29 45.84 -13.51
C PHE D 356 -21.56 45.76 -15.01
N GLN D 357 -22.83 45.67 -15.40
CA GLN D 357 -23.18 45.59 -16.82
C GLN D 357 -23.14 46.96 -17.49
N PRO D 358 -22.70 46.99 -18.76
CA PRO D 358 -22.75 48.24 -19.54
C PRO D 358 -24.17 48.78 -19.66
N GLY D 359 -24.33 50.07 -19.38
CA GLY D 359 -25.62 50.72 -19.45
C GLY D 359 -26.34 50.74 -18.12
N TYR D 360 -25.81 50.02 -17.14
CA TYR D 360 -26.47 49.94 -15.84
C TYR D 360 -26.64 51.31 -15.19
N ARG D 361 -27.84 51.56 -14.69
CA ARG D 361 -28.12 52.75 -13.88
C ARG D 361 -28.71 52.28 -12.55
N SER D 362 -28.40 52.99 -11.48
CA SER D 362 -28.87 52.59 -10.16
C SER D 362 -30.10 53.39 -9.71
PG ANP E . 12.42 -24.29 9.29
O1G ANP E . 13.46 -23.45 10.19
O2G ANP E . 12.16 -23.57 7.94
O3G ANP E . 11.14 -24.57 10.05
PB ANP E . 12.70 -27.20 8.47
O1B ANP E . 11.74 -26.77 7.29
O2B ANP E . 13.87 -28.21 8.13
N3B ANP E . 13.31 -25.66 9.06
PA ANP E . 11.57 -27.87 11.03
O1A ANP E . 11.68 -26.50 11.69
O2A ANP E . 12.52 -28.85 11.60
O3A ANP E . 11.59 -27.78 9.45
O5' ANP E . 10.12 -28.47 11.34
C5' ANP E . 8.96 -27.80 10.87
C4' ANP E . 7.75 -27.83 11.72
O4' ANP E . 7.37 -29.17 11.91
C3' ANP E . 8.07 -27.34 13.10
O3' ANP E . 8.00 -25.95 13.28
C2' ANP E . 7.18 -28.07 13.94
O2' ANP E . 5.90 -27.55 13.96
C1' ANP E . 7.11 -29.39 13.30
N9 ANP E . 7.96 -30.45 13.89
C8 ANP E . 9.28 -30.68 13.61
N7 ANP E . 9.70 -31.73 14.34
C5 ANP E . 8.65 -32.18 15.08
C6 ANP E . 8.49 -33.22 16.03
N6 ANP E . 9.62 -34.06 16.33
N1 ANP E . 7.31 -33.44 16.62
C2 ANP E . 6.27 -32.63 16.31
N3 ANP E . 6.37 -31.62 15.43
C4 ANP E . 7.55 -31.37 14.81
S SO4 F . 16.68 -6.87 3.72
O1 SO4 F . 16.56 -6.48 2.32
O2 SO4 F . 17.44 -5.89 4.48
O3 SO4 F . 17.31 -8.20 3.79
O4 SO4 F . 15.37 -6.93 4.34
S SO4 G . 24.29 -24.81 -5.50
O1 SO4 G . 23.68 -24.17 -4.34
O2 SO4 G . 25.50 -24.08 -5.88
O3 SO4 G . 24.65 -26.18 -5.20
O4 SO4 G . 23.36 -24.81 -6.63
NA NA H . 30.64 -25.31 11.28
PG ANP I . -10.70 26.83 -3.58
O1G ANP I . -9.29 27.27 -3.94
O2G ANP I . -11.04 25.40 -4.10
O3G ANP I . -10.90 26.94 -1.99
PB ANP I . -11.88 28.56 -5.75
O1B ANP I . -13.23 29.34 -6.09
O2B ANP I . -11.56 27.30 -6.63
N3B ANP I . -11.82 27.90 -4.13
PA ANP I . -9.72 30.43 -5.19
O1A ANP I . -10.48 31.71 -5.07
O2A ANP I . -9.31 29.91 -3.82
O3A ANP I . -10.53 29.36 -6.06
O5' ANP I . -8.42 30.78 -6.02
C5' ANP I . -7.56 29.77 -6.54
C4' ANP I . -6.13 30.11 -6.64
O4' ANP I . -5.99 31.17 -7.52
C3' ANP I . -5.69 30.68 -5.34
O3' ANP I . -5.32 29.74 -4.39
C2' ANP I . -4.67 31.61 -5.68
O2' ANP I . -3.47 30.98 -5.96
C1' ANP I . -5.16 32.17 -6.94
N9 ANP I . -5.84 33.48 -6.83
C8 ANP I . -7.15 33.68 -6.55
N7 ANP I . -7.38 34.99 -6.55
C5 ANP I . -6.23 35.64 -6.82
C6 ANP I . -5.87 36.99 -6.94
N6 ANP I . -6.84 38.04 -6.77
N1 ANP I . -4.60 37.31 -7.24
C2 ANP I . -3.68 36.37 -7.42
N3 ANP I . -3.98 35.06 -7.30
C4 ANP I . -5.24 34.68 -7.00
S SO4 J . -13.78 10.94 5.99
O1 SO4 J . -12.36 11.08 5.69
O2 SO4 J . -14.50 12.09 5.46
O3 SO4 J . -14.31 9.73 5.37
O4 SO4 J . -13.89 10.86 7.44
NA NA K . -25.36 32.31 5.98
#